data_7U6M
#
_entry.id   7U6M
#
_cell.length_a   80.150
_cell.length_b   130.410
_cell.length_c   155.100
_cell.angle_alpha   90.000
_cell.angle_beta   90.000
_cell.angle_gamma   90.000
#
_symmetry.space_group_name_H-M   'P 21 21 21'
#
loop_
_entity.id
_entity.type
_entity.pdbx_description
1 polymer L-asparaginase
2 non-polymer 'ASPARTIC ACID'
3 water water
#
_entity_poly.entity_id   1
_entity_poly.type   'polypeptide(L)'
_entity_poly.pdbx_seq_one_letter_code
;HMRLIEDICLPRWGCLWEDDDKLPNIVILATGGTIAGSAATGTQTTGYKIGALGVDTLINAVPEVKKLANVKGEQFSNMA
SQNMTGDVVLKLSQRVNELLARDDVDGVVITHGTDTVEESAYFLHLTVKSDKPVVFVAAMRPATAISADGPMNLLEAVRV
AGDKQSRGRGVMVVLNDRIGSARYITKTNASTLDTFKANEEGYLGVIIGNRIYYQNRIDKLHTTRSVFDVRGLTSLPKVD
ILYGYQDDPEYLYDAAIQHGVKGIVYAGMGAGQVSVRGIAGMRKAMEKGVVVIRSTRTGNGIVPPDEELPGLVSDSLNPA
HARILLMLALTRTSDPKVIQEYFHTY
;
_entity_poly.pdbx_strand_id   A,B,C,D
#
# COMPACT_ATOMS: atom_id res chain seq x y z
N ASP A 20 27.65 -23.64 -23.95
CA ASP A 20 27.84 -23.91 -22.50
C ASP A 20 26.75 -24.87 -22.02
N ASP A 21 27.09 -26.16 -21.93
CA ASP A 21 26.20 -27.30 -21.60
C ASP A 21 25.65 -27.19 -20.17
N LYS A 22 26.28 -26.41 -19.29
CA LYS A 22 25.83 -26.18 -17.89
C LYS A 22 24.54 -25.32 -17.91
N LEU A 23 24.41 -24.41 -18.88
CA LEU A 23 23.42 -23.28 -18.82
C LEU A 23 22.10 -23.67 -19.45
N PRO A 24 20.97 -23.15 -18.94
CA PRO A 24 19.68 -23.37 -19.58
C PRO A 24 19.60 -22.62 -20.91
N ASN A 25 18.79 -23.18 -21.83
CA ASN A 25 18.51 -22.59 -23.15
C ASN A 25 17.21 -21.79 -23.04
N ILE A 26 17.33 -20.49 -23.19
CA ILE A 26 16.19 -19.55 -23.05
C ILE A 26 16.01 -18.83 -24.37
N VAL A 27 14.79 -18.86 -24.89
CA VAL A 27 14.41 -18.03 -26.04
C VAL A 27 13.86 -16.71 -25.51
N ILE A 28 14.36 -15.60 -26.02
CA ILE A 28 13.81 -14.25 -25.78
C ILE A 28 12.97 -13.91 -26.99
N LEU A 29 11.66 -14.00 -26.80
CA LEU A 29 10.66 -13.78 -27.86
C LEU A 29 10.16 -12.34 -27.73
N ALA A 30 10.57 -11.49 -28.65
CA ALA A 30 10.30 -10.03 -28.57
C ALA A 30 9.01 -9.64 -29.26
N THR A 31 8.19 -8.79 -28.61
CA THR A 31 6.91 -8.34 -29.19
C THR A 31 6.89 -6.82 -29.36
N GLY A 32 7.86 -6.10 -28.78
CA GLY A 32 7.91 -4.62 -28.80
C GLY A 32 7.90 -4.03 -27.38
N GLY A 33 7.12 -2.97 -27.21
CA GLY A 33 7.02 -2.24 -25.93
C GLY A 33 8.08 -1.18 -25.76
N THR A 34 7.93 -0.37 -24.70
CA THR A 34 8.89 0.68 -24.31
C THR A 34 10.24 0.04 -24.05
N ILE A 35 10.31 -1.21 -23.58
CA ILE A 35 11.62 -1.88 -23.36
C ILE A 35 12.44 -1.82 -24.68
N ALA A 36 11.77 -1.81 -25.83
CA ALA A 36 12.42 -1.71 -27.17
C ALA A 36 12.15 -0.32 -27.77
N GLY A 37 11.91 0.69 -26.92
CA GLY A 37 11.70 2.07 -27.36
C GLY A 37 13.03 2.84 -27.43
N SER A 38 13.10 3.77 -28.36
CA SER A 38 14.36 4.50 -28.69
C SER A 38 14.06 5.97 -28.90
N ALA A 39 14.76 6.85 -28.21
CA ALA A 39 14.60 8.32 -28.37
C ALA A 39 15.97 8.97 -28.57
N ALA A 40 15.94 10.22 -29.06
CA ALA A 40 17.12 11.04 -29.42
C ALA A 40 17.90 11.46 -28.18
N THR A 41 17.27 11.57 -27.00
CA THR A 41 17.93 12.03 -25.75
C THR A 41 17.54 11.11 -24.59
N GLY A 42 18.33 11.13 -23.51
CA GLY A 42 18.12 10.32 -22.29
C GLY A 42 16.91 10.73 -21.48
N THR A 43 16.35 11.93 -21.70
CA THR A 43 15.25 12.49 -20.88
C THR A 43 13.93 12.46 -21.65
N GLN A 44 13.90 12.02 -22.90
CA GLN A 44 12.64 12.04 -23.72
C GLN A 44 11.70 10.89 -23.31
N THR A 45 10.47 11.24 -22.92
CA THR A 45 9.46 10.34 -22.27
C THR A 45 8.26 10.16 -23.22
N THR A 46 8.20 10.90 -24.33
CA THR A 46 7.07 10.89 -25.30
C THR A 46 7.65 11.05 -26.70
N GLY A 47 6.91 10.55 -27.70
CA GLY A 47 7.36 10.51 -29.11
C GLY A 47 8.70 9.80 -29.27
N TYR A 48 9.18 8.98 -28.28
CA TYR A 48 10.17 7.90 -28.56
C TYR A 48 9.52 6.93 -29.54
N LYS A 49 10.34 6.17 -30.25
CA LYS A 49 9.88 5.24 -31.31
C LYS A 49 9.87 3.81 -30.75
N ILE A 50 8.74 3.08 -30.89
CA ILE A 50 8.75 1.59 -30.83
C ILE A 50 8.60 1.05 -32.25
N GLY A 51 9.37 0.02 -32.58
CA GLY A 51 9.32 -0.68 -33.89
C GLY A 51 10.68 -0.74 -34.56
N ALA A 52 11.68 -0.01 -34.02
CA ALA A 52 13.02 0.15 -34.61
C ALA A 52 14.02 -0.80 -33.93
N LEU A 53 13.82 -1.15 -32.66
CA LEU A 53 14.86 -1.79 -31.81
C LEU A 53 14.64 -3.31 -31.71
N GLY A 54 15.57 -4.10 -32.26
CA GLY A 54 15.40 -5.55 -32.39
C GLY A 54 15.83 -6.28 -31.15
N VAL A 55 15.42 -7.53 -31.04
CA VAL A 55 15.72 -8.36 -29.84
C VAL A 55 17.24 -8.47 -29.62
N ASP A 56 18.04 -8.56 -30.69
CA ASP A 56 19.53 -8.70 -30.53
C ASP A 56 20.12 -7.43 -29.89
N THR A 57 19.58 -6.26 -30.19
CA THR A 57 20.02 -4.99 -29.57
C THR A 57 19.72 -5.00 -28.06
N LEU A 58 18.55 -5.50 -27.66
CA LEU A 58 18.21 -5.67 -26.21
C LEU A 58 19.23 -6.60 -25.57
N ILE A 59 19.47 -7.77 -26.19
CA ILE A 59 20.40 -8.78 -25.63
C ILE A 59 21.80 -8.15 -25.51
N ASN A 60 22.26 -7.43 -26.53
CA ASN A 60 23.66 -6.92 -26.56
C ASN A 60 23.83 -5.78 -25.57
N ALA A 61 22.75 -5.13 -25.14
CA ALA A 61 22.83 -4.07 -24.12
C ALA A 61 23.04 -4.68 -22.73
N VAL A 62 22.75 -5.97 -22.52
CA VAL A 62 22.98 -6.68 -21.23
C VAL A 62 23.67 -8.00 -21.48
N PRO A 63 24.93 -7.97 -21.94
CA PRO A 63 25.66 -9.20 -22.28
C PRO A 63 25.81 -10.15 -21.08
N GLU A 64 25.64 -9.66 -19.86
CA GLU A 64 25.66 -10.50 -18.62
C GLU A 64 24.62 -11.61 -18.74
N VAL A 65 23.57 -11.43 -19.53
CA VAL A 65 22.50 -12.44 -19.70
C VAL A 65 23.12 -13.75 -20.21
N LYS A 66 24.22 -13.65 -20.97
CA LYS A 66 24.90 -14.83 -21.58
C LYS A 66 25.61 -15.67 -20.52
N LYS A 67 25.84 -15.14 -19.31
CA LYS A 67 26.37 -15.92 -18.16
C LYS A 67 25.25 -16.67 -17.45
N LEU A 68 23.98 -16.31 -17.64
CA LEU A 68 22.86 -17.00 -16.94
C LEU A 68 22.24 -18.06 -17.83
N ALA A 69 22.33 -17.89 -19.14
CA ALA A 69 21.63 -18.77 -20.09
C ALA A 69 22.29 -18.72 -21.45
N ASN A 70 22.05 -19.76 -22.24
CA ASN A 70 22.27 -19.68 -23.71
C ASN A 70 21.01 -19.03 -24.26
N VAL A 71 21.10 -17.77 -24.71
CA VAL A 71 19.91 -17.02 -25.15
C VAL A 71 19.88 -17.03 -26.67
N LYS A 72 18.70 -17.22 -27.22
CA LYS A 72 18.38 -17.02 -28.64
C LYS A 72 17.25 -15.99 -28.71
N GLY A 73 17.47 -14.92 -29.45
CA GLY A 73 16.46 -13.89 -29.74
C GLY A 73 15.56 -14.30 -30.88
N GLU A 74 14.27 -14.08 -30.77
CA GLU A 74 13.32 -14.29 -31.90
C GLU A 74 12.41 -13.08 -31.94
N GLN A 75 12.30 -12.45 -33.10
CA GLN A 75 11.44 -11.27 -33.26
C GLN A 75 10.02 -11.73 -33.63
N PHE A 76 9.10 -11.74 -32.67
CA PHE A 76 7.69 -12.12 -32.92
C PHE A 76 6.95 -10.93 -33.53
N SER A 77 7.13 -9.73 -32.97
CA SER A 77 6.49 -8.48 -33.42
C SER A 77 7.32 -7.32 -32.88
N ASN A 78 6.92 -6.10 -33.17
CA ASN A 78 7.65 -4.94 -32.63
C ASN A 78 6.65 -3.80 -32.52
N MET A 79 5.65 -3.98 -31.66
CA MET A 79 4.57 -2.98 -31.53
C MET A 79 4.47 -2.45 -30.09
N ALA A 80 3.87 -1.29 -29.95
CA ALA A 80 3.43 -0.73 -28.65
C ALA A 80 2.23 -1.60 -28.21
N SER A 81 2.21 -2.05 -26.95
CA SER A 81 1.22 -3.05 -26.50
C SER A 81 -0.19 -2.47 -26.45
N GLN A 82 -0.38 -1.16 -26.53
CA GLN A 82 -1.76 -0.62 -26.64
C GLN A 82 -2.37 -1.08 -27.97
N ASN A 83 -1.51 -1.51 -28.91
CA ASN A 83 -1.98 -2.03 -30.22
C ASN A 83 -2.02 -3.55 -30.27
N MET A 84 -1.68 -4.24 -29.19
CA MET A 84 -1.78 -5.72 -29.17
C MET A 84 -3.25 -6.13 -29.28
N THR A 85 -3.53 -7.14 -30.09
CA THR A 85 -4.89 -7.64 -30.38
C THR A 85 -4.97 -9.12 -30.06
N GLY A 86 -6.17 -9.62 -29.78
CA GLY A 86 -6.44 -11.04 -29.46
C GLY A 86 -5.91 -11.98 -30.54
N ASP A 87 -6.04 -11.60 -31.81
CA ASP A 87 -5.54 -12.45 -32.93
C ASP A 87 -4.03 -12.64 -32.78
N VAL A 88 -3.31 -11.58 -32.43
CA VAL A 88 -1.84 -11.64 -32.27
C VAL A 88 -1.50 -12.38 -30.96
N VAL A 89 -2.23 -12.12 -29.88
CA VAL A 89 -1.98 -12.87 -28.60
C VAL A 89 -2.19 -14.36 -28.82
N LEU A 90 -3.23 -14.72 -29.56
CA LEU A 90 -3.46 -16.13 -29.90
C LEU A 90 -2.22 -16.72 -30.60
N LYS A 91 -1.68 -16.01 -31.58
CA LYS A 91 -0.46 -16.49 -32.30
C LYS A 91 0.72 -16.55 -31.34
N LEU A 92 0.83 -15.60 -30.41
CA LEU A 92 1.91 -15.60 -29.39
C LEU A 92 1.81 -16.86 -28.54
N SER A 93 0.62 -17.21 -28.02
CA SER A 93 0.38 -18.43 -27.26
C SER A 93 0.81 -19.66 -28.07
N GLN A 94 0.42 -19.69 -29.34
CA GLN A 94 0.73 -20.84 -30.24
C GLN A 94 2.23 -20.96 -30.43
N ARG A 95 2.92 -19.85 -30.65
CA ARG A 95 4.38 -19.86 -30.85
C ARG A 95 5.07 -20.31 -29.58
N VAL A 96 4.64 -19.80 -28.42
CA VAL A 96 5.26 -20.23 -27.13
C VAL A 96 5.05 -21.74 -26.91
N ASN A 97 3.87 -22.24 -27.19
CA ASN A 97 3.60 -23.69 -27.05
C ASN A 97 4.55 -24.48 -27.99
N GLU A 98 4.79 -24.00 -29.19
CA GLU A 98 5.69 -24.66 -30.17
C GLU A 98 7.12 -24.66 -29.62
N LEU A 99 7.55 -23.53 -29.06
CA LEU A 99 8.92 -23.44 -28.48
C LEU A 99 9.06 -24.37 -27.30
N LEU A 100 8.11 -24.38 -26.37
CA LEU A 100 8.24 -25.15 -25.12
C LEU A 100 8.11 -26.65 -25.40
N ALA A 101 7.53 -27.03 -26.52
CA ALA A 101 7.44 -28.47 -26.91
C ALA A 101 8.82 -29.00 -27.30
N ARG A 102 9.77 -28.13 -27.61
CA ARG A 102 11.13 -28.52 -28.04
C ARG A 102 11.99 -28.89 -26.83
N ASP A 103 12.78 -29.96 -26.95
CA ASP A 103 13.73 -30.39 -25.90
C ASP A 103 14.85 -29.37 -25.76
N ASP A 104 15.20 -28.60 -26.79
CA ASP A 104 16.34 -27.66 -26.72
C ASP A 104 15.88 -26.28 -26.18
N VAL A 105 14.66 -26.17 -25.65
CA VAL A 105 14.18 -24.90 -25.02
C VAL A 105 13.80 -25.22 -23.56
N ASP A 106 14.42 -24.52 -22.61
CA ASP A 106 14.12 -24.75 -21.17
C ASP A 106 13.10 -23.72 -20.65
N GLY A 107 12.95 -22.61 -21.35
CA GLY A 107 12.06 -21.51 -20.91
C GLY A 107 12.04 -20.39 -21.91
N VAL A 108 11.06 -19.50 -21.78
CA VAL A 108 10.88 -18.37 -22.72
C VAL A 108 10.70 -17.09 -21.90
N VAL A 109 11.41 -16.07 -22.33
CA VAL A 109 11.22 -14.68 -21.85
C VAL A 109 10.52 -13.95 -22.97
N ILE A 110 9.43 -13.25 -22.67
CA ILE A 110 8.70 -12.47 -23.71
C ILE A 110 8.81 -10.99 -23.37
N THR A 111 9.46 -10.23 -24.22
CA THR A 111 9.55 -8.75 -24.06
C THR A 111 8.25 -8.15 -24.61
N HIS A 112 7.66 -7.20 -23.90
CA HIS A 112 6.29 -6.73 -24.19
C HIS A 112 6.13 -5.33 -23.61
N GLY A 113 5.21 -4.58 -24.16
CA GLY A 113 4.81 -3.29 -23.59
C GLY A 113 4.14 -3.49 -22.24
N THR A 114 4.28 -2.50 -21.35
CA THR A 114 3.67 -2.58 -20.02
C THR A 114 2.15 -2.42 -20.10
N ASP A 115 1.64 -1.67 -21.09
CA ASP A 115 0.25 -1.21 -21.07
C ASP A 115 -0.71 -2.40 -21.04
N THR A 116 -0.46 -3.46 -21.81
CA THR A 116 -1.40 -4.61 -21.87
C THR A 116 -0.68 -5.93 -21.61
N VAL A 117 0.49 -5.91 -20.99
CA VAL A 117 1.18 -7.17 -20.60
C VAL A 117 0.29 -8.03 -19.70
N GLU A 118 -0.52 -7.44 -18.81
CA GLU A 118 -1.33 -8.28 -17.91
C GLU A 118 -2.38 -9.07 -18.73
N GLU A 119 -2.84 -8.55 -19.86
CA GLU A 119 -3.84 -9.24 -20.73
C GLU A 119 -3.11 -10.36 -21.49
N SER A 120 -2.02 -10.04 -22.18
CA SER A 120 -1.23 -11.09 -22.88
C SER A 120 -0.76 -12.16 -21.90
N ALA A 121 -0.21 -11.78 -20.75
CA ALA A 121 0.35 -12.76 -19.81
C ALA A 121 -0.75 -13.66 -19.28
N TYR A 122 -1.91 -13.10 -18.92
CA TYR A 122 -2.97 -13.95 -18.36
C TYR A 122 -3.50 -14.93 -19.45
N PHE A 123 -3.58 -14.47 -20.69
CA PHE A 123 -4.00 -15.35 -21.82
C PHE A 123 -3.05 -16.56 -21.90
N LEU A 124 -1.75 -16.31 -21.91
CA LEU A 124 -0.77 -17.43 -21.95
C LEU A 124 -0.83 -18.26 -20.68
N HIS A 125 -1.07 -17.64 -19.53
CA HIS A 125 -1.22 -18.35 -18.25
C HIS A 125 -2.29 -19.44 -18.39
N LEU A 126 -3.33 -19.17 -19.15
CA LEU A 126 -4.46 -20.13 -19.26
C LEU A 126 -4.26 -21.14 -20.40
N THR A 127 -3.34 -20.90 -21.29
CA THR A 127 -3.29 -21.62 -22.59
C THR A 127 -1.94 -22.27 -22.86
N VAL A 128 -0.91 -21.96 -22.07
CA VAL A 128 0.41 -22.62 -22.30
C VAL A 128 0.41 -24.02 -21.66
N LYS A 129 0.67 -25.04 -22.47
CA LYS A 129 0.53 -26.45 -22.01
C LYS A 129 1.89 -27.01 -21.63
N SER A 130 2.60 -26.33 -20.74
CA SER A 130 3.97 -26.70 -20.30
C SER A 130 4.17 -26.16 -18.87
N ASP A 131 5.00 -26.83 -18.08
CA ASP A 131 5.48 -26.34 -16.76
C ASP A 131 6.78 -25.57 -16.92
N LYS A 132 7.36 -25.51 -18.12
CA LYS A 132 8.58 -24.73 -18.35
C LYS A 132 8.26 -23.26 -18.17
N PRO A 133 9.18 -22.46 -17.60
CA PRO A 133 8.83 -21.07 -17.27
C PRO A 133 8.58 -20.22 -18.52
N VAL A 134 7.54 -19.40 -18.41
CA VAL A 134 7.21 -18.33 -19.37
C VAL A 134 7.17 -17.02 -18.57
N VAL A 135 8.10 -16.16 -18.88
CA VAL A 135 8.33 -14.93 -18.10
C VAL A 135 8.15 -13.75 -19.04
N PHE A 136 7.08 -12.99 -18.83
CA PHE A 136 6.96 -11.68 -19.50
C PHE A 136 7.86 -10.65 -18.79
N VAL A 137 8.46 -9.79 -19.57
CA VAL A 137 9.31 -8.67 -19.07
C VAL A 137 8.99 -7.43 -19.88
N ALA A 138 9.15 -6.27 -19.25
CA ALA A 138 8.77 -4.97 -19.81
C ALA A 138 9.62 -3.91 -19.15
N ALA A 139 9.47 -2.67 -19.59
CA ALA A 139 10.21 -1.53 -19.03
C ALA A 139 9.32 -0.32 -19.11
N MET A 140 9.35 0.50 -18.06
CA MET A 140 8.57 1.76 -18.05
C MET A 140 9.33 2.89 -18.72
N ARG A 141 10.64 2.78 -18.83
CA ARG A 141 11.47 3.81 -19.48
C ARG A 141 12.07 3.21 -20.75
N PRO A 142 12.20 4.01 -21.82
CA PRO A 142 12.78 3.53 -23.06
C PRO A 142 14.26 3.10 -22.87
N ALA A 143 14.75 2.29 -23.79
CA ALA A 143 16.10 1.70 -23.73
C ALA A 143 17.15 2.81 -23.70
N THR A 144 16.82 3.97 -24.24
CA THR A 144 17.75 5.12 -24.38
C THR A 144 17.68 6.04 -23.15
N ALA A 145 16.78 5.75 -22.20
CA ALA A 145 16.57 6.66 -21.05
C ALA A 145 17.74 6.60 -20.08
N ILE A 146 17.93 7.70 -19.39
CA ILE A 146 18.77 7.75 -18.18
C ILE A 146 18.11 6.79 -17.17
N SER A 147 18.89 5.93 -16.54
CA SER A 147 18.42 4.95 -15.53
C SER A 147 17.32 4.06 -16.14
N ALA A 148 17.46 3.68 -17.41
CA ALA A 148 16.48 2.77 -18.05
C ALA A 148 16.35 1.51 -17.20
N ASP A 149 15.14 1.00 -17.04
CA ASP A 149 14.87 -0.18 -16.17
C ASP A 149 14.91 -1.48 -16.95
N GLY A 150 14.84 -1.40 -18.28
CA GLY A 150 14.71 -2.60 -19.13
C GLY A 150 15.90 -3.53 -18.99
N PRO A 151 17.15 -3.03 -18.99
CA PRO A 151 18.31 -3.94 -18.85
C PRO A 151 18.28 -4.85 -17.63
N MET A 152 18.06 -4.28 -16.43
CA MET A 152 17.99 -5.09 -15.22
C MET A 152 16.74 -5.97 -15.26
N ASN A 153 15.61 -5.44 -15.74
CA ASN A 153 14.37 -6.25 -15.79
C ASN A 153 14.65 -7.50 -16.66
N LEU A 154 15.31 -7.32 -17.79
CA LEU A 154 15.59 -8.45 -18.72
C LEU A 154 16.52 -9.47 -18.08
N LEU A 155 17.58 -9.01 -17.43
CA LEU A 155 18.53 -9.90 -16.74
C LEU A 155 17.79 -10.71 -15.68
N GLU A 156 16.92 -10.06 -14.90
CA GLU A 156 16.11 -10.75 -13.87
C GLU A 156 15.17 -11.77 -14.52
N ALA A 157 14.54 -11.41 -15.64
CA ALA A 157 13.56 -12.28 -16.32
C ALA A 157 14.30 -13.54 -16.83
N VAL A 158 15.49 -13.34 -17.37
CA VAL A 158 16.31 -14.52 -17.81
C VAL A 158 16.71 -15.39 -16.63
N ARG A 159 17.14 -14.80 -15.51
CA ARG A 159 17.45 -15.57 -14.29
C ARG A 159 16.25 -16.39 -13.87
N VAL A 160 15.07 -15.80 -13.85
CA VAL A 160 13.85 -16.52 -13.42
C VAL A 160 13.54 -17.65 -14.43
N ALA A 161 13.60 -17.36 -15.72
CA ALA A 161 13.18 -18.33 -16.76
C ALA A 161 14.11 -19.54 -16.71
N GLY A 162 15.38 -19.32 -16.37
CA GLY A 162 16.41 -20.37 -16.36
C GLY A 162 16.49 -21.16 -15.08
N ASP A 163 15.80 -20.77 -14.00
CA ASP A 163 15.96 -21.45 -12.69
C ASP A 163 15.03 -22.66 -12.63
N LYS A 164 15.56 -23.83 -12.27
CA LYS A 164 14.77 -25.08 -12.12
C LYS A 164 13.62 -24.84 -11.15
N GLN A 165 13.83 -24.01 -10.13
CA GLN A 165 12.81 -23.74 -9.08
C GLN A 165 11.63 -22.96 -9.67
N SER A 166 11.76 -22.38 -10.86
CA SER A 166 10.71 -21.52 -11.47
C SER A 166 9.64 -22.36 -12.15
N ARG A 167 9.85 -23.67 -12.31
CA ARG A 167 8.91 -24.53 -13.07
C ARG A 167 7.58 -24.66 -12.35
N GLY A 168 6.49 -24.75 -13.11
CA GLY A 168 5.15 -25.09 -12.60
C GLY A 168 4.52 -23.95 -11.79
N ARG A 169 4.99 -22.72 -11.97
CA ARG A 169 4.45 -21.56 -11.18
C ARG A 169 3.39 -20.77 -11.96
N GLY A 170 3.07 -21.15 -13.19
CA GLY A 170 2.19 -20.33 -14.04
C GLY A 170 3.01 -19.26 -14.72
N VAL A 171 2.36 -18.43 -15.52
CA VAL A 171 3.06 -17.39 -16.28
C VAL A 171 3.40 -16.27 -15.30
N MET A 172 4.55 -15.69 -15.49
CA MET A 172 5.13 -14.67 -14.59
C MET A 172 5.39 -13.39 -15.32
N VAL A 173 5.31 -12.27 -14.60
CA VAL A 173 5.65 -10.92 -15.09
C VAL A 173 6.74 -10.38 -14.19
N VAL A 174 7.89 -10.02 -14.76
CA VAL A 174 9.07 -9.61 -13.97
C VAL A 174 9.43 -8.19 -14.35
N LEU A 175 9.35 -7.28 -13.36
CA LEU A 175 9.90 -5.91 -13.44
C LEU A 175 10.37 -5.54 -12.04
N ASN A 176 11.38 -4.67 -11.96
CA ASN A 176 11.65 -3.91 -10.72
C ASN A 176 11.89 -4.90 -9.57
N ASP A 177 12.59 -6.01 -9.81
CA ASP A 177 13.06 -6.99 -8.80
C ASP A 177 11.90 -7.86 -8.30
N ARG A 178 10.74 -7.80 -8.94
CA ARG A 178 9.55 -8.54 -8.46
C ARG A 178 9.08 -9.56 -9.51
N ILE A 179 8.55 -10.68 -9.05
CA ILE A 179 7.96 -11.74 -9.89
C ILE A 179 6.49 -11.80 -9.54
N GLY A 180 5.65 -11.38 -10.48
CA GLY A 180 4.20 -11.42 -10.28
C GLY A 180 3.56 -12.55 -11.03
N SER A 181 2.55 -13.14 -10.45
CA SER A 181 1.67 -14.09 -11.20
C SER A 181 0.85 -13.32 -12.24
N ALA A 182 0.76 -13.84 -13.46
CA ALA A 182 -0.13 -13.31 -14.51
C ALA A 182 -1.57 -13.15 -14.01
N ARG A 183 -2.04 -14.00 -13.10
CA ARG A 183 -3.44 -13.98 -12.65
C ARG A 183 -3.68 -12.77 -11.70
N TYR A 184 -2.68 -12.33 -10.97
CA TYR A 184 -2.86 -11.27 -9.91
C TYR A 184 -2.23 -9.94 -10.27
N ILE A 185 -1.12 -9.97 -10.98
CA ILE A 185 -0.32 -8.74 -11.26
C ILE A 185 -1.11 -7.84 -12.21
N THR A 186 -0.98 -6.53 -12.01
CA THR A 186 -1.65 -5.52 -12.84
C THR A 186 -0.77 -4.28 -12.82
N LYS A 187 -0.90 -3.50 -13.88
CA LYS A 187 -0.24 -2.18 -13.94
C LYS A 187 -1.10 -1.24 -13.09
N THR A 188 -0.60 -0.84 -11.93
CA THR A 188 -1.42 -0.07 -10.94
C THR A 188 -1.21 1.41 -11.12
N ASN A 189 -0.14 1.83 -11.79
CA ASN A 189 0.23 3.25 -11.92
C ASN A 189 0.55 3.53 -13.40
N ALA A 190 0.04 4.64 -13.92
CA ALA A 190 0.24 5.05 -15.32
C ALA A 190 1.73 5.07 -15.66
N SER A 191 2.60 5.51 -14.74
CA SER A 191 3.92 6.08 -15.13
C SER A 191 5.11 5.66 -14.29
N THR A 192 4.97 4.92 -13.18
CA THR A 192 6.10 4.66 -12.27
C THR A 192 6.81 3.32 -12.55
N LEU A 193 8.05 3.19 -12.12
CA LEU A 193 8.83 1.96 -12.35
C LEU A 193 8.22 0.80 -11.55
N ASP A 194 7.63 1.10 -10.38
CA ASP A 194 7.13 0.08 -9.43
C ASP A 194 5.64 -0.19 -9.66
N THR A 195 5.12 0.21 -10.79
CA THR A 195 3.70 0.09 -11.18
C THR A 195 3.11 -1.32 -11.00
N PHE A 196 3.82 -2.39 -11.34
CA PHE A 196 3.27 -3.76 -11.27
C PHE A 196 3.21 -4.23 -9.82
N LYS A 197 2.00 -4.39 -9.31
CA LYS A 197 1.73 -4.85 -7.95
C LYS A 197 0.46 -5.71 -7.94
N ALA A 198 0.38 -6.56 -6.92
CA ALA A 198 -0.83 -7.33 -6.60
C ALA A 198 -1.14 -7.01 -5.14
N ASN A 199 -1.90 -5.97 -4.90
CA ASN A 199 -1.99 -5.40 -3.52
C ASN A 199 -2.43 -6.48 -2.53
N GLU A 200 -3.40 -7.31 -2.88
CA GLU A 200 -3.97 -8.28 -1.94
C GLU A 200 -3.22 -9.62 -2.00
N GLU A 201 -2.59 -9.93 -3.12
CA GLU A 201 -2.02 -11.29 -3.37
C GLU A 201 -0.51 -11.31 -3.32
N GLY A 202 0.13 -10.16 -3.34
CA GLY A 202 1.59 -10.09 -3.29
C GLY A 202 2.25 -10.66 -4.53
N TYR A 203 3.56 -10.77 -4.44
CA TYR A 203 4.41 -11.34 -5.49
C TYR A 203 4.67 -12.82 -5.22
N LEU A 204 4.83 -13.57 -6.29
CA LEU A 204 5.29 -14.97 -6.18
C LEU A 204 6.69 -14.99 -5.61
N GLY A 205 7.50 -14.01 -5.96
CA GLY A 205 8.87 -13.93 -5.45
C GLY A 205 9.49 -12.60 -5.77
N VAL A 206 10.72 -12.46 -5.33
CA VAL A 206 11.55 -11.25 -5.59
C VAL A 206 12.95 -11.71 -5.99
N ILE A 207 13.66 -10.84 -6.67
CA ILE A 207 15.07 -11.09 -7.08
C ILE A 207 15.92 -9.99 -6.45
N ILE A 208 16.71 -10.36 -5.47
CA ILE A 208 17.58 -9.41 -4.74
C ILE A 208 18.99 -9.97 -4.70
N GLY A 209 19.97 -9.14 -5.01
CA GLY A 209 21.37 -9.55 -5.00
C GLY A 209 21.60 -10.77 -5.86
N ASN A 210 20.95 -10.82 -7.04
CA ASN A 210 21.17 -11.91 -8.02
C ASN A 210 20.69 -13.26 -7.48
N ARG A 211 19.77 -13.27 -6.54
CA ARG A 211 19.17 -14.51 -6.00
C ARG A 211 17.65 -14.37 -6.05
N ILE A 212 16.98 -15.44 -6.41
CA ILE A 212 15.51 -15.53 -6.43
C ILE A 212 15.04 -15.99 -5.06
N TYR A 213 14.09 -15.28 -4.51
CA TYR A 213 13.40 -15.63 -3.27
C TYR A 213 11.96 -15.92 -3.62
N TYR A 214 11.57 -17.18 -3.67
CA TYR A 214 10.17 -17.56 -3.92
C TYR A 214 9.41 -17.51 -2.61
N GLN A 215 8.25 -16.86 -2.66
CA GLN A 215 7.42 -16.58 -1.49
C GLN A 215 6.14 -17.39 -1.52
N ASN A 216 5.50 -17.47 -2.68
CA ASN A 216 4.14 -18.00 -2.82
C ASN A 216 4.06 -18.90 -4.04
N ARG A 217 3.14 -19.87 -4.01
CA ARG A 217 2.58 -20.51 -5.21
C ARG A 217 1.12 -20.11 -5.32
N ILE A 218 0.67 -19.72 -6.50
CA ILE A 218 -0.75 -19.30 -6.67
C ILE A 218 -1.64 -20.52 -6.46
N ASP A 219 -2.76 -20.34 -5.78
CA ASP A 219 -3.73 -21.43 -5.49
C ASP A 219 -4.86 -21.38 -6.52
N LYS A 220 -4.50 -21.46 -7.80
CA LYS A 220 -5.46 -21.39 -8.91
C LYS A 220 -4.97 -22.35 -10.00
N LEU A 221 -5.87 -22.75 -10.89
CA LEU A 221 -5.54 -23.58 -12.06
C LEU A 221 -4.88 -22.69 -13.10
N HIS A 222 -3.93 -23.26 -13.81
CA HIS A 222 -3.21 -22.61 -14.92
C HIS A 222 -2.50 -23.68 -15.75
N THR A 223 -1.94 -23.23 -16.87
CA THR A 223 -0.99 -23.95 -17.76
C THR A 223 -1.42 -25.42 -17.91
N THR A 224 -0.66 -26.35 -17.34
CA THR A 224 -0.83 -27.80 -17.58
C THR A 224 -2.09 -28.33 -16.92
N ARG A 225 -2.74 -27.59 -16.03
CA ARG A 225 -4.00 -28.06 -15.39
C ARG A 225 -5.19 -27.27 -15.93
N SER A 226 -5.01 -26.50 -16.99
CA SER A 226 -6.09 -25.66 -17.55
C SER A 226 -6.88 -26.44 -18.63
N VAL A 227 -8.19 -26.26 -18.67
CA VAL A 227 -9.06 -26.84 -19.75
C VAL A 227 -8.91 -26.05 -21.05
N PHE A 228 -8.33 -24.87 -21.02
CA PHE A 228 -8.28 -23.97 -22.19
C PHE A 228 -7.10 -24.38 -23.04
N ASP A 229 -7.36 -24.63 -24.30
CA ASP A 229 -6.32 -24.97 -25.30
C ASP A 229 -6.73 -24.28 -26.58
N VAL A 230 -5.87 -23.45 -27.13
CA VAL A 230 -6.20 -22.61 -28.29
C VAL A 230 -5.26 -22.93 -29.44
N ARG A 231 -4.50 -24.02 -29.35
CA ARG A 231 -3.44 -24.29 -30.38
C ARG A 231 -4.10 -24.36 -31.78
N GLY A 232 -5.34 -24.79 -31.88
CA GLY A 232 -6.00 -24.97 -33.18
C GLY A 232 -6.92 -23.82 -33.55
N LEU A 233 -7.10 -22.83 -32.67
CA LEU A 233 -8.05 -21.73 -32.93
C LEU A 233 -7.39 -20.69 -33.82
N THR A 234 -8.19 -20.01 -34.62
CA THR A 234 -7.70 -18.90 -35.48
C THR A 234 -8.40 -17.60 -35.10
N SER A 235 -9.38 -17.65 -34.22
CA SER A 235 -10.03 -16.41 -33.72
C SER A 235 -10.76 -16.75 -32.42
N LEU A 236 -11.15 -15.71 -31.70
CA LEU A 236 -11.70 -15.81 -30.33
C LEU A 236 -13.01 -15.05 -30.31
N PRO A 237 -13.92 -15.39 -29.39
CA PRO A 237 -15.20 -14.68 -29.27
C PRO A 237 -14.96 -13.21 -28.90
N LYS A 238 -15.87 -12.36 -29.36
CA LYS A 238 -15.82 -10.89 -29.14
C LYS A 238 -16.33 -10.58 -27.73
N VAL A 239 -15.53 -9.85 -26.97
CA VAL A 239 -15.90 -9.41 -25.59
C VAL A 239 -15.51 -7.95 -25.45
N ASP A 240 -16.47 -7.11 -25.09
CA ASP A 240 -16.20 -5.68 -24.79
C ASP A 240 -16.30 -5.42 -23.28
N ILE A 241 -15.70 -4.31 -22.87
CA ILE A 241 -15.67 -3.87 -21.45
C ILE A 241 -16.39 -2.53 -21.40
N LEU A 242 -17.42 -2.42 -20.56
CA LEU A 242 -18.15 -1.16 -20.29
C LEU A 242 -17.90 -0.74 -18.85
N TYR A 243 -17.76 0.55 -18.64
CA TYR A 243 -17.45 1.16 -17.32
C TYR A 243 -18.74 1.45 -16.59
N GLY A 244 -18.67 1.37 -15.26
CA GLY A 244 -19.76 1.77 -14.36
C GLY A 244 -19.43 3.10 -13.70
N TYR A 245 -20.38 4.01 -13.69
CA TYR A 245 -20.18 5.36 -13.15
C TYR A 245 -21.54 6.05 -13.05
N GLN A 246 -21.61 7.12 -12.28
CA GLN A 246 -22.85 7.93 -12.20
C GLN A 246 -23.32 8.29 -13.63
N ASP A 247 -24.59 8.09 -13.94
CA ASP A 247 -25.21 8.46 -15.24
C ASP A 247 -24.72 7.56 -16.40
N ASP A 248 -24.20 6.38 -16.10
CA ASP A 248 -23.72 5.45 -17.14
C ASP A 248 -24.90 5.14 -18.08
N PRO A 249 -24.67 5.19 -19.40
CA PRO A 249 -25.77 5.07 -20.37
C PRO A 249 -26.11 3.64 -20.82
N GLU A 250 -27.41 3.39 -20.96
CA GLU A 250 -27.92 2.12 -21.54
C GLU A 250 -27.45 1.95 -22.98
N TYR A 251 -27.23 3.03 -23.71
CA TYR A 251 -27.04 2.94 -25.19
C TYR A 251 -25.72 2.21 -25.45
N LEU A 252 -24.75 2.23 -24.52
CA LEU A 252 -23.49 1.51 -24.84
C LEU A 252 -23.71 -0.01 -24.81
N TYR A 253 -24.66 -0.52 -24.03
CA TYR A 253 -25.04 -1.94 -24.05
C TYR A 253 -25.68 -2.24 -25.42
N ASP A 254 -26.59 -1.38 -25.86
CA ASP A 254 -27.28 -1.55 -27.16
C ASP A 254 -26.24 -1.62 -28.27
N ALA A 255 -25.24 -0.72 -28.24
CA ALA A 255 -24.20 -0.67 -29.29
C ALA A 255 -23.41 -1.98 -29.28
N ALA A 256 -23.02 -2.48 -28.09
CA ALA A 256 -22.25 -3.74 -28.00
C ALA A 256 -23.09 -4.89 -28.58
N ILE A 257 -24.37 -4.97 -28.20
CA ILE A 257 -25.29 -6.03 -28.69
C ILE A 257 -25.38 -5.94 -30.22
N GLN A 258 -25.59 -4.76 -30.77
CA GLN A 258 -25.74 -4.56 -32.23
C GLN A 258 -24.45 -4.96 -32.94
N HIS A 259 -23.29 -4.90 -32.30
CA HIS A 259 -22.01 -5.27 -32.96
C HIS A 259 -21.63 -6.73 -32.69
N GLY A 260 -22.53 -7.53 -32.14
CA GLY A 260 -22.36 -9.00 -32.08
C GLY A 260 -21.40 -9.44 -30.98
N VAL A 261 -21.27 -8.69 -29.87
CA VAL A 261 -20.43 -9.20 -28.75
C VAL A 261 -21.02 -10.52 -28.28
N LYS A 262 -20.17 -11.46 -27.84
CA LYS A 262 -20.62 -12.66 -27.14
C LYS A 262 -20.53 -12.49 -25.63
N GLY A 263 -19.72 -11.53 -25.19
CA GLY A 263 -19.59 -11.24 -23.75
C GLY A 263 -19.43 -9.76 -23.49
N ILE A 264 -19.88 -9.33 -22.32
CA ILE A 264 -19.61 -7.98 -21.80
C ILE A 264 -19.03 -8.15 -20.40
N VAL A 265 -17.85 -7.58 -20.20
CA VAL A 265 -17.28 -7.39 -18.85
C VAL A 265 -17.64 -5.98 -18.41
N TYR A 266 -18.20 -5.89 -17.22
CA TYR A 266 -18.65 -4.62 -16.62
C TYR A 266 -17.65 -4.21 -15.53
N ALA A 267 -16.99 -3.07 -15.73
CA ALA A 267 -16.03 -2.50 -14.77
C ALA A 267 -16.86 -1.73 -13.75
N GLY A 268 -17.46 -2.45 -12.83
CA GLY A 268 -18.58 -1.93 -12.03
C GLY A 268 -18.18 -0.96 -10.92
N MET A 269 -19.17 -0.20 -10.49
CA MET A 269 -19.09 0.65 -9.29
C MET A 269 -18.98 -0.28 -8.09
N GLY A 270 -17.98 -0.10 -7.25
CA GLY A 270 -17.84 -0.94 -6.06
C GLY A 270 -17.79 -2.41 -6.45
N ALA A 271 -18.55 -3.24 -5.73
CA ALA A 271 -18.54 -4.70 -5.90
C ALA A 271 -19.46 -5.07 -7.08
N GLY A 272 -19.14 -4.62 -8.28
CA GLY A 272 -19.86 -4.94 -9.50
C GLY A 272 -21.28 -4.39 -9.48
N GLN A 273 -21.50 -3.28 -8.78
CA GLN A 273 -22.89 -2.76 -8.60
C GLN A 273 -23.30 -2.00 -9.86
N VAL A 274 -24.60 -2.06 -10.13
CA VAL A 274 -25.19 -1.64 -11.42
C VAL A 274 -26.32 -0.64 -11.20
N SER A 275 -26.33 0.44 -11.97
CA SER A 275 -27.42 1.44 -12.01
C SER A 275 -28.66 0.82 -12.66
N VAL A 276 -29.79 1.49 -12.56
CA VAL A 276 -31.02 1.00 -13.24
C VAL A 276 -30.77 0.96 -14.73
N ARG A 277 -29.93 1.84 -15.28
CA ARG A 277 -29.62 1.89 -16.72
C ARG A 277 -28.75 0.69 -17.08
N GLY A 278 -27.72 0.42 -16.28
CA GLY A 278 -26.88 -0.77 -16.54
C GLY A 278 -27.69 -2.05 -16.47
N ILE A 279 -28.61 -2.13 -15.52
CA ILE A 279 -29.41 -3.37 -15.34
C ILE A 279 -30.26 -3.57 -16.62
N ALA A 280 -30.88 -2.51 -17.12
CA ALA A 280 -31.70 -2.58 -18.37
C ALA A 280 -30.79 -3.04 -19.54
N GLY A 281 -29.57 -2.51 -19.62
CA GLY A 281 -28.65 -2.92 -20.69
C GLY A 281 -28.26 -4.38 -20.56
N MET A 282 -27.93 -4.81 -19.33
CA MET A 282 -27.49 -6.20 -19.08
C MET A 282 -28.64 -7.17 -19.40
N ARG A 283 -29.86 -6.83 -19.01
N ARG A 283 -29.86 -6.83 -19.01
CA ARG A 283 -31.04 -7.71 -19.25
CA ARG A 283 -31.04 -7.71 -19.26
C ARG A 283 -31.23 -7.85 -20.77
C ARG A 283 -31.23 -7.85 -20.77
N LYS A 284 -31.12 -6.76 -21.53
CA LYS A 284 -31.22 -6.81 -23.00
C LYS A 284 -30.11 -7.70 -23.57
N ALA A 285 -28.89 -7.58 -23.08
CA ALA A 285 -27.77 -8.40 -23.59
C ALA A 285 -28.04 -9.87 -23.31
N MET A 286 -28.47 -10.21 -22.11
CA MET A 286 -28.66 -11.63 -21.72
C MET A 286 -29.82 -12.21 -22.55
N GLU A 287 -30.84 -11.43 -22.86
CA GLU A 287 -31.97 -11.87 -23.73
C GLU A 287 -31.43 -12.24 -25.11
N LYS A 288 -30.37 -11.58 -25.57
CA LYS A 288 -29.70 -11.90 -26.85
C LYS A 288 -28.60 -12.96 -26.71
N GLY A 289 -28.44 -13.61 -25.55
CA GLY A 289 -27.44 -14.68 -25.37
C GLY A 289 -26.05 -14.16 -25.01
N VAL A 290 -25.89 -12.86 -24.75
CA VAL A 290 -24.58 -12.28 -24.31
C VAL A 290 -24.33 -12.67 -22.85
N VAL A 291 -23.13 -13.12 -22.53
CA VAL A 291 -22.77 -13.44 -21.12
C VAL A 291 -22.20 -12.14 -20.53
N VAL A 292 -22.73 -11.76 -19.38
CA VAL A 292 -22.26 -10.57 -18.64
C VAL A 292 -21.46 -11.03 -17.43
N ILE A 293 -20.25 -10.49 -17.29
CA ILE A 293 -19.44 -10.66 -16.07
C ILE A 293 -19.36 -9.30 -15.36
N ARG A 294 -19.76 -9.26 -14.10
CA ARG A 294 -19.65 -8.04 -13.25
C ARG A 294 -18.32 -8.10 -12.53
N SER A 295 -17.41 -7.25 -12.97
CA SER A 295 -16.11 -6.98 -12.32
C SER A 295 -16.21 -5.62 -11.61
N THR A 296 -15.08 -4.99 -11.32
CA THR A 296 -15.03 -3.75 -10.52
C THR A 296 -14.04 -2.81 -11.18
N ARG A 297 -14.36 -1.51 -11.15
CA ARG A 297 -13.45 -0.45 -11.55
C ARG A 297 -12.43 -0.14 -10.42
N THR A 298 -12.61 -0.66 -9.21
CA THR A 298 -11.88 -0.18 -8.00
C THR A 298 -10.40 -0.46 -8.11
N GLY A 299 -10.05 -1.61 -8.71
CA GLY A 299 -8.65 -2.03 -8.86
C GLY A 299 -8.33 -3.33 -8.14
N ASN A 300 -9.13 -3.76 -7.14
CA ASN A 300 -8.75 -4.86 -6.26
C ASN A 300 -10.00 -5.53 -5.67
N GLY A 301 -9.87 -6.79 -5.27
CA GLY A 301 -10.82 -7.42 -4.33
C GLY A 301 -11.89 -8.23 -5.04
N ILE A 302 -12.83 -8.69 -4.22
CA ILE A 302 -13.82 -9.72 -4.63
C ILE A 302 -15.12 -9.04 -5.00
N VAL A 303 -15.66 -9.43 -6.14
CA VAL A 303 -17.09 -9.19 -6.47
C VAL A 303 -17.81 -10.46 -6.08
N PRO A 304 -18.62 -10.41 -5.02
CA PRO A 304 -19.27 -11.62 -4.50
C PRO A 304 -20.53 -11.90 -5.30
N PRO A 305 -20.99 -13.18 -5.29
CA PRO A 305 -22.22 -13.54 -6.00
C PRO A 305 -23.41 -12.78 -5.41
N ASP A 306 -24.38 -12.48 -6.25
CA ASP A 306 -25.67 -11.89 -5.83
C ASP A 306 -26.73 -12.30 -6.86
N GLU A 307 -27.55 -13.29 -6.50
CA GLU A 307 -28.59 -13.86 -7.42
C GLU A 307 -29.62 -12.79 -7.83
N GLU A 308 -29.74 -11.69 -7.09
CA GLU A 308 -30.71 -10.60 -7.43
C GLU A 308 -30.16 -9.67 -8.51
N LEU A 309 -28.90 -9.79 -8.89
CA LEU A 309 -28.34 -8.93 -9.96
C LEU A 309 -28.12 -9.77 -11.20
N PRO A 310 -28.16 -9.13 -12.37
CA PRO A 310 -27.88 -9.84 -13.61
C PRO A 310 -26.41 -10.24 -13.71
N GLY A 311 -26.18 -11.30 -14.47
CA GLY A 311 -24.85 -11.73 -14.93
C GLY A 311 -24.13 -12.54 -13.89
N LEU A 312 -22.89 -12.87 -14.21
CA LEU A 312 -22.01 -13.61 -13.30
C LEU A 312 -21.05 -12.61 -12.64
N VAL A 313 -20.23 -13.08 -11.72
CA VAL A 313 -19.30 -12.18 -10.97
C VAL A 313 -17.88 -12.60 -11.26
N SER A 314 -16.98 -11.63 -11.20
CA SER A 314 -15.58 -11.81 -11.67
C SER A 314 -14.67 -12.38 -10.57
N ASP A 315 -15.17 -12.67 -9.37
CA ASP A 315 -14.26 -13.12 -8.27
C ASP A 315 -13.27 -11.94 -8.06
N SER A 316 -11.97 -12.16 -8.06
CA SER A 316 -10.96 -11.09 -7.90
C SER A 316 -10.36 -10.70 -9.26
N LEU A 317 -10.91 -11.17 -10.37
CA LEU A 317 -10.39 -10.76 -11.70
C LEU A 317 -10.81 -9.32 -11.97
N ASN A 318 -9.83 -8.49 -12.30
CA ASN A 318 -10.08 -7.10 -12.74
C ASN A 318 -10.65 -7.15 -14.16
N PRO A 319 -11.12 -6.03 -14.71
CA PRO A 319 -11.83 -6.08 -15.98
C PRO A 319 -10.99 -6.65 -17.14
N ALA A 320 -9.75 -6.23 -17.24
CA ALA A 320 -8.87 -6.67 -18.35
C ALA A 320 -8.66 -8.20 -18.27
N HIS A 321 -8.39 -8.73 -17.07
N HIS A 321 -8.39 -8.73 -17.07
CA HIS A 321 -8.22 -10.19 -16.84
CA HIS A 321 -8.24 -10.18 -16.85
C HIS A 321 -9.57 -10.91 -17.08
C HIS A 321 -9.57 -10.91 -17.09
N ALA A 322 -10.66 -10.36 -16.58
CA ALA A 322 -12.01 -10.97 -16.74
C ALA A 322 -12.35 -11.13 -18.22
N ARG A 323 -12.04 -10.14 -19.03
CA ARG A 323 -12.27 -10.26 -20.50
C ARG A 323 -11.51 -11.45 -21.07
N ILE A 324 -10.23 -11.58 -20.74
CA ILE A 324 -9.42 -12.71 -21.27
C ILE A 324 -10.07 -14.03 -20.83
N LEU A 325 -10.43 -14.19 -19.54
CA LEU A 325 -11.02 -15.47 -19.12
C LEU A 325 -12.38 -15.67 -19.82
N LEU A 326 -13.20 -14.63 -19.97
CA LEU A 326 -14.54 -14.79 -20.58
C LEU A 326 -14.38 -15.25 -22.06
N MET A 327 -13.44 -14.67 -22.77
CA MET A 327 -13.20 -15.03 -24.19
C MET A 327 -12.86 -16.52 -24.23
N LEU A 328 -11.99 -16.97 -23.34
CA LEU A 328 -11.61 -18.39 -23.34
C LEU A 328 -12.78 -19.25 -22.85
N ALA A 329 -13.52 -18.81 -21.84
CA ALA A 329 -14.66 -19.57 -21.31
C ALA A 329 -15.65 -19.84 -22.45
N LEU A 330 -15.84 -18.86 -23.33
CA LEU A 330 -16.87 -18.94 -24.39
C LEU A 330 -16.44 -19.98 -25.45
N THR A 331 -15.17 -20.39 -25.47
CA THR A 331 -14.70 -21.49 -26.37
C THR A 331 -15.04 -22.85 -25.77
N ARG A 332 -15.58 -22.92 -24.55
CA ARG A 332 -15.71 -24.21 -23.82
C ARG A 332 -17.14 -24.43 -23.41
N THR A 333 -17.94 -23.38 -23.28
CA THR A 333 -19.29 -23.53 -22.69
C THR A 333 -20.14 -22.31 -23.02
N SER A 334 -21.47 -22.47 -22.91
CA SER A 334 -22.43 -21.35 -22.76
C SER A 334 -23.16 -21.48 -21.42
N ASP A 335 -22.82 -22.48 -20.60
CA ASP A 335 -23.52 -22.74 -19.33
C ASP A 335 -23.03 -21.71 -18.31
N PRO A 336 -23.89 -20.81 -17.80
CA PRO A 336 -23.46 -19.82 -16.81
C PRO A 336 -22.87 -20.43 -15.54
N LYS A 337 -23.33 -21.61 -15.11
CA LYS A 337 -22.79 -22.26 -13.91
C LYS A 337 -21.32 -22.65 -14.13
N VAL A 338 -21.00 -23.12 -15.32
CA VAL A 338 -19.62 -23.55 -15.65
C VAL A 338 -18.73 -22.30 -15.77
N ILE A 339 -19.23 -21.26 -16.40
CA ILE A 339 -18.44 -20.01 -16.58
C ILE A 339 -18.17 -19.43 -15.18
N GLN A 340 -19.18 -19.43 -14.32
CA GLN A 340 -18.99 -18.89 -12.95
C GLN A 340 -17.93 -19.69 -12.24
N GLU A 341 -17.93 -21.01 -12.39
CA GLU A 341 -16.94 -21.88 -11.71
C GLU A 341 -15.55 -21.55 -12.26
N TYR A 342 -15.41 -21.28 -13.55
CA TYR A 342 -14.11 -20.89 -14.11
C TYR A 342 -13.59 -19.63 -13.41
N PHE A 343 -14.47 -18.66 -13.18
CA PHE A 343 -14.10 -17.36 -12.54
C PHE A 343 -13.66 -17.61 -11.10
N HIS A 344 -14.13 -18.68 -10.44
CA HIS A 344 -13.70 -19.03 -9.07
C HIS A 344 -12.43 -19.90 -9.04
N THR A 345 -11.95 -20.43 -10.16
CA THR A 345 -10.89 -21.46 -10.12
C THR A 345 -9.68 -21.06 -10.96
N TYR A 346 -9.82 -20.13 -11.90
CA TYR A 346 -8.71 -19.71 -12.78
C TYR A 346 -8.20 -18.31 -12.41
N ASP B 20 24.78 30.80 -17.37
CA ASP B 20 23.36 30.92 -17.86
C ASP B 20 22.51 31.57 -16.75
N ASP B 21 22.28 32.89 -16.87
CA ASP B 21 21.61 33.74 -15.84
C ASP B 21 20.11 33.38 -15.74
N LYS B 22 19.55 32.67 -16.71
CA LYS B 22 18.14 32.17 -16.67
C LYS B 22 18.00 31.06 -15.63
N LEU B 23 19.05 30.25 -15.39
CA LEU B 23 18.98 28.97 -14.64
C LEU B 23 19.21 29.20 -13.16
N PRO B 24 18.58 28.39 -12.29
CA PRO B 24 18.86 28.50 -10.85
C PRO B 24 20.25 27.95 -10.52
N ASN B 25 20.84 28.51 -9.47
CA ASN B 25 22.15 28.10 -8.93
C ASN B 25 21.89 27.07 -7.83
N ILE B 26 22.36 25.85 -8.05
CA ILE B 26 22.12 24.71 -7.15
C ILE B 26 23.49 24.18 -6.72
N VAL B 27 23.67 24.06 -5.41
CA VAL B 27 24.85 23.35 -4.85
C VAL B 27 24.45 21.90 -4.66
N ILE B 28 25.27 20.99 -5.17
CA ILE B 28 25.17 19.54 -4.89
C ILE B 28 26.19 19.24 -3.82
N LEU B 29 25.68 19.06 -2.60
CA LEU B 29 26.51 18.83 -1.39
C LEU B 29 26.54 17.32 -1.15
N ALA B 30 27.68 16.68 -1.43
CA ALA B 30 27.80 15.21 -1.42
C ALA B 30 28.24 14.70 -0.06
N THR B 31 27.59 13.63 0.44
CA THR B 31 27.93 13.02 1.75
C THR B 31 28.37 11.58 1.60
N GLY B 32 28.16 10.97 0.43
CA GLY B 32 28.47 9.55 0.20
C GLY B 32 27.27 8.74 -0.28
N GLY B 33 27.09 7.56 0.29
CA GLY B 33 25.98 6.66 -0.02
C GLY B 33 26.21 5.78 -1.25
N THR B 34 25.30 4.85 -1.47
CA THR B 34 25.31 3.95 -2.64
C THR B 34 25.24 4.74 -3.93
N ILE B 35 24.61 5.91 -3.96
CA ILE B 35 24.59 6.77 -5.17
C ILE B 35 26.02 7.05 -5.63
N ALA B 36 26.98 7.05 -4.70
CA ALA B 36 28.42 7.26 -4.99
C ALA B 36 29.18 5.95 -4.79
N GLY B 37 28.51 4.81 -4.88
CA GLY B 37 29.08 3.48 -4.65
C GLY B 37 29.58 2.90 -5.96
N SER B 38 30.56 2.02 -5.88
CA SER B 38 31.37 1.58 -7.06
C SER B 38 31.70 0.10 -6.89
N ALA B 39 31.39 -0.71 -7.89
CA ALA B 39 31.78 -2.15 -7.91
C ALA B 39 32.43 -2.48 -9.26
N ALA B 40 33.09 -3.63 -9.35
CA ALA B 40 33.88 -4.10 -10.51
C ALA B 40 32.97 -4.50 -11.68
N THR B 41 31.72 -4.89 -11.40
CA THR B 41 30.75 -5.38 -12.44
C THR B 41 29.38 -4.72 -12.23
N GLY B 42 28.58 -4.73 -13.30
CA GLY B 42 27.21 -4.18 -13.31
C GLY B 42 26.21 -4.96 -12.47
N THR B 43 26.51 -6.18 -12.07
CA THR B 43 25.54 -7.06 -11.35
C THR B 43 25.89 -7.13 -9.86
N GLN B 44 27.01 -6.55 -9.42
CA GLN B 44 27.35 -6.45 -7.99
C GLN B 44 26.50 -5.27 -7.46
N THR B 45 25.34 -5.59 -6.86
CA THR B 45 24.37 -4.63 -6.26
C THR B 45 24.49 -4.70 -4.72
N THR B 46 25.29 -5.63 -4.20
CA THR B 46 25.69 -5.81 -2.78
C THR B 46 27.21 -6.11 -2.76
N GLY B 47 27.98 -5.55 -1.80
CA GLY B 47 29.44 -5.77 -1.62
C GLY B 47 30.36 -4.63 -2.08
N TYR B 48 29.83 -3.61 -2.77
CA TYR B 48 30.56 -2.53 -3.51
C TYR B 48 31.28 -1.61 -2.49
N LYS B 49 32.07 -0.66 -2.98
CA LYS B 49 32.82 0.33 -2.15
C LYS B 49 32.07 1.67 -2.13
N ILE B 50 31.92 2.32 -0.97
CA ILE B 50 31.58 3.78 -0.90
C ILE B 50 32.84 4.55 -0.45
N GLY B 51 33.08 5.72 -1.05
CA GLY B 51 34.20 6.60 -0.69
C GLY B 51 35.05 6.93 -1.90
N ALA B 52 34.75 6.34 -3.07
CA ALA B 52 35.60 6.32 -4.28
C ALA B 52 35.11 7.37 -5.29
N LEU B 53 33.82 7.70 -5.29
CA LEU B 53 33.24 8.60 -6.34
C LEU B 53 33.01 9.99 -5.76
N GLY B 54 33.67 10.99 -6.33
CA GLY B 54 33.47 12.39 -5.93
C GLY B 54 32.27 12.99 -6.59
N VAL B 55 31.79 14.09 -6.02
CA VAL B 55 30.58 14.78 -6.51
C VAL B 55 30.75 15.21 -7.97
N ASP B 56 31.95 15.62 -8.40
CA ASP B 56 32.15 16.10 -9.80
C ASP B 56 31.95 14.93 -10.77
N THR B 57 32.36 13.73 -10.39
CA THR B 57 32.17 12.50 -11.20
C THR B 57 30.66 12.20 -11.34
N LEU B 58 29.89 12.33 -10.25
CA LEU B 58 28.42 12.15 -10.32
C LEU B 58 27.81 13.18 -11.27
N ILE B 59 28.20 14.44 -11.14
CA ILE B 59 27.64 15.53 -11.98
C ILE B 59 27.98 15.23 -13.44
N ASN B 60 29.23 14.85 -13.72
CA ASN B 60 29.69 14.67 -15.13
C ASN B 60 29.03 13.45 -15.76
N ALA B 61 28.55 12.51 -14.95
CA ALA B 61 27.86 11.30 -15.44
C ALA B 61 26.44 11.64 -15.90
N VAL B 62 25.87 12.77 -15.46
N VAL B 62 25.86 12.78 -15.46
CA VAL B 62 24.52 13.24 -15.92
CA VAL B 62 24.52 13.24 -15.92
C VAL B 62 24.62 14.68 -16.34
C VAL B 62 24.62 14.68 -16.34
N PRO B 63 25.33 14.98 -17.45
CA PRO B 63 25.49 16.37 -17.90
C PRO B 63 24.17 17.07 -18.20
N GLU B 64 23.07 16.31 -18.37
CA GLU B 64 21.70 16.88 -18.53
C GLU B 64 21.37 17.77 -17.33
N VAL B 65 21.98 17.55 -16.18
N VAL B 65 21.98 17.56 -16.16
CA VAL B 65 21.71 18.37 -14.97
CA VAL B 65 21.67 18.40 -14.96
C VAL B 65 22.07 19.83 -15.27
C VAL B 65 22.06 19.85 -15.28
N LYS B 66 23.05 20.06 -16.16
CA LYS B 66 23.56 21.42 -16.49
C LYS B 66 22.54 22.17 -17.34
N LYS B 67 21.55 21.51 -17.93
CA LYS B 67 20.43 22.18 -18.62
C LYS B 67 19.36 22.62 -17.62
N LEU B 68 19.32 22.08 -16.40
CA LEU B 68 18.27 22.41 -15.42
C LEU B 68 18.76 23.48 -14.44
N ALA B 69 20.08 23.56 -14.24
CA ALA B 69 20.63 24.45 -13.22
C ALA B 69 22.10 24.73 -13.52
N ASN B 70 22.60 25.81 -12.96
CA ASN B 70 24.07 25.99 -12.81
C ASN B 70 24.44 25.24 -11.54
N VAL B 71 25.12 24.12 -11.66
CA VAL B 71 25.42 23.25 -10.50
C VAL B 71 26.86 23.48 -10.08
N LYS B 72 27.09 23.52 -8.78
CA LYS B 72 28.42 23.49 -8.16
C LYS B 72 28.41 22.31 -7.19
N GLY B 73 29.38 21.43 -7.31
CA GLY B 73 29.61 20.29 -6.40
C GLY B 73 30.43 20.71 -5.20
N GLU B 74 30.07 20.24 -4.02
CA GLU B 74 30.90 20.40 -2.81
C GLU B 74 30.94 19.06 -2.11
N GLN B 75 32.12 18.57 -1.80
CA GLN B 75 32.32 17.29 -1.12
C GLN B 75 32.29 17.51 0.39
N PHE B 76 31.16 17.21 1.04
CA PHE B 76 31.00 17.37 2.50
C PHE B 76 31.62 16.16 3.18
N SER B 77 31.33 14.97 2.69
CA SER B 77 31.87 13.70 3.24
C SER B 77 31.74 12.63 2.16
N ASN B 78 32.15 11.42 2.43
CA ASN B 78 32.03 10.36 1.42
C ASN B 78 31.91 9.05 2.18
N MET B 79 30.83 8.91 2.95
CA MET B 79 30.66 7.74 3.83
C MET B 79 29.37 7.00 3.50
N ALA B 80 29.35 5.75 3.91
CA ALA B 80 28.13 4.93 3.95
C ALA B 80 27.25 5.49 5.07
N SER B 81 25.95 5.72 4.80
CA SER B 81 25.09 6.47 5.76
C SER B 81 24.84 5.67 7.05
N GLN B 82 25.12 4.37 7.08
CA GLN B 82 25.03 3.62 8.36
C GLN B 82 26.09 4.17 9.33
N ASN B 83 27.07 4.90 8.81
CA ASN B 83 28.14 5.51 9.67
C ASN B 83 27.88 6.98 9.94
N MET B 84 26.80 7.56 9.42
CA MET B 84 26.46 8.97 9.69
C MET B 84 26.18 9.13 11.20
N THR B 85 26.69 10.20 11.79
CA THR B 85 26.58 10.48 13.24
C THR B 85 25.95 11.84 13.46
N GLY B 86 25.32 12.04 14.60
CA GLY B 86 24.63 13.29 14.95
C GLY B 86 25.58 14.49 14.87
N ASP B 87 26.83 14.32 15.28
CA ASP B 87 27.79 15.44 15.26
C ASP B 87 28.00 15.89 13.81
N VAL B 88 28.08 14.93 12.88
CA VAL B 88 28.26 15.25 11.45
C VAL B 88 26.96 15.80 10.86
N VAL B 89 25.80 15.25 11.24
CA VAL B 89 24.51 15.80 10.74
C VAL B 89 24.39 17.26 11.20
N LEU B 90 24.77 17.55 12.43
CA LEU B 90 24.74 18.93 12.94
C LEU B 90 25.60 19.82 12.04
N LYS B 91 26.81 19.39 11.71
CA LYS B 91 27.69 20.15 10.79
C LYS B 91 27.03 20.31 9.42
N LEU B 92 26.36 19.25 8.93
CA LEU B 92 25.66 19.30 7.62
C LEU B 92 24.59 20.39 7.66
N SER B 93 23.76 20.42 8.72
CA SER B 93 22.72 21.46 8.91
C SER B 93 23.35 22.86 8.86
N GLN B 94 24.47 23.02 9.55
CA GLN B 94 25.14 24.34 9.70
C GLN B 94 25.66 24.77 8.33
N ARG B 95 26.27 23.86 7.59
CA ARG B 95 26.80 24.14 6.24
C ARG B 95 25.66 24.49 5.29
N VAL B 96 24.56 23.74 5.32
CA VAL B 96 23.39 24.05 4.44
C VAL B 96 22.84 25.42 4.79
N ASN B 97 22.74 25.76 6.08
CA ASN B 97 22.25 27.10 6.47
C ASN B 97 23.18 28.18 5.87
N GLU B 98 24.49 27.96 5.90
CA GLU B 98 25.48 28.94 5.38
C GLU B 98 25.26 29.10 3.88
N LEU B 99 25.09 27.99 3.16
CA LEU B 99 24.86 28.03 1.70
C LEU B 99 23.57 28.77 1.37
N LEU B 100 22.45 28.45 2.05
CA LEU B 100 21.15 29.03 1.71
C LEU B 100 21.09 30.50 2.09
N ALA B 101 21.93 30.95 3.02
CA ALA B 101 21.98 32.38 3.41
C ALA B 101 22.56 33.21 2.25
N ARG B 102 23.25 32.59 1.31
CA ARG B 102 23.90 33.31 0.18
C ARG B 102 22.89 33.66 -0.91
N ASP B 103 23.00 34.87 -1.47
CA ASP B 103 22.13 35.29 -2.61
C ASP B 103 22.44 34.46 -3.86
N ASP B 104 23.64 33.93 -4.02
CA ASP B 104 24.01 33.20 -5.25
C ASP B 104 23.68 31.70 -5.13
N VAL B 105 22.91 31.28 -4.13
CA VAL B 105 22.46 29.86 -3.99
C VAL B 105 20.94 29.84 -3.97
N ASP B 106 20.30 29.11 -4.90
CA ASP B 106 18.82 29.08 -4.97
C ASP B 106 18.30 27.82 -4.25
N GLY B 107 19.14 26.80 -4.11
CA GLY B 107 18.73 25.53 -3.48
C GLY B 107 19.89 24.59 -3.33
N VAL B 108 19.72 23.53 -2.55
CA VAL B 108 20.80 22.54 -2.29
C VAL B 108 20.20 21.15 -2.50
N VAL B 109 20.96 20.34 -3.19
CA VAL B 109 20.72 18.87 -3.32
C VAL B 109 21.78 18.21 -2.48
N ILE B 110 21.39 17.28 -1.62
CA ILE B 110 22.36 16.55 -0.77
C ILE B 110 22.34 15.09 -1.17
N THR B 111 23.46 14.58 -1.69
CA THR B 111 23.58 13.13 -2.01
C THR B 111 23.92 12.40 -0.72
N HIS B 112 23.27 11.26 -0.46
CA HIS B 112 23.35 10.60 0.86
C HIS B 112 23.01 9.13 0.68
N GLY B 113 23.47 8.31 1.60
CA GLY B 113 23.06 6.90 1.65
C GLY B 113 21.59 6.77 1.99
N THR B 114 20.95 5.72 1.50
CA THR B 114 19.52 5.50 1.77
C THR B 114 19.30 5.07 3.23
N ASP B 115 20.26 4.41 3.87
CA ASP B 115 20.01 3.70 5.15
C ASP B 115 19.55 4.68 6.23
N THR B 116 20.18 5.87 6.32
CA THR B 116 19.82 6.84 7.40
C THR B 116 19.48 8.20 6.81
N VAL B 117 19.18 8.29 5.51
CA VAL B 117 18.71 9.56 4.91
C VAL B 117 17.50 10.11 5.68
N GLU B 118 16.59 9.27 6.16
CA GLU B 118 15.40 9.79 6.85
C GLU B 118 15.78 10.52 8.14
N GLU B 119 16.85 10.09 8.80
CA GLU B 119 17.37 10.73 10.03
C GLU B 119 18.03 12.06 9.68
N SER B 120 18.99 12.04 8.75
CA SER B 120 19.64 13.30 8.33
C SER B 120 18.62 14.31 7.80
N ALA B 121 17.71 13.87 6.94
CA ALA B 121 16.74 14.75 6.28
C ALA B 121 15.84 15.37 7.34
N TYR B 122 15.35 14.58 8.30
CA TYR B 122 14.42 15.12 9.31
C TYR B 122 15.16 16.12 10.21
N PHE B 123 16.41 15.86 10.53
CA PHE B 123 17.22 16.82 11.32
C PHE B 123 17.26 18.18 10.61
N LEU B 124 17.58 18.18 9.32
CA LEU B 124 17.65 19.44 8.56
C LEU B 124 16.28 20.05 8.41
N HIS B 125 15.23 19.22 8.27
CA HIS B 125 13.84 19.68 8.18
C HIS B 125 13.54 20.59 9.37
N LEU B 126 14.07 20.26 10.53
CA LEU B 126 13.76 21.02 11.77
C LEU B 126 14.69 22.25 11.95
N THR B 127 15.84 22.24 11.31
CA THR B 127 16.95 23.14 11.70
C THR B 127 17.39 24.07 10.56
N VAL B 128 16.98 23.83 9.32
CA VAL B 128 17.34 24.73 8.20
C VAL B 128 16.43 25.95 8.23
N LYS B 129 17.02 27.13 8.33
CA LYS B 129 16.24 28.37 8.58
C LYS B 129 16.07 29.12 7.28
N SER B 130 15.55 28.46 6.26
CA SER B 130 15.37 29.01 4.88
C SER B 130 14.16 28.32 4.25
N ASP B 131 13.45 29.01 3.38
CA ASP B 131 12.40 28.43 2.51
C ASP B 131 13.01 27.92 1.19
N LYS B 132 14.30 28.15 0.95
CA LYS B 132 14.91 27.65 -0.31
C LYS B 132 14.94 26.13 -0.24
N PRO B 133 14.73 25.44 -1.36
CA PRO B 133 14.65 23.99 -1.32
C PRO B 133 15.94 23.30 -0.88
N VAL B 134 15.75 22.29 -0.04
CA VAL B 134 16.79 21.32 0.37
C VAL B 134 16.24 19.94 0.02
N VAL B 135 16.92 19.29 -0.90
CA VAL B 135 16.45 18.03 -1.50
C VAL B 135 17.54 17.00 -1.25
N PHE B 136 17.26 16.03 -0.38
CA PHE B 136 18.12 14.84 -0.27
C PHE B 136 17.80 13.91 -1.43
N VAL B 137 18.85 13.27 -1.92
CA VAL B 137 18.77 12.30 -3.02
C VAL B 137 19.69 11.15 -2.68
N ALA B 138 19.33 9.96 -3.13
CA ALA B 138 20.04 8.72 -2.83
C ALA B 138 19.76 7.74 -3.96
N ALA B 139 20.34 6.57 -3.88
CA ALA B 139 20.18 5.51 -4.90
C ALA B 139 20.26 4.18 -4.19
N MET B 140 19.43 3.22 -4.60
CA MET B 140 19.45 1.86 -4.03
C MET B 140 20.45 0.97 -4.74
N ARG B 141 20.85 1.32 -5.95
CA ARG B 141 21.85 0.52 -6.69
C ARG B 141 23.08 1.41 -6.87
N PRO B 142 24.28 0.81 -6.81
CA PRO B 142 25.50 1.59 -6.98
C PRO B 142 25.58 2.22 -8.37
N ALA B 143 26.43 3.25 -8.48
CA ALA B 143 26.57 4.06 -9.71
C ALA B 143 27.00 3.15 -10.87
N THR B 144 27.66 2.04 -10.58
CA THR B 144 28.20 1.09 -11.58
C THR B 144 27.18 0.03 -11.98
N ALA B 145 26.01 -0.01 -11.34
CA ALA B 145 25.05 -1.11 -11.57
C ALA B 145 24.39 -0.97 -12.95
N ILE B 146 23.96 -2.11 -13.48
CA ILE B 146 22.97 -2.14 -14.59
C ILE B 146 21.68 -1.48 -14.08
N SER B 147 21.13 -0.57 -14.85
CA SER B 147 19.87 0.15 -14.53
C SER B 147 20.04 0.87 -13.18
N ALA B 148 21.21 1.44 -12.92
CA ALA B 148 21.45 2.27 -11.72
C ALA B 148 20.40 3.37 -11.68
N ASP B 149 19.84 3.62 -10.49
CA ASP B 149 18.73 4.61 -10.29
C ASP B 149 19.30 5.97 -9.95
N GLY B 150 20.56 6.07 -9.55
CA GLY B 150 21.14 7.35 -9.09
C GLY B 150 21.10 8.45 -10.12
N PRO B 151 21.48 8.21 -11.39
CA PRO B 151 21.47 9.28 -12.39
C PRO B 151 20.12 9.99 -12.55
N MET B 152 19.04 9.22 -12.70
CA MET B 152 17.71 9.83 -12.84
C MET B 152 17.30 10.44 -11.49
N ASN B 153 17.59 9.80 -10.36
CA ASN B 153 17.22 10.38 -9.03
C ASN B 153 17.89 11.76 -8.91
N LEU B 154 19.16 11.85 -9.28
CA LEU B 154 19.91 13.15 -9.16
C LEU B 154 19.30 14.21 -10.08
N LEU B 155 18.99 13.85 -11.32
N LEU B 155 18.99 13.85 -11.32
CA LEU B 155 18.38 14.79 -12.28
CA LEU B 155 18.36 14.77 -12.29
C LEU B 155 17.04 15.29 -11.71
C LEU B 155 17.04 15.28 -11.70
N GLU B 156 16.22 14.38 -11.17
CA GLU B 156 14.93 14.75 -10.56
C GLU B 156 15.16 15.68 -9.36
N ALA B 157 16.15 15.40 -8.54
CA ALA B 157 16.43 16.17 -7.31
C ALA B 157 16.84 17.58 -7.71
N VAL B 158 17.66 17.70 -8.75
CA VAL B 158 18.06 19.05 -9.25
C VAL B 158 16.84 19.80 -9.82
N ARG B 159 15.97 19.12 -10.57
CA ARG B 159 14.74 19.74 -11.07
C ARG B 159 13.93 20.28 -9.90
N VAL B 160 13.75 19.47 -8.86
CA VAL B 160 12.94 19.90 -7.69
C VAL B 160 13.63 21.08 -6.99
N ALA B 161 14.93 21.00 -6.77
CA ALA B 161 15.67 22.04 -6.02
C ALA B 161 15.61 23.37 -6.75
N GLY B 162 15.54 23.33 -8.07
CA GLY B 162 15.60 24.53 -8.94
C GLY B 162 14.25 25.13 -9.22
N ASP B 163 13.13 24.48 -8.87
CA ASP B 163 11.79 24.97 -9.24
C ASP B 163 11.31 25.98 -8.19
N LYS B 164 10.88 27.16 -8.61
CA LYS B 164 10.33 28.22 -7.72
C LYS B 164 9.16 27.63 -6.90
N GLN B 165 8.40 26.69 -7.48
CA GLN B 165 7.21 26.12 -6.80
C GLN B 165 7.66 25.21 -5.62
N SER B 166 8.93 24.84 -5.55
CA SER B 166 9.44 23.91 -4.52
C SER B 166 9.69 24.63 -3.18
N ARG B 167 9.64 25.96 -3.16
CA ARG B 167 10.01 26.73 -1.94
C ARG B 167 8.99 26.50 -0.82
N GLY B 168 9.47 26.51 0.42
CA GLY B 168 8.62 26.55 1.63
C GLY B 168 7.93 25.21 1.88
N ARG B 169 8.45 24.12 1.34
CA ARG B 169 7.78 22.79 1.48
C ARG B 169 8.41 21.92 2.56
N GLY B 170 9.45 22.39 3.24
CA GLY B 170 10.23 21.58 4.16
C GLY B 170 11.23 20.76 3.39
N VAL B 171 12.03 19.99 4.11
CA VAL B 171 13.11 19.21 3.48
C VAL B 171 12.46 18.03 2.75
N MET B 172 13.00 17.72 1.60
N MET B 172 13.01 17.71 1.60
CA MET B 172 12.42 16.70 0.67
CA MET B 172 12.43 16.70 0.69
C MET B 172 13.46 15.60 0.42
C MET B 172 13.46 15.59 0.43
N VAL B 173 12.96 14.39 0.17
CA VAL B 173 13.74 13.21 -0.19
C VAL B 173 13.22 12.74 -1.55
N VAL B 174 14.09 12.67 -2.54
CA VAL B 174 13.68 12.39 -3.96
C VAL B 174 14.39 11.14 -4.43
N LEU B 175 13.60 10.09 -4.71
CA LEU B 175 14.05 8.87 -5.39
C LEU B 175 12.88 8.37 -6.24
N ASN B 176 13.18 7.68 -7.35
CA ASN B 176 12.16 6.83 -8.02
C ASN B 176 10.95 7.69 -8.39
N ASP B 177 11.16 8.92 -8.88
CA ASP B 177 10.09 9.81 -9.42
C ASP B 177 9.20 10.38 -8.29
N ARG B 178 9.58 10.20 -7.02
CA ARG B 178 8.71 10.62 -5.88
C ARG B 178 9.43 11.70 -5.06
N ILE B 179 8.65 12.63 -4.52
CA ILE B 179 9.11 13.67 -3.59
C ILE B 179 8.45 13.39 -2.23
N GLY B 180 9.25 12.97 -1.27
CA GLY B 180 8.77 12.67 0.09
C GLY B 180 9.13 13.77 1.05
N SER B 181 8.22 14.10 1.98
CA SER B 181 8.57 14.96 3.12
C SER B 181 9.53 14.23 4.05
N ALA B 182 10.59 14.90 4.52
CA ALA B 182 11.50 14.36 5.55
C ALA B 182 10.74 13.89 6.80
N ARG B 183 9.61 14.49 7.12
CA ARG B 183 8.86 14.18 8.37
C ARG B 183 8.12 12.82 8.21
N TYR B 184 7.74 12.43 6.98
CA TYR B 184 6.87 11.24 6.79
C TYR B 184 7.58 10.09 6.09
N ILE B 185 8.51 10.44 5.21
CA ILE B 185 9.17 9.42 4.34
C ILE B 185 10.07 8.52 5.18
N THR B 186 10.13 7.25 4.81
CA THR B 186 10.96 6.27 5.50
C THR B 186 11.36 5.20 4.49
N LYS B 187 12.51 4.61 4.73
CA LYS B 187 12.96 3.43 3.95
C LYS B 187 12.12 2.26 4.44
N THR B 188 11.19 1.77 3.61
CA THR B 188 10.23 0.72 4.06
C THR B 188 10.72 -0.67 3.69
N ASN B 189 11.68 -0.78 2.79
CA ASN B 189 12.15 -2.09 2.27
C ASN B 189 13.67 -2.06 2.28
N ALA B 190 14.27 -3.16 2.72
CA ALA B 190 15.72 -3.32 2.82
C ALA B 190 16.38 -3.01 1.47
N SER B 191 15.77 -3.39 0.34
CA SER B 191 16.54 -3.64 -0.89
C SER B 191 15.90 -3.13 -2.19
N THR B 192 14.68 -2.63 -2.22
CA THR B 192 14.01 -2.29 -3.51
C THR B 192 14.17 -0.82 -3.92
N LEU B 193 14.01 -0.53 -5.22
CA LEU B 193 14.15 0.86 -5.73
C LEU B 193 13.05 1.77 -5.18
N ASP B 194 11.88 1.18 -4.92
CA ASP B 194 10.67 1.94 -4.55
C ASP B 194 10.50 1.95 -3.02
N THR B 195 11.56 1.63 -2.31
CA THR B 195 11.59 1.53 -0.82
C THR B 195 11.04 2.78 -0.11
N PHE B 196 11.33 4.00 -0.56
CA PHE B 196 10.89 5.21 0.18
C PHE B 196 9.39 5.46 -0.09
N LYS B 197 8.61 5.31 0.99
CA LYS B 197 7.16 5.52 0.96
C LYS B 197 6.75 6.13 2.31
N ALA B 198 5.61 6.79 2.29
CA ALA B 198 4.89 7.25 3.49
C ALA B 198 3.50 6.67 3.34
N ASN B 199 3.29 5.48 3.88
CA ASN B 199 2.06 4.72 3.56
C ASN B 199 0.81 5.55 3.89
N GLU B 200 0.80 6.23 5.02
CA GLU B 200 -0.40 6.94 5.49
C GLU B 200 -0.44 8.39 4.97
N GLU B 201 0.70 8.99 4.63
CA GLU B 201 0.79 10.43 4.34
C GLU B 201 1.08 10.71 2.88
N GLY B 202 1.46 9.68 2.11
CA GLY B 202 1.73 9.91 0.69
C GLY B 202 2.97 10.75 0.45
N TYR B 203 3.14 11.11 -0.81
CA TYR B 203 4.22 11.95 -1.31
C TYR B 203 3.77 13.41 -1.37
N LEU B 204 4.71 14.31 -1.15
CA LEU B 204 4.45 15.74 -1.44
C LEU B 204 4.18 15.93 -2.93
N GLY B 205 4.85 15.17 -3.78
CA GLY B 205 4.69 15.31 -5.22
C GLY B 205 5.36 14.18 -5.95
N VAL B 206 5.25 14.23 -7.27
CA VAL B 206 5.89 13.23 -8.15
C VAL B 206 6.51 13.99 -9.34
N ILE B 207 7.46 13.35 -9.98
CA ILE B 207 8.15 13.91 -11.18
C ILE B 207 7.96 12.91 -12.32
N ILE B 208 7.12 13.28 -13.27
CA ILE B 208 6.80 12.38 -14.40
C ILE B 208 6.93 13.18 -15.69
N GLY B 209 7.57 12.60 -16.69
CA GLY B 209 7.78 13.27 -17.98
C GLY B 209 8.43 14.63 -17.81
N ASN B 210 9.43 14.72 -16.91
CA ASN B 210 10.23 15.95 -16.70
C ASN B 210 9.35 17.10 -16.18
N ARG B 211 8.25 16.80 -15.51
CA ARG B 211 7.40 17.84 -14.91
C ARG B 211 7.14 17.43 -13.45
N ILE B 212 7.11 18.44 -12.58
CA ILE B 212 6.81 18.26 -11.15
C ILE B 212 5.32 18.42 -10.96
N TYR B 213 4.71 17.48 -10.28
CA TYR B 213 3.29 17.52 -9.89
C TYR B 213 3.24 17.57 -8.36
N TYR B 214 2.93 18.74 -7.80
CA TYR B 214 2.84 18.87 -6.33
C TYR B 214 1.43 18.47 -5.92
N GLN B 215 1.37 17.66 -4.89
CA GLN B 215 0.11 17.02 -4.42
C GLN B 215 -0.30 17.55 -3.05
N ASN B 216 0.64 17.68 -2.14
CA ASN B 216 0.37 17.95 -0.70
C ASN B 216 1.38 18.99 -0.20
N ARG B 217 0.97 19.79 0.77
CA ARG B 217 1.88 20.47 1.69
C ARG B 217 1.73 19.84 3.07
N ILE B 218 2.85 19.55 3.73
CA ILE B 218 2.71 18.92 5.06
C ILE B 218 2.12 19.93 6.05
N ASP B 219 1.27 19.44 6.94
CA ASP B 219 0.58 20.28 7.94
C ASP B 219 1.34 20.16 9.26
N LYS B 220 2.63 20.49 9.23
CA LYS B 220 3.50 20.41 10.41
C LYS B 220 4.48 21.58 10.34
N LEU B 221 5.07 21.93 11.46
CA LEU B 221 6.08 22.99 11.53
C LEU B 221 7.41 22.45 11.04
N HIS B 222 8.16 23.32 10.37
CA HIS B 222 9.47 22.98 9.81
C HIS B 222 10.18 24.27 9.39
N THR B 223 11.47 24.10 9.10
CA THR B 223 12.40 25.10 8.52
C THR B 223 12.15 26.47 9.17
N THR B 224 11.62 27.42 8.41
CA THR B 224 11.55 28.84 8.86
C THR B 224 10.51 29.02 9.96
N ARG B 225 9.59 28.07 10.16
CA ARG B 225 8.57 28.19 11.21
C ARG B 225 8.88 27.25 12.39
N SER B 226 10.04 26.64 12.40
CA SER B 226 10.51 25.75 13.48
C SER B 226 11.20 26.57 14.56
N VAL B 227 11.01 26.22 15.83
CA VAL B 227 11.73 26.92 16.95
C VAL B 227 13.19 26.51 16.99
N PHE B 228 13.59 25.40 16.36
CA PHE B 228 14.90 24.81 16.57
C PHE B 228 15.89 25.62 15.73
N ASP B 229 16.97 26.02 16.37
CA ASP B 229 18.13 26.61 15.68
C ASP B 229 19.34 26.12 16.43
N VAL B 230 20.22 25.41 15.77
CA VAL B 230 21.40 24.72 16.37
C VAL B 230 22.69 25.29 15.76
N ARG B 231 22.61 26.44 15.12
CA ARG B 231 23.84 27.09 14.58
C ARG B 231 24.79 27.40 15.75
N GLY B 232 26.05 27.09 15.66
CA GLY B 232 26.96 27.06 16.85
C GLY B 232 26.54 26.24 18.12
N LEU B 233 25.89 25.09 17.97
CA LEU B 233 26.08 23.93 18.87
C LEU B 233 27.23 23.12 18.30
N THR B 234 27.92 22.32 19.10
CA THR B 234 28.95 21.41 18.58
C THR B 234 28.60 19.96 18.89
N SER B 235 27.62 19.71 19.76
CA SER B 235 27.23 18.32 20.05
C SER B 235 25.77 18.27 20.47
N LEU B 236 25.21 17.05 20.52
CA LEU B 236 23.77 16.84 20.77
C LEU B 236 23.60 15.93 21.98
N PRO B 237 22.45 15.98 22.66
CA PRO B 237 22.15 15.05 23.75
C PRO B 237 22.12 13.60 23.25
N LYS B 238 22.57 12.70 24.10
CA LYS B 238 22.61 11.25 23.82
C LYS B 238 21.21 10.66 23.93
N VAL B 239 20.79 9.99 22.88
CA VAL B 239 19.46 9.32 22.82
C VAL B 239 19.66 7.93 22.22
N ASP B 240 19.26 6.91 22.95
CA ASP B 240 19.25 5.54 22.45
C ASP B 240 17.81 5.07 22.12
N ILE B 241 17.73 4.05 21.26
CA ILE B 241 16.47 3.42 20.84
C ILE B 241 16.52 1.96 21.33
N LEU B 242 15.53 1.56 22.10
CA LEU B 242 15.36 0.17 22.59
C LEU B 242 14.12 -0.45 21.93
N TYR B 243 14.26 -1.70 21.53
CA TYR B 243 13.17 -2.43 20.86
C TYR B 243 12.23 -3.08 21.89
N GLY B 244 10.98 -3.18 21.49
CA GLY B 244 9.95 -3.88 22.26
C GLY B 244 9.63 -5.21 21.60
N TYR B 245 9.55 -6.28 22.38
CA TYR B 245 9.34 -7.64 21.84
C TYR B 245 9.06 -8.57 23.02
N GLN B 246 8.53 -9.74 22.74
CA GLN B 246 8.30 -10.77 23.79
C GLN B 246 9.61 -11.01 24.56
N ASP B 247 9.56 -11.00 25.90
CA ASP B 247 10.72 -11.28 26.79
C ASP B 247 11.76 -10.14 26.74
N ASP B 248 11.38 -8.95 26.31
CA ASP B 248 12.34 -7.81 26.28
C ASP B 248 12.89 -7.61 27.69
N PRO B 249 14.23 -7.48 27.84
CA PRO B 249 14.83 -7.38 29.17
C PRO B 249 14.97 -5.98 29.75
N GLU B 250 14.88 -5.88 31.08
CA GLU B 250 15.14 -4.60 31.76
C GLU B 250 16.60 -4.20 31.63
N TYR B 251 17.53 -5.12 31.51
CA TYR B 251 18.97 -4.76 31.65
C TYR B 251 19.36 -3.79 30.51
N LEU B 252 18.65 -3.78 29.36
CA LEU B 252 19.06 -2.83 28.29
C LEU B 252 18.74 -1.38 28.71
N TYR B 253 17.68 -1.16 29.50
CA TYR B 253 17.36 0.16 30.09
C TYR B 253 18.51 0.54 31.04
N ASP B 254 18.91 -0.41 31.89
CA ASP B 254 19.98 -0.19 32.89
C ASP B 254 21.24 0.24 32.16
N ALA B 255 21.60 -0.44 31.07
CA ALA B 255 22.84 -0.13 30.33
C ALA B 255 22.73 1.29 29.77
N ALA B 256 21.60 1.66 29.16
CA ALA B 256 21.42 3.02 28.62
C ALA B 256 21.56 4.05 29.75
N ILE B 257 20.92 3.82 30.88
CA ILE B 257 20.95 4.75 32.05
C ILE B 257 22.41 4.88 32.50
N GLN B 258 23.12 3.77 32.66
CA GLN B 258 24.51 3.78 33.18
C GLN B 258 25.42 4.52 32.20
N HIS B 259 25.08 4.61 30.91
CA HIS B 259 25.94 5.31 29.94
C HIS B 259 25.48 6.76 29.73
N GLY B 260 24.59 7.27 30.55
CA GLY B 260 24.30 8.71 30.60
C GLY B 260 23.37 9.17 29.50
N VAL B 261 22.49 8.30 28.96
CA VAL B 261 21.52 8.79 27.94
C VAL B 261 20.67 9.89 28.56
N LYS B 262 20.30 10.87 27.75
CA LYS B 262 19.34 11.91 28.14
C LYS B 262 17.95 11.55 27.68
N GLY B 263 17.85 10.67 26.71
CA GLY B 263 16.54 10.25 26.17
C GLY B 263 16.60 8.80 25.74
N ILE B 264 15.46 8.14 25.82
CA ILE B 264 15.28 6.79 25.26
C ILE B 264 14.02 6.89 24.38
N VAL B 265 14.17 6.46 23.15
CA VAL B 265 13.03 6.18 22.25
C VAL B 265 12.79 4.67 22.31
N TYR B 266 11.55 4.30 22.53
CA TYR B 266 11.11 2.89 22.61
C TYR B 266 10.39 2.52 21.30
N ALA B 267 10.98 1.59 20.55
CA ALA B 267 10.37 1.03 19.32
C ALA B 267 9.37 -0.04 19.77
N GLY B 268 8.20 0.42 20.19
CA GLY B 268 7.30 -0.39 21.01
C GLY B 268 6.54 -1.47 20.26
N MET B 269 6.01 -2.41 21.04
CA MET B 269 5.03 -3.40 20.56
C MET B 269 3.75 -2.64 20.29
N GLY B 270 3.18 -2.83 19.10
CA GLY B 270 1.93 -2.13 18.80
C GLY B 270 2.04 -0.63 19.06
N ALA B 271 1.02 -0.04 19.66
CA ALA B 271 0.96 1.42 19.94
C ALA B 271 1.80 1.76 21.17
N GLY B 272 3.11 1.55 21.09
CA GLY B 272 4.06 1.91 22.14
C GLY B 272 3.78 1.13 23.43
N GLN B 273 3.26 -0.09 23.31
CA GLN B 273 2.84 -0.86 24.50
C GLN B 273 4.08 -1.49 25.10
N VAL B 274 4.02 -1.64 26.44
N VAL B 274 4.03 -1.65 26.44
CA VAL B 274 5.21 -1.97 27.26
CA VAL B 274 5.21 -1.98 27.26
C VAL B 274 4.92 -3.20 28.14
C VAL B 274 4.91 -3.21 28.14
N SER B 275 5.86 -4.13 28.17
CA SER B 275 5.88 -5.31 29.09
C SER B 275 6.17 -4.83 30.52
N VAL B 276 6.07 -5.74 31.49
N VAL B 276 6.07 -5.77 31.47
CA VAL B 276 6.45 -5.37 32.89
CA VAL B 276 6.52 -5.60 32.88
C VAL B 276 7.93 -5.00 32.92
C VAL B 276 7.93 -5.02 32.91
N ARG B 277 8.78 -5.55 32.03
CA ARG B 277 10.22 -5.20 32.00
C ARG B 277 10.38 -3.80 31.44
N GLY B 278 9.69 -3.48 30.34
CA GLY B 278 9.82 -2.14 29.76
C GLY B 278 9.32 -1.08 30.73
N ILE B 279 8.21 -1.37 31.41
CA ILE B 279 7.63 -0.40 32.37
C ILE B 279 8.64 -0.11 33.46
N ALA B 280 9.26 -1.16 34.03
CA ALA B 280 10.24 -1.00 35.12
C ALA B 280 11.43 -0.19 34.62
N GLY B 281 11.89 -0.49 33.41
CA GLY B 281 13.04 0.23 32.82
C GLY B 281 12.72 1.67 32.59
N MET B 282 11.53 1.97 32.07
CA MET B 282 11.17 3.37 31.77
C MET B 282 11.02 4.15 33.07
N ARG B 283 10.38 3.55 34.07
CA ARG B 283 10.18 4.24 35.38
C ARG B 283 11.57 4.54 35.99
N LYS B 284 12.48 3.59 35.94
CA LYS B 284 13.86 3.77 36.46
C LYS B 284 14.55 4.92 35.70
N ALA B 285 14.45 4.94 34.37
CA ALA B 285 15.11 5.98 33.56
C ALA B 285 14.53 7.35 33.93
N MET B 286 13.23 7.46 34.06
CA MET B 286 12.58 8.77 34.31
C MET B 286 12.97 9.26 35.70
N GLU B 287 13.13 8.37 36.66
CA GLU B 287 13.56 8.73 38.04
C GLU B 287 14.96 9.34 37.97
N LYS B 288 15.80 8.90 37.04
CA LYS B 288 17.15 9.48 36.80
C LYS B 288 17.13 10.68 35.83
N GLY B 289 15.97 11.21 35.43
CA GLY B 289 15.86 12.42 34.60
C GLY B 289 15.93 12.13 33.10
N VAL B 290 15.89 10.88 32.70
CA VAL B 290 15.87 10.49 31.25
C VAL B 290 14.45 10.73 30.71
N VAL B 291 14.33 11.33 29.54
CA VAL B 291 13.01 11.52 28.88
C VAL B 291 12.77 10.29 28.00
N VAL B 292 11.62 9.67 28.13
CA VAL B 292 11.23 8.47 27.34
C VAL B 292 10.14 8.86 26.36
N ILE B 293 10.36 8.49 25.11
CA ILE B 293 9.36 8.58 24.03
C ILE B 293 8.94 7.16 23.63
N ARG B 294 7.65 6.86 23.74
CA ARG B 294 7.09 5.58 23.27
C ARG B 294 6.66 5.73 21.80
N SER B 295 7.41 5.11 20.92
CA SER B 295 7.10 5.01 19.48
C SER B 295 6.66 3.56 19.20
N THR B 296 6.73 3.10 17.96
CA THR B 296 6.20 1.78 17.55
C THR B 296 7.21 1.13 16.63
N ARG B 297 7.36 -0.18 16.77
CA ARG B 297 8.19 -0.98 15.83
C ARG B 297 7.37 -1.29 14.57
N THR B 298 6.07 -1.00 14.51
CA THR B 298 5.19 -1.52 13.42
C THR B 298 5.55 -0.93 12.06
N GLY B 299 5.98 0.31 12.02
CA GLY B 299 6.36 1.01 10.77
C GLY B 299 5.48 2.21 10.44
N ASN B 300 4.31 2.34 11.03
CA ASN B 300 3.30 3.35 10.63
C ASN B 300 2.39 3.68 11.81
N GLY B 301 1.82 4.88 11.79
CA GLY B 301 0.61 5.20 12.55
C GLY B 301 0.88 5.86 13.87
N ILE B 302 -0.18 6.04 14.63
CA ILE B 302 -0.20 6.94 15.81
C ILE B 302 0.00 6.12 17.07
N VAL B 303 0.93 6.55 17.93
CA VAL B 303 0.96 6.11 19.34
C VAL B 303 0.19 7.17 20.11
N PRO B 304 -1.00 6.82 20.62
CA PRO B 304 -1.84 7.79 21.28
C PRO B 304 -1.42 7.99 22.74
N PRO B 305 -1.77 9.14 23.31
CA PRO B 305 -1.46 9.41 24.72
C PRO B 305 -2.18 8.42 25.62
N ASP B 306 -1.51 8.05 26.72
CA ASP B 306 -2.09 7.13 27.73
C ASP B 306 -1.46 7.48 29.08
N GLU B 307 -2.21 8.19 29.91
CA GLU B 307 -1.74 8.70 31.22
C GLU B 307 -1.36 7.54 32.16
N GLU B 308 -1.86 6.32 31.90
N GLU B 308 -1.85 6.31 31.89
CA GLU B 308 -1.54 5.13 32.73
CA GLU B 308 -1.55 5.14 32.74
C GLU B 308 -0.17 4.56 32.38
C GLU B 308 -0.17 4.55 32.38
N LEU B 309 0.47 4.99 31.30
CA LEU B 309 1.79 4.45 30.92
C LEU B 309 2.82 5.53 31.13
N PRO B 310 4.06 5.13 31.45
CA PRO B 310 5.15 6.07 31.57
C PRO B 310 5.52 6.65 30.18
N GLY B 311 6.18 7.79 30.23
CA GLY B 311 6.85 8.40 29.09
C GLY B 311 5.91 9.28 28.30
N LEU B 312 6.46 9.90 27.28
CA LEU B 312 5.68 10.66 26.29
C LEU B 312 5.42 9.74 25.08
N VAL B 313 4.60 10.20 24.16
CA VAL B 313 4.21 9.39 22.98
C VAL B 313 4.75 10.06 21.71
N SER B 314 5.03 9.26 20.70
CA SER B 314 5.74 9.72 19.47
C SER B 314 4.76 10.30 18.44
N ASP B 315 3.46 10.31 18.66
CA ASP B 315 2.51 10.75 17.61
C ASP B 315 2.73 9.75 16.45
N SER B 316 2.93 10.20 15.21
CA SER B 316 3.20 9.30 14.06
C SER B 316 4.69 9.23 13.75
N LEU B 317 5.56 9.78 14.61
CA LEU B 317 7.01 9.65 14.36
C LEU B 317 7.46 8.21 14.62
N ASN B 318 8.16 7.65 13.64
CA ASN B 318 8.77 6.31 13.79
C ASN B 318 9.99 6.45 14.70
N PRO B 319 10.61 5.36 15.12
CA PRO B 319 11.67 5.47 16.13
C PRO B 319 12.85 6.35 15.68
N ALA B 320 13.28 6.18 14.44
CA ALA B 320 14.45 6.94 13.92
C ALA B 320 14.14 8.44 13.92
N HIS B 321 12.97 8.83 13.45
N HIS B 321 12.96 8.84 13.44
CA HIS B 321 12.51 10.25 13.45
CA HIS B 321 12.51 10.25 13.43
C HIS B 321 12.33 10.75 14.89
C HIS B 321 12.34 10.75 14.88
N ALA B 322 11.72 9.95 15.74
CA ALA B 322 11.47 10.32 17.15
C ALA B 322 12.80 10.62 17.87
N ARG B 323 13.83 9.83 17.62
CA ARG B 323 15.16 10.08 18.23
C ARG B 323 15.66 11.47 17.78
N ILE B 324 15.59 11.77 16.48
CA ILE B 324 16.05 13.10 15.99
C ILE B 324 15.27 14.20 16.72
N LEU B 325 13.95 14.13 16.76
CA LEU B 325 13.18 15.22 17.40
C LEU B 325 13.53 15.28 18.90
N LEU B 326 13.66 14.13 19.59
CA LEU B 326 13.93 14.15 21.04
C LEU B 326 15.31 14.81 21.30
N MET B 327 16.31 14.47 20.51
CA MET B 327 17.66 15.06 20.67
C MET B 327 17.55 16.58 20.55
N LEU B 328 16.83 17.06 19.54
CA LEU B 328 16.70 18.52 19.34
C LEU B 328 15.86 19.10 20.48
N ALA B 329 14.77 18.45 20.88
CA ALA B 329 13.91 18.95 21.96
C ALA B 329 14.78 19.16 23.23
N LEU B 330 15.66 18.21 23.52
CA LEU B 330 16.46 18.20 24.76
C LEU B 330 17.49 19.35 24.73
N THR B 331 17.82 19.90 23.56
CA THR B 331 18.70 21.10 23.52
C THR B 331 17.95 22.33 24.01
N ARG B 332 16.62 22.31 24.07
CA ARG B 332 15.80 23.49 24.35
C ARG B 332 15.15 23.36 25.72
N THR B 333 14.84 22.16 26.17
CA THR B 333 13.96 22.00 27.34
C THR B 333 14.10 20.61 27.94
N SER B 334 13.75 20.50 29.21
N SER B 334 13.75 20.48 29.22
CA SER B 334 13.50 19.22 29.92
CA SER B 334 13.48 19.19 29.88
C SER B 334 12.02 19.14 30.32
C SER B 334 12.01 19.12 30.31
N ASP B 335 11.20 20.12 29.94
CA ASP B 335 9.79 20.15 30.35
C ASP B 335 9.03 19.12 29.52
N PRO B 336 8.47 18.05 30.14
CA PRO B 336 7.78 17.02 29.37
C PRO B 336 6.56 17.55 28.63
N LYS B 337 5.87 18.58 29.13
CA LYS B 337 4.69 19.14 28.45
C LYS B 337 5.13 19.79 27.13
N VAL B 338 6.27 20.47 27.14
CA VAL B 338 6.77 21.18 25.93
C VAL B 338 7.23 20.12 24.92
N ILE B 339 7.96 19.11 25.41
CA ILE B 339 8.50 18.06 24.50
C ILE B 339 7.30 17.34 23.88
N GLN B 340 6.26 17.03 24.65
CA GLN B 340 5.10 16.30 24.07
C GLN B 340 4.47 17.15 22.98
N GLU B 341 4.36 18.47 23.21
CA GLU B 341 3.72 19.37 22.22
C GLU B 341 4.60 19.37 20.95
N TYR B 342 5.92 19.36 21.07
CA TYR B 342 6.80 19.27 19.89
C TYR B 342 6.45 18.01 19.07
N PHE B 343 6.23 16.88 19.75
CA PHE B 343 5.93 15.59 19.07
C PHE B 343 4.59 15.67 18.33
N HIS B 344 3.66 16.52 18.77
CA HIS B 344 2.36 16.70 18.08
C HIS B 344 2.40 17.78 16.99
N THR B 345 3.49 18.56 16.86
CA THR B 345 3.49 19.74 15.99
C THR B 345 4.60 19.69 14.94
N TYR B 346 5.63 18.87 15.14
CA TYR B 346 6.82 18.79 14.25
C TYR B 346 6.82 17.47 13.49
N ILE C 5 -29.17 13.59 25.80
CA ILE C 5 -29.40 14.73 24.84
C ILE C 5 -30.59 14.38 23.91
N GLU C 6 -31.70 15.14 24.03
CA GLU C 6 -33.07 14.83 23.52
C GLU C 6 -33.40 15.68 22.29
N ASP C 7 -33.75 15.07 21.14
CA ASP C 7 -34.34 15.74 19.94
C ASP C 7 -35.60 16.51 20.38
N ILE C 8 -35.60 17.85 20.28
CA ILE C 8 -36.80 18.73 20.53
C ILE C 8 -37.38 19.22 19.19
N CYS C 9 -38.39 18.50 18.65
CA CYS C 9 -39.04 18.77 17.34
C CYS C 9 -40.47 19.32 17.55
N LEU C 10 -40.64 20.62 17.31
CA LEU C 10 -41.91 21.38 17.57
C LEU C 10 -42.84 21.32 16.35
N PRO C 11 -44.16 21.60 16.53
CA PRO C 11 -45.13 21.49 15.43
C PRO C 11 -45.07 22.70 14.47
N ARG C 12 -45.12 22.42 13.17
CA ARG C 12 -45.12 23.40 12.03
C ARG C 12 -43.88 24.33 12.13
N TRP C 13 -42.73 23.76 12.51
CA TRP C 13 -41.46 24.49 12.84
C TRP C 13 -40.26 23.58 12.53
N GLY C 14 -40.24 22.36 13.11
CA GLY C 14 -39.18 21.36 12.95
C GLY C 14 -38.33 21.23 14.21
N CYS C 15 -37.16 20.60 14.09
CA CYS C 15 -36.31 20.16 15.23
C CYS C 15 -35.30 21.26 15.60
N LEU C 16 -35.10 21.48 16.91
CA LEU C 16 -34.23 22.54 17.49
C LEU C 16 -32.78 22.03 17.66
N TRP C 17 -31.81 22.95 17.67
CA TRP C 17 -30.41 22.70 18.11
C TRP C 17 -30.41 22.48 19.63
N GLU C 18 -29.78 21.39 20.08
CA GLU C 18 -29.41 21.29 21.53
C GLU C 18 -28.84 22.67 21.91
N ASP C 19 -29.13 23.13 23.13
CA ASP C 19 -28.69 24.47 23.60
C ASP C 19 -27.16 24.49 23.67
N ASP C 20 -26.51 23.32 23.78
CA ASP C 20 -25.11 23.27 24.27
C ASP C 20 -24.27 24.22 23.39
N ASP C 21 -24.06 25.47 23.84
CA ASP C 21 -23.42 26.53 23.02
C ASP C 21 -21.90 26.31 23.00
N LYS C 22 -21.35 25.36 23.77
CA LYS C 22 -19.92 24.94 23.67
C LYS C 22 -19.73 24.14 22.36
N LEU C 23 -20.76 23.43 21.89
CA LEU C 23 -20.63 22.41 20.81
C LEU C 23 -20.94 23.03 19.46
N PRO C 24 -20.27 22.55 18.39
CA PRO C 24 -20.64 22.99 17.04
C PRO C 24 -21.99 22.41 16.62
N ASN C 25 -22.66 23.13 15.73
CA ASN C 25 -23.91 22.70 15.09
C ASN C 25 -23.58 22.01 13.75
N ILE C 26 -23.91 20.74 13.67
CA ILE C 26 -23.56 19.89 12.52
C ILE C 26 -24.87 19.32 11.96
N VAL C 27 -25.08 19.50 10.67
CA VAL C 27 -26.20 18.84 9.96
C VAL C 27 -25.68 17.52 9.41
N ILE C 28 -26.41 16.44 9.65
CA ILE C 28 -26.15 15.12 9.03
C ILE C 28 -27.16 15.00 7.91
N LEU C 29 -26.67 15.17 6.69
CA LEU C 29 -27.50 15.19 5.46
C LEU C 29 -27.40 13.79 4.84
N ALA C 30 -28.47 13.01 4.93
CA ALA C 30 -28.45 11.58 4.55
C ALA C 30 -28.85 11.40 3.08
N THR C 31 -28.11 10.57 2.33
CA THR C 31 -28.45 10.27 0.92
C THR C 31 -28.75 8.80 0.69
N GLY C 32 -28.45 7.93 1.67
CA GLY C 32 -28.60 6.47 1.52
C GLY C 32 -27.30 5.71 1.76
N GLY C 33 -27.05 4.72 0.93
CA GLY C 33 -25.84 3.87 1.05
C GLY C 33 -26.00 2.68 1.99
N THR C 34 -25.01 1.79 1.96
CA THR C 34 -24.94 0.61 2.85
C THR C 34 -24.92 1.07 4.32
N ILE C 35 -24.38 2.26 4.62
CA ILE C 35 -24.42 2.79 6.01
C ILE C 35 -25.86 2.81 6.53
N ALA C 36 -26.84 2.95 5.62
CA ALA C 36 -28.29 2.93 5.96
C ALA C 36 -28.92 1.63 5.43
N GLY C 37 -28.12 0.60 5.27
CA GLY C 37 -28.58 -0.73 4.82
C GLY C 37 -29.03 -1.60 5.97
N SER C 38 -30.01 -2.45 5.72
CA SER C 38 -30.71 -3.24 6.77
C SER C 38 -30.97 -4.65 6.27
N ALA C 39 -30.58 -5.67 7.01
CA ALA C 39 -30.86 -7.09 6.68
C ALA C 39 -31.41 -7.80 7.90
N ALA C 40 -31.99 -8.99 7.65
CA ALA C 40 -32.68 -9.84 8.65
C ALA C 40 -31.68 -10.46 9.64
N THR C 41 -30.41 -10.65 9.25
CA THR C 41 -29.37 -11.28 10.12
C THR C 41 -28.07 -10.44 10.07
N GLY C 42 -27.21 -10.66 11.07
CA GLY C 42 -25.90 -9.99 11.21
C GLY C 42 -24.87 -10.42 10.18
N THR C 43 -25.09 -11.53 9.46
CA THR C 43 -24.09 -12.09 8.52
C THR C 43 -24.52 -11.82 7.07
N GLN C 44 -25.70 -11.25 6.83
CA GLN C 44 -26.14 -10.90 5.46
C GLN C 44 -25.43 -9.57 5.12
N THR C 45 -24.31 -9.66 4.39
CA THR C 45 -23.44 -8.53 3.95
C THR C 45 -23.62 -8.33 2.44
N THR C 46 -24.43 -9.16 1.77
CA THR C 46 -25.01 -8.89 0.41
C THR C 46 -26.49 -9.33 0.42
N GLY C 47 -27.41 -8.58 -0.24
CA GLY C 47 -28.85 -8.88 -0.34
C GLY C 47 -29.74 -7.98 0.53
N TYR C 48 -29.16 -7.12 1.38
CA TYR C 48 -29.84 -6.24 2.36
C TYR C 48 -30.66 -5.16 1.62
N LYS C 49 -31.45 -4.39 2.35
CA LYS C 49 -32.30 -3.30 1.79
C LYS C 49 -31.61 -1.94 2.04
N ILE C 50 -31.49 -1.08 1.01
CA ILE C 50 -31.27 0.38 1.24
C ILE C 50 -32.56 1.11 0.90
N GLY C 51 -32.95 2.11 1.72
CA GLY C 51 -34.15 2.95 1.49
C GLY C 51 -35.09 2.93 2.68
N ALA C 52 -34.85 2.05 3.66
CA ALA C 52 -35.73 1.80 4.82
C ALA C 52 -35.23 2.55 6.05
N LEU C 53 -33.93 2.82 6.17
CA LEU C 53 -33.30 3.33 7.41
C LEU C 53 -33.05 4.84 7.34
N GLY C 54 -33.74 5.61 8.18
CA GLY C 54 -33.67 7.08 8.14
C GLY C 54 -32.50 7.61 8.93
N VAL C 55 -32.18 8.88 8.70
CA VAL C 55 -31.01 9.53 9.34
C VAL C 55 -31.17 9.52 10.87
N ASP C 56 -32.40 9.64 11.41
CA ASP C 56 -32.58 9.67 12.89
C ASP C 56 -32.21 8.29 13.47
N THR C 57 -32.47 7.19 12.75
CA THR C 57 -32.07 5.83 13.18
C THR C 57 -30.53 5.72 13.23
N LEU C 58 -29.83 6.26 12.25
CA LEU C 58 -28.35 6.30 12.27
C LEU C 58 -27.86 7.08 13.49
N ILE C 59 -28.43 8.26 13.71
CA ILE C 59 -28.02 9.13 14.85
C ILE C 59 -28.29 8.36 16.16
N ASN C 60 -29.45 7.73 16.29
CA ASN C 60 -29.86 7.06 17.56
C ASN C 60 -29.01 5.84 17.83
N ALA C 61 -28.40 5.26 16.80
CA ALA C 61 -27.50 4.09 16.95
C ALA C 61 -26.17 4.53 17.55
N VAL C 62 -25.78 5.81 17.46
CA VAL C 62 -24.52 6.35 18.03
C VAL C 62 -24.80 7.63 18.79
N PRO C 63 -25.55 7.54 19.91
CA PRO C 63 -25.93 8.75 20.67
C PRO C 63 -24.71 9.54 21.18
N GLU C 64 -23.53 8.91 21.23
CA GLU C 64 -22.25 9.57 21.59
C GLU C 64 -22.00 10.77 20.67
N VAL C 65 -22.56 10.78 19.46
CA VAL C 65 -22.38 11.91 18.50
C VAL C 65 -22.87 13.21 19.16
N LYS C 66 -23.87 13.10 20.04
CA LYS C 66 -24.49 14.30 20.69
C LYS C 66 -23.53 14.93 21.72
N LYS C 67 -22.49 14.23 22.15
CA LYS C 67 -21.41 14.82 23.00
C LYS C 67 -20.39 15.58 22.15
N LEU C 68 -20.32 15.35 20.83
CA LEU C 68 -19.32 16.03 19.97
C LEU C 68 -19.92 17.25 19.28
N ALA C 69 -21.23 17.24 19.07
CA ALA C 69 -21.91 18.29 18.31
C ALA C 69 -23.39 18.33 18.66
N ASN C 70 -24.00 19.47 18.41
CA ASN C 70 -25.48 19.54 18.30
C ASN C 70 -25.84 19.07 16.88
N VAL C 71 -26.44 17.90 16.75
CA VAL C 71 -26.66 17.29 15.40
C VAL C 71 -28.13 17.48 15.03
N LYS C 72 -28.38 17.81 13.79
CA LYS C 72 -29.70 17.78 13.14
C LYS C 72 -29.59 16.86 11.92
N GLY C 73 -30.44 15.84 11.83
CA GLY C 73 -30.56 14.99 10.64
C GLY C 73 -31.46 15.63 9.60
N GLU C 74 -31.09 15.53 8.33
CA GLU C 74 -31.97 15.92 7.21
C GLU C 74 -31.92 14.81 6.18
N GLN C 75 -33.06 14.28 5.79
CA GLN C 75 -33.13 13.19 4.78
C GLN C 75 -33.16 13.79 3.37
N PHE C 76 -32.04 13.78 2.66
CA PHE C 76 -31.95 14.36 1.29
C PHE C 76 -32.45 13.30 0.31
N SER C 77 -32.03 12.06 0.48
CA SER C 77 -32.44 10.93 -0.38
C SER C 77 -32.21 9.64 0.38
N ASN C 78 -32.52 8.50 -0.19
CA ASN C 78 -32.25 7.23 0.53
C ASN C 78 -32.03 6.17 -0.55
N MET C 79 -30.95 6.33 -1.31
CA MET C 79 -30.68 5.43 -2.46
C MET C 79 -29.31 4.76 -2.30
N ALA C 80 -29.15 3.65 -3.02
CA ALA C 80 -27.85 3.01 -3.27
C ALA C 80 -27.07 3.92 -4.21
N SER C 81 -25.80 4.18 -3.92
CA SER C 81 -25.04 5.23 -4.63
C SER C 81 -24.72 4.83 -6.07
N GLN C 82 -24.86 3.56 -6.43
CA GLN C 82 -24.71 3.18 -7.86
C GLN C 82 -25.85 3.82 -8.66
N ASN C 83 -26.89 4.31 -7.99
CA ASN C 83 -28.02 4.99 -8.66
C ASN C 83 -27.92 6.51 -8.53
N MET C 84 -26.88 7.04 -7.89
CA MET C 84 -26.70 8.51 -7.80
C MET C 84 -26.44 9.07 -9.20
N THR C 85 -27.06 10.20 -9.52
CA THR C 85 -27.02 10.86 -10.84
C THR C 85 -26.56 12.29 -10.67
N GLY C 86 -25.99 12.88 -11.71
CA GLY C 86 -25.47 14.26 -11.73
C GLY C 86 -26.58 15.26 -11.37
N ASP C 87 -27.80 15.03 -11.81
CA ASP C 87 -28.89 16.01 -11.50
C ASP C 87 -29.12 16.01 -9.98
N VAL C 88 -29.03 14.84 -9.33
CA VAL C 88 -29.21 14.75 -7.86
C VAL C 88 -27.97 15.33 -7.15
N VAL C 89 -26.77 15.03 -7.66
CA VAL C 89 -25.54 15.57 -7.05
C VAL C 89 -25.58 17.12 -7.14
N LEU C 90 -26.03 17.64 -8.27
CA LEU C 90 -26.18 19.09 -8.45
C LEU C 90 -27.06 19.66 -7.31
N LYS C 91 -28.21 19.05 -7.08
CA LYS C 91 -29.13 19.51 -6.02
C LYS C 91 -28.46 19.35 -4.64
N LEU C 92 -27.69 18.28 -4.43
CA LEU C 92 -26.95 18.07 -3.16
C LEU C 92 -25.96 19.22 -2.94
N SER C 93 -25.17 19.59 -3.95
CA SER C 93 -24.23 20.74 -3.90
C SER C 93 -24.98 22.03 -3.52
N GLN C 94 -26.13 22.24 -4.15
CA GLN C 94 -26.90 23.50 -3.97
C GLN C 94 -27.43 23.51 -2.52
N ARG C 95 -27.92 22.39 -2.02
CA ARG C 95 -28.46 22.30 -0.64
C ARG C 95 -27.33 22.51 0.36
N VAL C 96 -26.17 21.89 0.14
CA VAL C 96 -25.03 22.10 1.07
C VAL C 96 -24.62 23.56 1.07
N ASN C 97 -24.56 24.20 -0.09
CA ASN C 97 -24.21 25.64 -0.15
C ASN C 97 -25.24 26.46 0.65
N GLU C 98 -26.52 26.12 0.56
CA GLU C 98 -27.59 26.84 1.32
C GLU C 98 -27.36 26.64 2.84
N LEU C 99 -27.04 25.42 3.26
CA LEU C 99 -26.84 25.12 4.69
C LEU C 99 -25.63 25.86 5.22
N LEU C 100 -24.50 25.84 4.49
CA LEU C 100 -23.25 26.41 4.99
C LEU C 100 -23.33 27.96 5.02
N ALA C 101 -24.25 28.55 4.26
CA ALA C 101 -24.42 30.02 4.24
C ALA C 101 -25.09 30.46 5.55
N ARG C 102 -25.72 29.55 6.29
CA ARG C 102 -26.39 29.87 7.56
C ARG C 102 -25.37 30.03 8.69
N ASP C 103 -25.59 31.04 9.54
CA ASP C 103 -24.76 31.26 10.76
C ASP C 103 -24.95 30.11 11.75
N ASP C 104 -26.09 29.42 11.77
CA ASP C 104 -26.35 28.38 12.79
C ASP C 104 -25.82 27.01 12.29
N VAL C 105 -25.06 26.95 11.19
CA VAL C 105 -24.47 25.65 10.71
C VAL C 105 -22.96 25.77 10.66
N ASP C 106 -22.26 24.91 11.40
CA ASP C 106 -20.79 24.99 11.48
C ASP C 106 -20.16 23.99 10.50
N GLY C 107 -20.90 22.99 10.08
CA GLY C 107 -20.40 21.96 9.12
C GLY C 107 -21.48 20.98 8.77
N VAL C 108 -21.22 20.14 7.77
CA VAL C 108 -22.18 19.14 7.28
C VAL C 108 -21.46 17.81 7.12
N VAL C 109 -22.12 16.78 7.61
CA VAL C 109 -21.72 15.37 7.36
C VAL C 109 -22.73 14.81 6.38
N ILE C 110 -22.28 14.16 5.31
CA ILE C 110 -23.18 13.61 4.29
C ILE C 110 -23.02 12.10 4.28
N THR C 111 -24.07 11.35 4.64
CA THR C 111 -24.04 9.88 4.59
C THR C 111 -24.32 9.47 3.14
N HIS C 112 -23.57 8.51 2.62
CA HIS C 112 -23.62 8.16 1.19
C HIS C 112 -23.13 6.74 0.99
N GLY C 113 -23.53 6.14 -0.10
CA GLY C 113 -23.00 4.83 -0.51
C GLY C 113 -21.53 4.95 -0.86
N THR C 114 -20.78 3.87 -0.68
CA THR C 114 -19.34 3.86 -0.97
C THR C 114 -19.09 3.86 -2.47
N ASP C 115 -20.00 3.27 -3.28
CA ASP C 115 -19.68 2.95 -4.69
C ASP C 115 -19.37 4.21 -5.48
N THR C 116 -20.08 5.33 -5.26
CA THR C 116 -19.85 6.56 -6.04
C THR C 116 -19.64 7.76 -5.13
N VAL C 117 -19.33 7.54 -3.85
CA VAL C 117 -18.99 8.68 -2.95
C VAL C 117 -17.84 9.51 -3.53
N GLU C 118 -16.85 8.91 -4.20
CA GLU C 118 -15.71 9.70 -4.70
C GLU C 118 -16.17 10.68 -5.77
N GLU C 119 -17.23 10.35 -6.53
CA GLU C 119 -17.78 11.20 -7.59
C GLU C 119 -18.58 12.34 -6.92
N SER C 120 -19.51 12.02 -6.05
CA SER C 120 -20.30 13.04 -5.32
C SER C 120 -19.36 13.95 -4.52
N ALA C 121 -18.39 13.39 -3.82
CA ALA C 121 -17.52 14.20 -2.96
C ALA C 121 -16.69 15.15 -3.81
N TYR C 122 -16.15 14.67 -4.93
CA TYR C 122 -15.29 15.54 -5.77
C TYR C 122 -16.15 16.64 -6.40
N PHE C 123 -17.40 16.33 -6.78
CA PHE C 123 -18.32 17.35 -7.33
C PHE C 123 -18.48 18.48 -6.30
N LEU C 124 -18.78 18.14 -5.05
CA LEU C 124 -18.95 19.17 -4.00
C LEU C 124 -17.63 19.86 -3.70
N HIS C 125 -16.51 19.15 -3.77
CA HIS C 125 -15.17 19.73 -3.55
C HIS C 125 -14.98 20.92 -4.48
N LEU C 126 -15.50 20.80 -5.70
CA LEU C 126 -15.28 21.87 -6.70
C LEU C 126 -16.35 22.97 -6.61
N THR C 127 -17.49 22.71 -6.00
CA THR C 127 -18.68 23.57 -6.16
C THR C 127 -19.16 24.16 -4.83
N VAL C 128 -18.68 23.67 -3.69
CA VAL C 128 -19.13 24.21 -2.38
C VAL C 128 -18.31 25.49 -2.10
N LYS C 129 -18.99 26.61 -1.92
CA LYS C 129 -18.31 27.92 -1.79
C LYS C 129 -18.18 28.31 -0.32
N SER C 130 -17.62 27.43 0.51
CA SER C 130 -17.48 27.66 1.99
C SER C 130 -16.21 26.96 2.45
N ASP C 131 -15.56 27.49 3.49
CA ASP C 131 -14.46 26.83 4.20
C ASP C 131 -15.01 25.95 5.33
N LYS C 132 -16.30 26.00 5.62
CA LYS C 132 -16.88 25.14 6.67
C LYS C 132 -16.73 23.69 6.24
N PRO C 133 -16.46 22.76 7.17
CA PRO C 133 -16.23 21.38 6.77
C PRO C 133 -17.44 20.71 6.15
N VAL C 134 -17.17 19.96 5.09
CA VAL C 134 -18.11 19.06 4.41
C VAL C 134 -17.44 17.68 4.41
N VAL C 135 -18.03 16.75 5.11
CA VAL C 135 -17.44 15.43 5.38
C VAL C 135 -18.41 14.38 4.89
N PHE C 136 -18.06 13.70 3.82
CA PHE C 136 -18.79 12.49 3.37
C PHE C 136 -18.40 11.31 4.26
N VAL C 137 -19.38 10.48 4.58
CA VAL C 137 -19.20 9.27 5.40
C VAL C 137 -20.01 8.15 4.80
N ALA C 138 -19.49 6.93 4.91
CA ALA C 138 -20.08 5.74 4.29
C ALA C 138 -19.68 4.53 5.15
N ALA C 139 -20.20 3.37 4.79
CA ALA C 139 -19.90 2.11 5.50
C ALA C 139 -19.87 0.99 4.47
N MET C 140 -18.94 0.06 4.64
CA MET C 140 -18.85 -1.10 3.74
C MET C 140 -19.75 -2.23 4.22
N ARG C 141 -20.16 -2.22 5.46
CA ARG C 141 -21.07 -3.27 5.99
C ARG C 141 -22.38 -2.57 6.36
N PRO C 142 -23.52 -3.26 6.20
CA PRO C 142 -24.80 -2.68 6.56
C PRO C 142 -24.91 -2.47 8.08
N ALA C 143 -25.83 -1.59 8.46
CA ALA C 143 -26.03 -1.16 9.86
C ALA C 143 -26.32 -2.37 10.74
N THR C 144 -26.89 -3.41 10.17
CA THR C 144 -27.33 -4.64 10.89
C THR C 144 -26.21 -5.67 10.95
N ALA C 145 -25.06 -5.42 10.32
CA ALA C 145 -23.97 -6.41 10.29
C ALA C 145 -23.30 -6.55 11.66
N ILE C 146 -22.75 -7.73 11.86
CA ILE C 146 -21.77 -7.96 12.94
C ILE C 146 -20.56 -7.05 12.63
N SER C 147 -20.08 -6.33 13.62
CA SER C 147 -18.92 -5.44 13.48
C SER C 147 -19.17 -4.42 12.35
N ALA C 148 -20.38 -3.91 12.24
CA ALA C 148 -20.71 -2.85 11.27
C ALA C 148 -19.78 -1.66 11.50
N ASP C 149 -19.28 -1.07 10.42
CA ASP C 149 -18.28 0.03 10.47
C ASP C 149 -18.98 1.38 10.50
N GLY C 150 -20.25 1.46 10.11
CA GLY C 150 -20.91 2.75 9.96
C GLY C 150 -20.97 3.57 11.24
N PRO C 151 -21.30 2.96 12.40
CA PRO C 151 -21.35 3.74 13.66
C PRO C 151 -20.08 4.53 13.99
N MET C 152 -18.92 3.85 13.96
CA MET C 152 -17.66 4.53 14.27
C MET C 152 -17.33 5.50 13.12
N ASN C 153 -17.60 5.15 11.86
CA ASN C 153 -17.28 6.07 10.74
C ASN C 153 -18.08 7.37 10.94
N LEU C 154 -19.34 7.25 11.33
CA LEU C 154 -20.22 8.45 11.52
C LEU C 154 -19.71 9.30 12.69
N LEU C 155 -19.33 8.66 13.80
CA LEU C 155 -18.83 9.39 14.97
C LEU C 155 -17.57 10.14 14.58
N GLU C 156 -16.67 9.48 13.83
CA GLU C 156 -15.42 10.11 13.33
C GLU C 156 -15.76 11.28 12.42
N ALA C 157 -16.74 11.12 11.52
CA ALA C 157 -17.12 12.15 10.55
C ALA C 157 -17.63 13.38 11.29
N VAL C 158 -18.45 13.15 12.31
CA VAL C 158 -18.95 14.28 13.14
C VAL C 158 -17.81 14.98 13.88
N ARG C 159 -16.89 14.23 14.47
CA ARG C 159 -15.72 14.82 15.14
C ARG C 159 -14.96 15.71 14.14
N VAL C 160 -14.72 15.20 12.93
CA VAL C 160 -13.98 16.01 11.91
C VAL C 160 -14.80 17.27 11.56
N ALA C 161 -16.09 17.13 11.30
CA ALA C 161 -16.92 18.24 10.78
C ALA C 161 -17.00 19.35 11.85
N GLY C 162 -16.94 18.97 13.13
CA GLY C 162 -17.07 19.90 14.26
C GLY C 162 -15.77 20.56 14.68
N ASP C 163 -14.61 20.11 14.21
CA ASP C 163 -13.31 20.62 14.71
C ASP C 163 -12.95 21.91 13.96
N LYS C 164 -12.63 22.98 14.67
CA LYS C 164 -12.23 24.27 14.03
C LYS C 164 -11.03 24.04 13.11
N GLN C 165 -10.16 23.09 13.45
CA GLN C 165 -8.92 22.81 12.65
C GLN C 165 -9.28 22.18 11.31
N SER C 166 -10.51 21.73 11.12
CA SER C 166 -10.94 21.06 9.87
C SER C 166 -11.29 22.05 8.78
N ARG C 167 -11.37 23.36 9.07
CA ARG C 167 -11.84 24.34 8.08
C ARG C 167 -10.82 24.50 6.95
N GLY C 168 -11.31 24.79 5.75
CA GLY C 168 -10.48 25.20 4.61
C GLY C 168 -9.68 24.04 4.04
N ARG C 169 -10.11 22.79 4.27
CA ARG C 169 -9.32 21.62 3.81
C ARG C 169 -9.87 20.99 2.53
N GLY C 170 -10.95 21.53 1.99
CA GLY C 170 -11.66 20.87 0.88
C GLY C 170 -12.61 19.83 1.41
N VAL C 171 -13.31 19.16 0.51
CA VAL C 171 -14.28 18.14 0.92
C VAL C 171 -13.52 16.89 1.35
N MET C 172 -14.04 16.25 2.37
CA MET C 172 -13.35 15.09 3.01
C MET C 172 -14.26 13.86 2.95
N VAL C 173 -13.62 12.69 2.89
CA VAL C 173 -14.29 11.38 2.94
C VAL C 173 -13.71 10.63 4.14
N VAL C 174 -14.57 10.25 5.09
CA VAL C 174 -14.11 9.65 6.35
C VAL C 174 -14.66 8.24 6.47
N LEU C 175 -13.76 7.26 6.52
CA LEU C 175 -14.07 5.85 6.86
C LEU C 175 -12.85 5.28 7.57
N ASN C 176 -13.06 4.30 8.46
CA ASN C 176 -11.96 3.40 8.90
C ASN C 176 -10.82 4.27 9.48
N ASP C 177 -11.13 5.32 10.25
CA ASP C 177 -10.16 6.13 11.01
C ASP C 177 -9.35 7.05 10.09
N ARG C 178 -9.69 7.15 8.80
CA ARG C 178 -8.93 7.96 7.83
C ARG C 178 -9.75 9.12 7.30
N ILE C 179 -9.07 10.22 7.00
CA ILE C 179 -9.67 11.44 6.39
C ILE C 179 -9.02 11.58 5.01
N GLY C 180 -9.79 11.34 3.97
CA GLY C 180 -9.28 11.45 2.59
C GLY C 180 -9.77 12.73 1.93
N SER C 181 -8.91 13.35 1.13
CA SER C 181 -9.36 14.44 0.25
C SER C 181 -10.25 13.89 -0.86
N ALA C 182 -11.36 14.55 -1.15
CA ALA C 182 -12.23 14.21 -2.29
C ALA C 182 -11.44 14.09 -3.59
N ARG C 183 -10.39 14.89 -3.77
CA ARG C 183 -9.65 14.96 -5.04
C ARG C 183 -8.77 13.69 -5.21
N TYR C 184 -8.31 13.08 -4.12
CA TYR C 184 -7.33 11.95 -4.21
C TYR C 184 -7.94 10.60 -3.83
N ILE C 185 -8.89 10.61 -2.89
CA ILE C 185 -9.41 9.34 -2.31
C ILE C 185 -10.25 8.60 -3.34
N THR C 186 -10.15 7.28 -3.33
CA THR C 186 -10.93 6.43 -4.23
C THR C 186 -11.23 5.13 -3.52
N LYS C 187 -12.31 4.49 -3.91
CA LYS C 187 -12.61 3.12 -3.48
C LYS C 187 -11.68 2.17 -4.23
N THR C 188 -10.69 1.59 -3.56
CA THR C 188 -9.62 0.81 -4.23
C THR C 188 -9.96 -0.70 -4.24
N ASN C 189 -10.91 -1.11 -3.42
CA ASN C 189 -11.25 -2.53 -3.24
C ASN C 189 -12.77 -2.65 -3.27
N ALA C 190 -13.26 -3.66 -3.97
CA ALA C 190 -14.70 -3.94 -4.12
C ALA C 190 -15.36 -4.06 -2.75
N SER C 191 -14.69 -4.66 -1.76
CA SER C 191 -15.45 -5.26 -0.62
C SER C 191 -14.84 -5.03 0.76
N THR C 192 -13.67 -4.41 0.93
CA THR C 192 -12.99 -4.36 2.26
C THR C 192 -13.31 -3.07 3.01
N LEU C 193 -13.18 -3.11 4.34
CA LEU C 193 -13.47 -1.94 5.20
C LEU C 193 -12.45 -0.83 4.93
N ASP C 194 -11.23 -1.21 4.56
CA ASP C 194 -10.10 -0.25 4.39
C ASP C 194 -9.95 0.15 2.91
N THR C 195 -10.98 -0.04 2.13
CA THR C 195 -11.00 0.20 0.66
C THR C 195 -10.57 1.63 0.27
N PHE C 196 -10.96 2.67 1.01
CA PHE C 196 -10.66 4.05 0.65
C PHE C 196 -9.21 4.38 0.96
N LYS C 197 -8.45 4.60 -0.10
CA LYS C 197 -7.02 4.93 -0.04
C LYS C 197 -6.67 5.90 -1.16
N ALA C 198 -5.59 6.63 -0.98
CA ALA C 198 -4.95 7.45 -2.02
C ALA C 198 -3.49 7.03 -2.03
N ASN C 199 -3.18 6.03 -2.84
CA ASN C 199 -1.88 5.32 -2.68
C ASN C 199 -0.72 6.34 -2.80
N GLU C 200 -0.80 7.29 -3.70
CA GLU C 200 0.34 8.20 -3.96
C GLU C 200 0.23 9.45 -3.10
N GLU C 201 -0.95 9.83 -2.65
CA GLU C 201 -1.18 11.14 -2.00
C GLU C 201 -1.48 11.01 -0.51
N GLY C 202 -1.74 9.80 -0.02
CA GLY C 202 -2.06 9.61 1.39
C GLY C 202 -3.35 10.26 1.81
N TYR C 203 -3.52 10.26 3.14
CA TYR C 203 -4.70 10.84 3.80
C TYR C 203 -4.36 12.26 4.26
N LEU C 204 -5.38 13.10 4.25
CA LEU C 204 -5.27 14.43 4.89
C LEU C 204 -5.00 14.28 6.38
N GLY C 205 -5.57 13.24 6.99
CA GLY C 205 -5.40 13.02 8.42
C GLY C 205 -5.94 11.68 8.84
N VAL C 206 -5.82 11.39 10.14
CA VAL C 206 -6.36 10.16 10.71
C VAL C 206 -7.01 10.52 12.05
N ILE C 207 -7.90 9.66 12.50
CA ILE C 207 -8.64 9.85 13.79
C ILE C 207 -8.33 8.64 14.63
N ILE C 208 -7.55 8.81 15.69
CA ILE C 208 -7.09 7.68 16.54
C ILE C 208 -7.29 8.13 17.99
N GLY C 209 -7.86 7.26 18.80
CA GLY C 209 -8.06 7.56 20.23
C GLY C 209 -8.87 8.84 20.41
N ASN C 210 -9.87 9.05 19.59
CA ASN C 210 -10.78 10.23 19.70
C ASN C 210 -10.03 11.55 19.46
N ARG C 211 -8.91 11.53 18.74
CA ARG C 211 -8.16 12.75 18.42
C ARG C 211 -7.91 12.76 16.90
N ILE C 212 -8.00 13.94 16.30
CA ILE C 212 -7.69 14.14 14.87
C ILE C 212 -6.23 14.51 14.73
N TYR C 213 -5.54 13.82 13.85
CA TYR C 213 -4.14 14.10 13.52
C TYR C 213 -4.12 14.53 12.04
N TYR C 214 -3.96 15.82 11.80
CA TYR C 214 -3.87 16.34 10.40
C TYR C 214 -2.43 16.18 9.94
N GLN C 215 -2.30 15.64 8.72
CA GLN C 215 -1.01 15.32 8.12
C GLN C 215 -0.69 16.25 6.94
N ASN C 216 -1.65 16.50 6.07
CA ASN C 216 -1.44 17.15 4.76
C ASN C 216 -2.52 18.17 4.52
N ARG C 217 -2.20 19.21 3.73
CA ARG C 217 -3.22 20.03 3.05
C ARG C 217 -3.04 19.79 1.56
N ILE C 218 -4.11 19.56 0.83
CA ILE C 218 -3.98 19.31 -0.62
C ILE C 218 -3.50 20.60 -1.31
N ASP C 219 -2.58 20.47 -2.25
CA ASP C 219 -2.00 21.61 -2.99
C ASP C 219 -2.75 21.76 -4.30
N LYS C 220 -4.07 21.95 -4.22
CA LYS C 220 -4.95 22.07 -5.40
C LYS C 220 -6.03 23.09 -5.05
N LEU C 221 -6.67 23.63 -6.07
CA LEU C 221 -7.80 24.57 -5.89
C LEU C 221 -9.04 23.79 -5.53
N HIS C 222 -9.83 24.37 -4.62
CA HIS C 222 -11.12 23.75 -4.22
C HIS C 222 -11.97 24.80 -3.54
N THR C 223 -13.21 24.42 -3.27
CA THR C 223 -14.21 25.13 -2.47
C THR C 223 -14.13 26.65 -2.73
N THR C 224 -13.65 27.42 -1.77
CA THR C 224 -13.73 28.90 -1.82
C THR C 224 -12.77 29.47 -2.86
N ARG C 225 -11.80 28.71 -3.36
CA ARG C 225 -10.89 29.22 -4.40
C ARG C 225 -11.22 28.59 -5.77
N SER C 226 -12.33 27.90 -5.90
CA SER C 226 -12.71 27.21 -7.15
C SER C 226 -13.55 28.15 -8.01
N VAL C 227 -13.33 28.12 -9.33
CA VAL C 227 -14.17 28.93 -10.27
C VAL C 227 -15.48 28.24 -10.55
N PHE C 228 -15.64 26.98 -10.19
CA PHE C 228 -16.86 26.22 -10.55
C PHE C 228 -17.99 26.62 -9.62
N ASP C 229 -19.04 27.18 -10.19
CA ASP C 229 -20.24 27.60 -9.44
C ASP C 229 -21.41 27.06 -10.24
N VAL C 230 -22.23 26.22 -9.62
CA VAL C 230 -23.36 25.56 -10.30
C VAL C 230 -24.66 25.96 -9.65
N ARG C 231 -24.63 26.94 -8.73
CA ARG C 231 -25.90 27.49 -8.17
C ARG C 231 -26.67 28.08 -9.36
N GLY C 232 -27.94 27.79 -9.39
CA GLY C 232 -28.81 28.29 -10.46
C GLY C 232 -28.85 27.35 -11.64
N LEU C 233 -27.96 26.34 -11.75
CA LEU C 233 -28.05 25.37 -12.85
C LEU C 233 -29.15 24.35 -12.55
N THR C 234 -29.78 23.83 -13.60
CA THR C 234 -30.70 22.70 -13.54
C THR C 234 -30.20 21.60 -14.47
N SER C 235 -29.14 21.82 -15.22
CA SER C 235 -28.62 20.76 -16.12
C SER C 235 -27.09 20.83 -16.22
N LEU C 236 -26.51 19.70 -16.59
CA LEU C 236 -25.06 19.52 -16.68
C LEU C 236 -24.74 18.89 -18.02
N PRO C 237 -23.55 19.17 -18.59
CA PRO C 237 -23.11 18.48 -19.80
C PRO C 237 -22.99 16.96 -19.62
N LYS C 238 -23.30 16.25 -20.70
CA LYS C 238 -23.19 14.80 -20.80
C LYS C 238 -21.75 14.40 -21.04
N VAL C 239 -21.24 13.51 -20.18
CA VAL C 239 -19.84 12.99 -20.31
C VAL C 239 -19.89 11.48 -20.10
N ASP C 240 -19.39 10.72 -21.06
CA ASP C 240 -19.30 9.25 -20.93
C ASP C 240 -17.84 8.82 -20.71
N ILE C 241 -17.68 7.64 -20.18
CA ILE C 241 -16.34 7.02 -19.92
C ILE C 241 -16.26 5.77 -20.75
N LEU C 242 -15.21 5.64 -21.56
CA LEU C 242 -14.91 4.46 -22.38
C LEU C 242 -13.61 3.85 -21.86
N TYR C 243 -13.59 2.54 -21.80
CA TYR C 243 -12.45 1.76 -21.30
C TYR C 243 -11.47 1.48 -22.44
N GLY C 244 -10.19 1.40 -22.10
CA GLY C 244 -9.10 1.04 -23.01
C GLY C 244 -8.63 -0.35 -22.69
N TYR C 245 -8.48 -1.18 -23.73
CA TYR C 245 -8.10 -2.60 -23.57
C TYR C 245 -7.76 -3.14 -24.95
N GLN C 246 -7.13 -4.33 -24.97
CA GLN C 246 -6.83 -4.99 -26.28
C GLN C 246 -8.15 -5.13 -27.07
N ASP C 247 -8.17 -4.78 -28.35
CA ASP C 247 -9.34 -4.94 -29.25
C ASP C 247 -10.48 -4.00 -28.88
N ASP C 248 -10.18 -2.90 -28.17
CA ASP C 248 -11.25 -1.92 -27.83
C ASP C 248 -11.89 -1.42 -29.13
N PRO C 249 -13.23 -1.37 -29.21
CA PRO C 249 -13.89 -1.00 -30.46
C PRO C 249 -14.11 0.49 -30.71
N GLU C 250 -13.96 0.86 -31.99
CA GLU C 250 -14.29 2.24 -32.45
C GLU C 250 -15.79 2.52 -32.28
N TYR C 251 -16.63 1.50 -32.38
CA TYR C 251 -18.08 1.73 -32.48
C TYR C 251 -18.60 2.40 -31.20
N LEU C 252 -17.95 2.20 -30.05
CA LEU C 252 -18.47 2.83 -28.80
C LEU C 252 -18.24 4.34 -28.86
N TYR C 253 -17.19 4.83 -29.53
CA TYR C 253 -17.02 6.29 -29.78
C TYR C 253 -18.18 6.79 -30.65
N ASP C 254 -18.48 6.05 -31.73
CA ASP C 254 -19.59 6.42 -32.65
C ASP C 254 -20.90 6.52 -31.87
N ALA C 255 -21.16 5.56 -30.99
CA ALA C 255 -22.41 5.54 -30.19
C ALA C 255 -22.46 6.78 -29.30
N ALA C 256 -21.35 7.10 -28.62
CA ALA C 256 -21.31 8.27 -27.72
C ALA C 256 -21.58 9.54 -28.53
N ILE C 257 -20.94 9.68 -29.69
CA ILE C 257 -21.11 10.87 -30.58
C ILE C 257 -22.58 10.97 -30.99
N GLN C 258 -23.19 9.86 -31.41
CA GLN C 258 -24.59 9.86 -31.89
C GLN C 258 -25.52 10.22 -30.74
N HIS C 259 -25.13 10.01 -29.48
CA HIS C 259 -26.03 10.34 -28.34
C HIS C 259 -25.71 11.73 -27.75
N GLY C 260 -24.89 12.51 -28.42
CA GLY C 260 -24.75 13.95 -28.07
C GLY C 260 -23.84 14.18 -26.87
N VAL C 261 -22.90 13.28 -26.57
CA VAL C 261 -21.94 13.57 -25.45
C VAL C 261 -21.22 14.87 -25.73
N LYS C 262 -20.92 15.64 -24.69
CA LYS C 262 -20.05 16.82 -24.81
C LYS C 262 -18.61 16.46 -24.47
N GLY C 263 -18.44 15.38 -23.70
CA GLY C 263 -17.10 14.95 -23.28
C GLY C 263 -17.00 13.46 -23.27
N ILE C 264 -15.80 12.97 -23.51
CA ILE C 264 -15.48 11.53 -23.30
C ILE C 264 -14.23 11.50 -22.42
N VAL C 265 -14.33 10.74 -21.34
CA VAL C 265 -13.15 10.36 -20.53
C VAL C 265 -12.78 8.95 -20.95
N TYR C 266 -11.52 8.77 -21.25
CA TYR C 266 -10.93 7.51 -21.70
C TYR C 266 -10.13 6.89 -20.54
N ALA C 267 -10.56 5.73 -20.08
CA ALA C 267 -9.88 4.97 -19.01
C ALA C 267 -8.79 4.15 -19.71
N GLY C 268 -7.68 4.82 -19.99
CA GLY C 268 -6.72 4.32 -20.97
C GLY C 268 -5.86 3.17 -20.46
N MET C 269 -5.25 2.47 -21.41
CA MET C 269 -4.18 1.50 -21.16
C MET C 269 -2.95 2.31 -20.71
N GLY C 270 -2.37 1.93 -19.58
CA GLY C 270 -1.20 2.63 -19.04
C GLY C 270 -1.44 4.12 -18.96
N ALA C 271 -0.50 4.93 -19.44
CA ALA C 271 -0.57 6.39 -19.35
C ALA C 271 -1.48 6.97 -20.45
N GLY C 272 -2.75 6.60 -20.45
CA GLY C 272 -3.76 7.13 -21.36
C GLY C 272 -3.45 6.74 -22.81
N GLN C 273 -2.82 5.59 -23.01
CA GLN C 273 -2.40 5.16 -24.36
C GLN C 273 -3.60 4.58 -25.09
N VAL C 274 -3.59 4.78 -26.41
CA VAL C 274 -4.77 4.57 -27.28
C VAL C 274 -4.37 3.66 -28.46
N SER C 275 -5.22 2.70 -28.77
CA SER C 275 -5.10 1.82 -29.96
C SER C 275 -5.41 2.63 -31.21
N VAL C 276 -5.12 2.06 -32.38
CA VAL C 276 -5.49 2.74 -33.66
C VAL C 276 -7.00 2.93 -33.71
N ARG C 277 -7.79 2.03 -33.11
CA ARG C 277 -9.26 2.14 -33.10
C ARG C 277 -9.68 3.30 -32.18
N GLY C 278 -9.12 3.39 -30.98
CA GLY C 278 -9.42 4.51 -30.09
C GLY C 278 -9.06 5.84 -30.72
N ILE C 279 -7.91 5.92 -31.38
CA ILE C 279 -7.47 7.18 -32.01
C ILE C 279 -8.50 7.61 -33.06
N ALA C 280 -8.95 6.68 -33.90
CA ALA C 280 -9.96 6.96 -34.95
C ALA C 280 -11.25 7.46 -34.28
N GLY C 281 -11.67 6.82 -33.19
CA GLY C 281 -12.87 7.24 -32.46
C GLY C 281 -12.70 8.64 -31.87
N MET C 282 -11.56 8.90 -31.26
CA MET C 282 -11.31 10.20 -30.60
C MET C 282 -11.27 11.32 -31.65
N ARG C 283 -10.63 11.06 -32.79
N ARG C 283 -10.65 11.05 -32.79
CA ARG C 283 -10.55 12.06 -33.88
CA ARG C 283 -10.55 12.06 -33.89
C ARG C 283 -11.96 12.38 -34.38
C ARG C 283 -11.96 12.37 -34.38
N LYS C 284 -12.81 11.36 -34.54
CA LYS C 284 -14.22 11.56 -34.95
C LYS C 284 -14.94 12.42 -33.90
N ALA C 285 -14.74 12.13 -32.62
CA ALA C 285 -15.42 12.89 -31.55
C ALA C 285 -14.98 14.36 -31.59
N MET C 286 -13.69 14.60 -31.71
CA MET C 286 -13.14 15.96 -31.64
C MET C 286 -13.64 16.76 -32.86
N GLU C 287 -13.77 16.11 -34.02
CA GLU C 287 -14.32 16.75 -35.25
C GLU C 287 -15.76 17.21 -34.96
N LYS C 288 -16.51 16.51 -34.11
CA LYS C 288 -17.88 16.92 -33.70
C LYS C 288 -17.88 17.86 -32.49
N GLY C 289 -16.74 18.33 -32.00
CA GLY C 289 -16.68 19.29 -30.89
C GLY C 289 -16.70 18.62 -29.51
N VAL C 290 -16.58 17.29 -29.46
CA VAL C 290 -16.48 16.54 -28.16
C VAL C 290 -15.08 16.76 -27.58
N VAL C 291 -15.00 17.07 -26.27
CA VAL C 291 -13.70 17.18 -25.58
C VAL C 291 -13.35 15.80 -25.05
N VAL C 292 -12.16 15.34 -25.33
CA VAL C 292 -11.64 14.00 -24.90
C VAL C 292 -10.57 14.23 -23.82
N ILE C 293 -10.74 13.56 -22.69
CA ILE C 293 -9.73 13.47 -21.61
C ILE C 293 -9.19 12.06 -21.59
N ARG C 294 -7.88 11.92 -21.76
CA ARG C 294 -7.18 10.62 -21.60
C ARG C 294 -6.76 10.47 -20.13
N SER C 295 -7.46 9.58 -19.44
CA SER C 295 -7.11 9.14 -18.07
C SER C 295 -6.53 7.73 -18.18
N THR C 296 -6.53 6.97 -17.11
CA THR C 296 -5.88 5.64 -17.01
C THR C 296 -6.81 4.68 -16.32
N ARG C 297 -6.82 3.44 -16.77
CA ARG C 297 -7.53 2.35 -16.05
C ARG C 297 -6.67 1.82 -14.88
N THR C 298 -5.41 2.22 -14.75
CA THR C 298 -4.46 1.53 -13.84
C THR C 298 -4.88 1.66 -12.36
N GLY C 299 -5.38 2.83 -12.01
CA GLY C 299 -5.82 3.13 -10.64
C GLY C 299 -5.08 4.32 -10.04
N ASN C 300 -3.92 4.72 -10.55
CA ASN C 300 -3.04 5.70 -9.87
C ASN C 300 -2.17 6.41 -10.89
N GLY C 301 -1.69 7.60 -10.55
CA GLY C 301 -0.54 8.20 -11.24
C GLY C 301 -0.88 9.15 -12.36
N ILE C 302 0.15 9.63 -13.03
CA ILE C 302 0.06 10.77 -13.96
C ILE C 302 -0.07 10.29 -15.40
N VAL C 303 -1.05 10.83 -16.12
CA VAL C 303 -1.06 10.78 -17.60
C VAL C 303 -0.41 12.07 -18.08
N PRO C 304 0.80 11.97 -18.64
CA PRO C 304 1.54 13.16 -19.05
C PRO C 304 1.07 13.67 -20.40
N PRO C 305 1.29 14.97 -20.70
CA PRO C 305 0.89 15.54 -21.99
C PRO C 305 1.65 14.83 -23.11
N ASP C 306 1.01 14.72 -24.26
CA ASP C 306 1.65 14.15 -25.47
C ASP C 306 0.93 14.75 -26.70
N GLU C 307 1.56 15.76 -27.30
CA GLU C 307 1.02 16.51 -28.47
C GLU C 307 0.74 15.57 -29.65
N GLU C 308 1.38 14.40 -29.71
CA GLU C 308 1.17 13.43 -30.82
C GLU C 308 -0.08 12.58 -30.63
N LEU C 309 -0.76 12.69 -29.49
CA LEU C 309 -1.98 11.90 -29.26
C LEU C 309 -3.14 12.84 -29.22
N PRO C 310 -4.35 12.36 -29.57
CA PRO C 310 -5.54 13.17 -29.46
C PRO C 310 -5.91 13.45 -28.00
N GLY C 311 -6.65 14.53 -27.81
CA GLY C 311 -7.34 14.82 -26.55
C GLY C 311 -6.44 15.55 -25.57
N LEU C 312 -7.01 15.83 -24.42
CA LEU C 312 -6.26 16.38 -23.27
C LEU C 312 -5.91 15.22 -22.32
N VAL C 313 -5.16 15.51 -21.26
CA VAL C 313 -4.68 14.47 -20.33
C VAL C 313 -5.24 14.76 -18.94
N SER C 314 -5.46 13.69 -18.18
CA SER C 314 -6.18 13.78 -16.89
C SER C 314 -5.27 14.17 -15.73
N ASP C 315 -3.97 14.38 -15.92
CA ASP C 315 -3.07 14.60 -14.75
C ASP C 315 -3.18 13.32 -13.91
N SER C 316 -3.42 13.42 -12.59
CA SER C 316 -3.57 12.26 -11.71
C SER C 316 -5.07 11.95 -11.45
N LEU C 317 -5.99 12.60 -12.15
CA LEU C 317 -7.42 12.28 -11.98
C LEU C 317 -7.72 10.92 -12.60
N ASN C 318 -8.31 10.04 -11.79
CA ASN C 318 -8.83 8.75 -12.26
C ASN C 318 -10.07 9.00 -13.10
N PRO C 319 -10.60 7.97 -13.79
CA PRO C 319 -11.68 8.23 -14.75
C PRO C 319 -12.93 8.84 -14.10
N ALA C 320 -13.32 8.34 -12.95
CA ALA C 320 -14.55 8.81 -12.27
C ALA C 320 -14.39 10.29 -11.89
N HIS C 321 -13.24 10.67 -11.32
N HIS C 321 -13.24 10.67 -11.32
CA HIS C 321 -12.94 12.08 -10.95
CA HIS C 321 -12.95 12.08 -10.96
C HIS C 321 -12.82 12.92 -12.22
C HIS C 321 -12.82 12.94 -12.23
N ALA C 322 -12.13 12.43 -13.25
CA ALA C 322 -11.93 13.15 -14.52
C ALA C 322 -13.29 13.49 -15.15
N ARG C 323 -14.24 12.57 -15.10
CA ARG C 323 -15.58 12.84 -15.63
C ARG C 323 -16.20 14.00 -14.88
N ILE C 324 -16.15 13.99 -13.56
CA ILE C 324 -16.74 15.11 -12.77
C ILE C 324 -16.06 16.42 -13.17
N LEU C 325 -14.75 16.49 -13.22
CA LEU C 325 -14.09 17.77 -13.56
C LEU C 325 -14.45 18.17 -14.99
N LEU C 326 -14.47 17.21 -15.94
CA LEU C 326 -14.76 17.56 -17.34
C LEU C 326 -16.17 18.10 -17.46
N MET C 327 -17.15 17.47 -16.80
CA MET C 327 -18.55 17.91 -16.81
C MET C 327 -18.59 19.36 -16.29
N LEU C 328 -17.92 19.64 -15.18
CA LEU C 328 -17.97 21.00 -14.60
C LEU C 328 -17.19 21.98 -15.50
N ALA C 329 -16.09 21.58 -16.09
CA ALA C 329 -15.31 22.41 -17.00
C ALA C 329 -16.23 22.85 -18.15
N LEU C 330 -17.01 21.90 -18.68
CA LEU C 330 -17.85 22.15 -19.87
C LEU C 330 -19.03 23.04 -19.49
N THR C 331 -19.35 23.25 -18.21
CA THR C 331 -20.38 24.26 -17.86
C THR C 331 -19.86 25.67 -18.18
N ARG C 332 -18.55 25.88 -18.26
CA ARG C 332 -17.93 27.21 -18.23
C ARG C 332 -17.18 27.49 -19.53
N THR C 333 -16.69 26.47 -20.21
CA THR C 333 -15.78 26.70 -21.35
C THR C 333 -15.82 25.50 -22.29
N SER C 334 -15.48 25.73 -23.55
CA SER C 334 -15.10 24.69 -24.52
C SER C 334 -13.65 24.86 -24.96
N ASP C 335 -12.91 25.76 -24.35
CA ASP C 335 -11.52 26.04 -24.73
C ASP C 335 -10.63 24.92 -24.20
N PRO C 336 -10.00 24.09 -25.06
CA PRO C 336 -9.16 22.99 -24.60
C PRO C 336 -7.97 23.45 -23.76
N LYS C 337 -7.42 24.64 -24.01
CA LYS C 337 -6.28 25.13 -23.19
C LYS C 337 -6.75 25.38 -21.75
N VAL C 338 -7.94 25.91 -21.60
CA VAL C 338 -8.49 26.26 -20.26
C VAL C 338 -8.81 24.94 -19.54
N ILE C 339 -9.44 24.02 -20.25
CA ILE C 339 -9.82 22.70 -19.66
C ILE C 339 -8.56 21.98 -19.23
N GLN C 340 -7.51 22.00 -20.04
CA GLN C 340 -6.26 21.29 -19.67
C GLN C 340 -5.70 21.91 -18.38
N GLU C 341 -5.73 23.23 -18.27
CA GLU C 341 -5.18 23.91 -17.09
C GLU C 341 -6.02 23.52 -15.86
N TYR C 342 -7.34 23.37 -16.00
CA TYR C 342 -8.19 22.91 -14.89
C TYR C 342 -7.70 21.55 -14.39
N PHE C 343 -7.37 20.66 -15.32
CA PHE C 343 -6.92 19.29 -14.99
C PHE C 343 -5.60 19.34 -14.23
N HIS C 344 -4.76 20.36 -14.43
CA HIS C 344 -3.48 20.50 -13.71
C HIS C 344 -3.62 21.23 -12.36
N THR C 345 -4.75 21.85 -12.06
CA THR C 345 -4.83 22.78 -10.93
C THR C 345 -5.93 22.37 -9.96
N TYR C 346 -6.91 21.56 -10.37
CA TYR C 346 -8.06 21.13 -9.55
C TYR C 346 -7.92 19.67 -9.13
N ASP D 20 -24.27 -31.42 16.54
CA ASP D 20 -24.45 -31.37 15.05
C ASP D 20 -23.26 -32.08 14.40
N ASP D 21 -23.45 -33.35 14.02
CA ASP D 21 -22.41 -34.26 13.47
C ASP D 21 -21.91 -33.78 12.08
N LYS D 22 -22.67 -32.92 11.39
CA LYS D 22 -22.27 -32.33 10.08
C LYS D 22 -21.14 -31.32 10.29
N LEU D 23 -21.07 -30.65 11.44
CA LEU D 23 -20.19 -29.46 11.67
C LEU D 23 -18.81 -29.87 12.18
N PRO D 24 -17.76 -29.11 11.81
CA PRO D 24 -16.45 -29.38 12.40
C PRO D 24 -16.41 -29.00 13.88
N ASN D 25 -15.53 -29.68 14.62
CA ASN D 25 -15.25 -29.43 16.04
C ASN D 25 -14.06 -28.48 16.15
N ILE D 26 -14.31 -27.28 16.65
CA ILE D 26 -13.25 -26.25 16.77
C ILE D 26 -13.12 -25.84 18.23
N VAL D 27 -11.88 -25.89 18.73
CA VAL D 27 -11.54 -25.37 20.06
C VAL D 27 -11.14 -23.91 19.89
N ILE D 28 -11.74 -23.04 20.67
CA ILE D 28 -11.33 -21.61 20.80
C ILE D 28 -10.49 -21.53 22.06
N LEU D 29 -9.20 -21.43 21.85
CA LEU D 29 -8.18 -21.34 22.91
C LEU D 29 -7.86 -19.86 23.16
N ALA D 30 -8.34 -19.30 24.27
CA ALA D 30 -8.22 -17.86 24.57
C ALA D 30 -6.94 -17.54 25.34
N THR D 31 -6.21 -16.49 24.93
CA THR D 31 -4.98 -16.07 25.61
C THR D 31 -5.12 -14.64 26.18
N GLY D 32 -6.15 -13.91 25.80
CA GLY D 32 -6.36 -12.51 26.18
C GLY D 32 -6.44 -11.56 24.97
N GLY D 33 -5.74 -10.42 25.06
CA GLY D 33 -5.77 -9.39 23.99
C GLY D 33 -6.93 -8.41 24.07
N THR D 34 -6.87 -7.37 23.25
CA THR D 34 -7.93 -6.34 23.13
C THR D 34 -9.23 -6.99 22.68
N ILE D 35 -9.18 -8.10 21.93
CA ILE D 35 -10.41 -8.84 21.54
C ILE D 35 -11.22 -9.19 22.80
N ALA D 36 -10.53 -9.37 23.94
CA ALA D 36 -11.18 -9.66 25.26
C ALA D 36 -11.07 -8.44 26.18
N GLY D 37 -10.95 -7.25 25.60
CA GLY D 37 -10.81 -5.99 26.37
C GLY D 37 -12.17 -5.39 26.64
N SER D 38 -12.32 -4.71 27.77
CA SER D 38 -13.61 -4.21 28.27
C SER D 38 -13.43 -2.79 28.83
N ALA D 39 -14.27 -1.84 28.41
CA ALA D 39 -14.27 -0.46 28.96
C ALA D 39 -15.70 -0.04 29.29
N ALA D 40 -15.85 1.03 30.07
CA ALA D 40 -17.15 1.54 30.59
C ALA D 40 -17.96 2.20 29.47
N THR D 41 -17.33 2.70 28.39
CA THR D 41 -18.03 3.37 27.27
C THR D 41 -17.54 2.82 25.92
N GLY D 42 -18.33 3.02 24.88
CA GLY D 42 -18.06 2.59 23.50
C GLY D 42 -16.92 3.37 22.84
N THR D 43 -16.56 4.54 23.36
CA THR D 43 -15.55 5.44 22.73
C THR D 43 -14.20 5.34 23.45
N GLN D 44 -14.11 4.58 24.53
CA GLN D 44 -12.82 4.29 25.21
C GLN D 44 -12.19 3.17 24.37
N THR D 45 -11.30 3.53 23.44
CA THR D 45 -10.53 2.62 22.55
C THR D 45 -9.06 2.58 23.02
N THR D 46 -8.71 3.37 24.05
CA THR D 46 -7.45 3.29 24.84
C THR D 46 -7.80 3.43 26.34
N GLY D 47 -7.16 2.66 27.25
CA GLY D 47 -7.36 2.68 28.72
C GLY D 47 -8.16 1.49 29.29
N TYR D 48 -8.75 0.64 28.45
CA TYR D 48 -9.70 -0.47 28.80
C TYR D 48 -8.97 -1.56 29.61
N LYS D 49 -9.70 -2.54 30.14
CA LYS D 49 -9.14 -3.66 30.96
C LYS D 49 -9.02 -4.93 30.09
N ILE D 50 -7.86 -5.57 30.08
CA ILE D 50 -7.71 -7.00 29.61
C ILE D 50 -7.49 -7.88 30.83
N GLY D 51 -8.14 -9.04 30.85
CA GLY D 51 -8.11 -10.02 31.96
C GLY D 51 -9.52 -10.28 32.48
N ALA D 52 -10.53 -9.56 31.97
CA ALA D 52 -11.91 -9.47 32.50
C ALA D 52 -12.84 -10.40 31.72
N LEU D 53 -12.61 -10.58 30.42
CA LEU D 53 -13.60 -11.26 29.55
C LEU D 53 -13.12 -12.67 29.23
N GLY D 54 -13.95 -13.66 29.62
CA GLY D 54 -13.63 -15.06 29.36
C GLY D 54 -14.05 -15.48 27.96
N VAL D 55 -13.48 -16.58 27.51
CA VAL D 55 -13.75 -17.14 26.15
C VAL D 55 -15.25 -17.37 25.94
N ASP D 56 -16.01 -17.82 26.94
CA ASP D 56 -17.45 -18.13 26.75
C ASP D 56 -18.21 -16.82 26.49
N THR D 57 -17.80 -15.70 27.09
CA THR D 57 -18.42 -14.38 26.83
C THR D 57 -18.16 -13.95 25.37
N LEU D 58 -16.96 -14.18 24.84
CA LEU D 58 -16.65 -13.90 23.43
C LEU D 58 -17.53 -14.77 22.54
N ILE D 59 -17.63 -16.06 22.84
CA ILE D 59 -18.43 -17.01 22.02
C ILE D 59 -19.89 -16.55 22.05
N ASN D 60 -20.41 -16.22 23.22
CA ASN D 60 -21.86 -15.90 23.38
C ASN D 60 -22.19 -14.58 22.71
N ALA D 61 -21.20 -13.71 22.48
CA ALA D 61 -21.43 -12.43 21.79
C ALA D 61 -21.62 -12.67 20.29
N VAL D 62 -21.17 -13.80 19.74
CA VAL D 62 -21.33 -14.16 18.30
C VAL D 62 -21.90 -15.56 18.19
N PRO D 63 -23.16 -15.76 18.62
CA PRO D 63 -23.77 -17.10 18.57
C PRO D 63 -23.85 -17.70 17.16
N GLU D 64 -23.72 -16.86 16.12
CA GLU D 64 -23.64 -17.30 14.70
C GLU D 64 -22.48 -18.30 14.55
N VAL D 65 -21.46 -18.23 15.40
CA VAL D 65 -20.28 -19.15 15.30
C VAL D 65 -20.77 -20.60 15.43
N LYS D 66 -21.87 -20.82 16.16
CA LYS D 66 -22.40 -22.18 16.44
C LYS D 66 -23.06 -22.76 15.19
N LYS D 67 -23.35 -21.96 14.17
CA LYS D 67 -23.81 -22.47 12.85
C LYS D 67 -22.63 -22.92 11.98
N LEU D 68 -21.38 -22.50 12.28
CA LEU D 68 -20.20 -22.84 11.45
C LEU D 68 -19.48 -24.04 12.03
N ALA D 69 -19.56 -24.24 13.34
CA ALA D 69 -18.79 -25.28 14.01
C ALA D 69 -19.45 -25.64 15.34
N ASN D 70 -19.07 -26.81 15.86
CA ASN D 70 -19.30 -27.12 17.30
C ASN D 70 -18.11 -26.53 18.03
N VAL D 71 -18.32 -25.44 18.76
CA VAL D 71 -17.18 -24.72 19.39
C VAL D 71 -17.09 -25.11 20.87
N LYS D 72 -15.88 -25.31 21.35
CA LYS D 72 -15.56 -25.47 22.78
C LYS D 72 -14.55 -24.37 23.15
N GLY D 73 -14.85 -23.56 24.16
CA GLY D 73 -13.91 -22.56 24.69
C GLY D 73 -12.95 -23.16 25.69
N GLU D 74 -11.68 -22.80 25.64
CA GLU D 74 -10.70 -23.15 26.68
C GLU D 74 -9.92 -21.89 27.02
N GLN D 75 -9.87 -21.53 28.30
CA GLN D 75 -9.17 -20.32 28.77
C GLN D 75 -7.72 -20.68 29.07
N PHE D 76 -6.79 -20.37 28.15
CA PHE D 76 -5.38 -20.72 28.31
C PHE D 76 -4.71 -19.66 29.18
N SER D 77 -5.01 -18.39 28.93
CA SER D 77 -4.46 -17.24 29.69
C SER D 77 -5.39 -16.06 29.45
N ASN D 78 -5.10 -14.90 30.07
CA ASN D 78 -5.99 -13.74 29.83
C ASN D 78 -5.12 -12.51 29.99
N MET D 79 -4.12 -12.35 29.11
CA MET D 79 -3.13 -11.26 29.25
C MET D 79 -3.12 -10.38 27.99
N ALA D 80 -2.60 -9.18 28.16
CA ALA D 80 -2.23 -8.28 27.06
C ALA D 80 -0.97 -8.86 26.43
N SER D 81 -0.93 -8.98 25.10
CA SER D 81 0.10 -9.75 24.41
C SER D 81 1.47 -9.07 24.52
N GLN D 82 1.55 -7.81 24.93
CA GLN D 82 2.88 -7.21 25.18
C GLN D 82 3.52 -7.91 26.37
N ASN D 83 2.74 -8.65 27.17
CA ASN D 83 3.27 -9.44 28.29
C ASN D 83 3.44 -10.93 27.94
N MET D 84 3.16 -11.33 26.71
CA MET D 84 3.36 -12.73 26.29
C MET D 84 4.86 -13.01 26.28
N THR D 85 5.25 -14.17 26.79
CA THR D 85 6.65 -14.61 26.95
C THR D 85 6.82 -15.97 26.29
N GLY D 86 8.04 -16.26 25.89
CA GLY D 86 8.44 -17.49 25.20
C GLY D 86 8.04 -18.73 25.99
N ASP D 87 8.16 -18.71 27.31
CA ASP D 87 7.79 -19.91 28.13
C ASP D 87 6.29 -20.18 27.94
N VAL D 88 5.45 -19.14 27.90
CA VAL D 88 4.00 -19.31 27.73
C VAL D 88 3.70 -19.70 26.27
N VAL D 89 4.38 -19.11 25.30
CA VAL D 89 4.18 -19.51 23.87
C VAL D 89 4.57 -21.00 23.70
N LEU D 90 5.63 -21.42 24.33
CA LEU D 90 6.05 -22.85 24.31
C LEU D 90 4.91 -23.72 24.83
N LYS D 91 4.31 -23.34 25.95
CA LYS D 91 3.19 -24.10 26.52
C LYS D 91 1.99 -24.05 25.57
N LEU D 92 1.74 -22.91 24.92
CA LEU D 92 0.62 -22.79 23.97
C LEU D 92 0.85 -23.75 22.80
N SER D 93 2.07 -23.81 22.24
CA SER D 93 2.42 -24.78 21.17
C SER D 93 2.15 -26.22 21.63
N GLN D 94 2.55 -26.53 22.86
CA GLN D 94 2.42 -27.91 23.43
C GLN D 94 0.93 -28.23 23.54
N ARG D 95 0.13 -27.30 24.05
CA ARG D 95 -1.31 -27.50 24.23
C ARG D 95 -1.98 -27.69 22.86
N VAL D 96 -1.64 -26.85 21.88
CA VAL D 96 -2.24 -26.98 20.54
C VAL D 96 -1.86 -28.33 19.93
N ASN D 97 -0.62 -28.77 20.09
CA ASN D 97 -0.21 -30.09 19.57
C ASN D 97 -1.06 -31.19 20.21
N GLU D 98 -1.33 -31.08 21.51
CA GLU D 98 -2.11 -32.16 22.18
C GLU D 98 -3.57 -32.09 21.71
N LEU D 99 -4.14 -30.89 21.50
CA LEU D 99 -5.52 -30.78 20.99
C LEU D 99 -5.62 -31.35 19.58
N LEU D 100 -4.69 -31.00 18.68
CA LEU D 100 -4.83 -31.42 17.27
C LEU D 100 -4.57 -32.94 17.14
N ALA D 101 -3.90 -33.55 18.10
CA ALA D 101 -3.66 -35.01 18.08
C ALA D 101 -4.97 -35.77 18.32
N ARG D 102 -5.98 -35.12 18.87
CA ARG D 102 -7.29 -35.73 19.18
C ARG D 102 -8.15 -35.85 17.91
N ASP D 103 -8.84 -36.97 17.77
CA ASP D 103 -9.79 -37.20 16.65
C ASP D 103 -10.99 -36.26 16.75
N ASP D 104 -11.37 -35.82 17.94
CA ASP D 104 -12.59 -35.01 18.14
C ASP D 104 -12.25 -33.50 18.00
N VAL D 105 -11.04 -33.14 17.53
CA VAL D 105 -10.70 -31.71 17.27
C VAL D 105 -10.32 -31.57 15.80
N ASP D 106 -11.03 -30.72 15.05
CA ASP D 106 -10.76 -30.54 13.60
C ASP D 106 -9.88 -29.30 13.37
N GLY D 107 -9.84 -28.38 14.34
CA GLY D 107 -9.04 -27.14 14.21
C GLY D 107 -9.08 -26.33 15.47
N VAL D 108 -8.19 -25.33 15.56
CA VAL D 108 -8.07 -24.47 16.76
C VAL D 108 -8.05 -23.01 16.32
N VAL D 109 -8.83 -22.21 16.98
CA VAL D 109 -8.77 -20.72 16.89
C VAL D 109 -8.13 -20.24 18.17
N ILE D 110 -7.14 -19.37 18.08
CA ILE D 110 -6.45 -18.83 19.27
C ILE D 110 -6.70 -17.33 19.32
N THR D 111 -7.41 -16.85 20.33
CA THR D 111 -7.65 -15.39 20.55
C THR D 111 -6.40 -14.84 21.24
N HIS D 112 -5.92 -13.69 20.80
CA HIS D 112 -4.60 -13.18 21.22
C HIS D 112 -4.58 -11.67 20.99
N GLY D 113 -3.74 -11.00 21.73
CA GLY D 113 -3.51 -9.55 21.50
C GLY D 113 -2.81 -9.34 20.15
N THR D 114 -3.06 -8.20 19.53
CA THR D 114 -2.45 -7.86 18.23
C THR D 114 -0.95 -7.59 18.39
N ASP D 115 -0.50 -7.08 19.52
CA ASP D 115 0.86 -6.49 19.63
C ASP D 115 1.93 -7.54 19.34
N THR D 116 1.77 -8.79 19.79
CA THR D 116 2.82 -9.82 19.57
C THR D 116 2.22 -11.07 18.96
N VAL D 117 1.02 -11.02 18.39
CA VAL D 117 0.44 -12.20 17.69
C VAL D 117 1.40 -12.73 16.61
N GLU D 118 2.13 -11.87 15.91
CA GLU D 118 3.02 -12.35 14.82
C GLU D 118 4.13 -13.22 15.43
N GLU D 119 4.55 -12.95 16.66
CA GLU D 119 5.60 -13.74 17.35
C GLU D 119 5.01 -15.11 17.79
N SER D 120 3.90 -15.10 18.48
CA SER D 120 3.23 -16.33 18.90
C SER D 120 2.84 -17.19 17.68
N ALA D 121 2.26 -16.57 16.66
CA ALA D 121 1.76 -17.30 15.49
C ALA D 121 2.94 -17.94 14.77
N TYR D 122 4.04 -17.21 14.60
CA TYR D 122 5.19 -17.77 13.85
C TYR D 122 5.79 -18.93 14.66
N PHE D 123 5.84 -18.81 15.99
CA PHE D 123 6.37 -19.91 16.83
C PHE D 123 5.54 -21.18 16.58
N LEU D 124 4.23 -21.08 16.63
CA LEU D 124 3.38 -22.26 16.40
C LEU D 124 3.47 -22.73 14.95
N HIS D 125 3.66 -21.81 14.00
CA HIS D 125 3.84 -22.15 12.58
C HIS D 125 5.00 -23.14 12.47
N LEU D 126 6.03 -22.98 13.27
CA LEU D 126 7.24 -23.80 13.18
C LEU D 126 7.12 -25.09 14.00
N THR D 127 6.21 -25.16 14.93
CA THR D 127 6.26 -26.19 15.98
C THR D 127 4.99 -27.04 16.04
N VAL D 128 3.90 -26.66 15.40
CA VAL D 128 2.65 -27.45 15.42
C VAL D 128 2.79 -28.59 14.40
N LYS D 129 2.69 -29.83 14.86
CA LYS D 129 2.96 -31.01 14.00
C LYS D 129 1.64 -31.58 13.46
N SER D 130 0.83 -30.75 12.82
CA SER D 130 -0.49 -31.10 12.29
C SER D 130 -0.79 -30.24 11.05
N ASP D 131 -1.56 -30.78 10.12
CA ASP D 131 -2.11 -30.05 8.96
C ASP D 131 -3.47 -29.47 9.33
N LYS D 132 -4.01 -29.77 10.49
CA LYS D 132 -5.31 -29.22 10.91
C LYS D 132 -5.12 -27.73 11.13
N PRO D 133 -6.12 -26.91 10.79
CA PRO D 133 -5.93 -25.46 10.85
C PRO D 133 -5.72 -24.93 12.26
N VAL D 134 -4.76 -24.02 12.38
CA VAL D 134 -4.51 -23.20 13.58
C VAL D 134 -4.62 -21.73 13.13
N VAL D 135 -5.60 -21.06 13.65
CA VAL D 135 -5.98 -19.71 13.20
C VAL D 135 -5.91 -18.79 14.42
N PHE D 136 -4.92 -17.90 14.43
CA PHE D 136 -4.88 -16.80 15.42
C PHE D 136 -5.88 -15.74 14.97
N VAL D 137 -6.54 -15.15 15.95
CA VAL D 137 -7.50 -14.05 15.75
C VAL D 137 -7.30 -13.02 16.87
N ALA D 138 -7.52 -11.76 16.50
CA ALA D 138 -7.27 -10.63 17.40
C ALA D 138 -8.22 -9.52 17.00
N ALA D 139 -8.20 -8.42 17.73
CA ALA D 139 -9.08 -7.27 17.48
C ALA D 139 -8.29 -6.01 17.84
N MET D 140 -8.41 -4.97 17.05
CA MET D 140 -7.77 -3.67 17.32
C MET D 140 -8.62 -2.80 18.22
N ARG D 141 -9.92 -3.08 18.32
CA ARG D 141 -10.81 -2.31 19.21
C ARG D 141 -11.32 -3.27 20.28
N PRO D 142 -11.52 -2.77 21.51
CA PRO D 142 -12.03 -3.63 22.58
C PRO D 142 -13.45 -4.10 22.29
N ALA D 143 -13.85 -5.19 22.96
CA ALA D 143 -15.13 -5.86 22.77
C ALA D 143 -16.28 -4.89 23.02
N THR D 144 -16.06 -3.87 23.84
CA THR D 144 -17.10 -2.89 24.23
C THR D 144 -17.14 -1.69 23.26
N ALA D 145 -16.22 -1.61 22.31
CA ALA D 145 -16.13 -0.42 21.43
C ALA D 145 -17.30 -0.35 20.44
N ILE D 146 -17.59 0.85 20.03
CA ILE D 146 -18.42 1.12 18.85
C ILE D 146 -17.71 0.51 17.64
N SER D 147 -18.45 -0.25 16.83
CA SER D 147 -17.92 -0.92 15.63
C SER D 147 -16.71 -1.78 16.01
N ALA D 148 -16.79 -2.48 17.16
CA ALA D 148 -15.72 -3.41 17.58
C ALA D 148 -15.50 -4.44 16.45
N ASP D 149 -14.25 -4.76 16.14
CA ASP D 149 -13.89 -5.65 15.01
C ASP D 149 -13.82 -7.11 15.47
N GLY D 150 -13.71 -7.36 16.79
CA GLY D 150 -13.46 -8.73 17.28
C GLY D 150 -14.58 -9.70 16.91
N PRO D 151 -15.86 -9.33 17.00
CA PRO D 151 -16.93 -10.28 16.65
C PRO D 151 -16.83 -10.85 15.23
N MET D 152 -16.68 -10.00 14.21
CA MET D 152 -16.55 -10.48 12.83
C MET D 152 -15.20 -11.18 12.67
N ASN D 153 -14.12 -10.69 13.30
CA ASN D 153 -12.81 -11.36 13.18
C ASN D 153 -12.96 -12.83 13.67
N LEU D 154 -13.62 -13.00 14.81
CA LEU D 154 -13.77 -14.34 15.42
C LEU D 154 -14.62 -15.24 14.51
N LEU D 155 -15.72 -14.72 13.99
CA LEU D 155 -16.59 -15.50 13.10
C LEU D 155 -15.79 -15.93 11.88
N GLU D 156 -15.00 -15.03 11.29
CA GLU D 156 -14.17 -15.37 10.12
C GLU D 156 -13.13 -16.41 10.49
N ALA D 157 -12.51 -16.30 11.67
CA ALA D 157 -11.46 -17.23 12.12
C ALA D 157 -12.07 -18.63 12.29
N VAL D 158 -13.26 -18.70 12.84
CA VAL D 158 -13.94 -20.02 12.97
C VAL D 158 -14.27 -20.57 11.58
N ARG D 159 -14.79 -19.77 10.67
CA ARG D 159 -15.06 -20.22 9.29
C ARG D 159 -13.77 -20.79 8.67
N VAL D 160 -12.66 -20.09 8.81
CA VAL D 160 -11.39 -20.58 8.25
C VAL D 160 -10.97 -21.90 8.93
N ALA D 161 -11.03 -21.95 10.27
CA ALA D 161 -10.53 -23.13 11.02
C ALA D 161 -11.36 -24.38 10.66
N GLY D 162 -12.62 -24.20 10.33
CA GLY D 162 -13.58 -25.28 10.07
C GLY D 162 -13.59 -25.73 8.62
N ASP D 163 -12.96 -25.02 7.70
CA ASP D 163 -13.07 -25.33 6.25
C ASP D 163 -12.05 -26.40 5.89
N LYS D 164 -12.48 -27.47 5.21
CA LYS D 164 -11.58 -28.57 4.77
C LYS D 164 -10.46 -27.99 3.90
N GLN D 165 -10.75 -26.94 3.14
CA GLN D 165 -9.78 -26.35 2.18
C GLN D 165 -8.68 -25.60 2.95
N SER D 166 -8.86 -25.35 4.25
CA SER D 166 -7.87 -24.61 5.07
C SER D 166 -6.71 -25.49 5.52
N ARG D 167 -6.78 -26.81 5.31
CA ARG D 167 -5.74 -27.72 5.87
C ARG D 167 -4.41 -27.52 5.13
N GLY D 168 -3.31 -27.69 5.86
CA GLY D 168 -1.95 -27.76 5.31
C GLY D 168 -1.45 -26.41 4.86
N ARG D 169 -1.99 -25.32 5.39
CA ARG D 169 -1.62 -23.97 4.90
C ARG D 169 -0.62 -23.26 5.82
N GLY D 170 -0.23 -23.88 6.92
CA GLY D 170 0.58 -23.24 7.95
C GLY D 170 -0.31 -22.45 8.86
N VAL D 171 0.28 -21.84 9.89
CA VAL D 171 -0.52 -21.07 10.87
C VAL D 171 -0.98 -19.79 10.20
N MET D 172 -2.19 -19.40 10.52
CA MET D 172 -2.86 -18.26 9.89
C MET D 172 -3.23 -17.23 10.95
N VAL D 173 -3.26 -15.97 10.53
CA VAL D 173 -3.72 -14.83 11.37
C VAL D 173 -4.86 -14.17 10.62
N VAL D 174 -6.05 -14.10 11.24
CA VAL D 174 -7.27 -13.63 10.58
C VAL D 174 -7.78 -12.38 11.29
N LEU D 175 -7.79 -11.26 10.59
CA LEU D 175 -8.45 -10.00 10.99
C LEU D 175 -8.96 -9.32 9.73
N ASN D 176 -10.04 -8.54 9.86
CA ASN D 176 -10.39 -7.54 8.84
C ASN D 176 -10.54 -8.23 7.47
N ASP D 177 -11.13 -9.45 7.42
CA ASP D 177 -11.51 -10.16 6.19
C ASP D 177 -10.29 -10.74 5.50
N ARG D 178 -9.12 -10.75 6.14
CA ARG D 178 -7.88 -11.22 5.50
C ARG D 178 -7.35 -12.44 6.25
N ILE D 179 -6.72 -13.35 5.51
CA ILE D 179 -6.00 -14.52 6.07
C ILE D 179 -4.53 -14.31 5.76
N GLY D 180 -3.74 -14.07 6.77
CA GLY D 180 -2.30 -13.92 6.62
C GLY D 180 -1.55 -15.16 7.06
N SER D 181 -0.48 -15.49 6.36
CA SER D 181 0.49 -16.51 6.83
C SER D 181 1.26 -15.95 8.03
N ALA D 182 1.41 -16.76 9.09
CA ALA D 182 2.25 -16.42 10.26
C ALA D 182 3.65 -15.99 9.82
N ARG D 183 4.18 -16.55 8.72
CA ARG D 183 5.57 -16.27 8.30
C ARG D 183 5.71 -14.85 7.70
N TYR D 184 4.66 -14.30 7.12
CA TYR D 184 4.73 -13.03 6.35
C TYR D 184 3.99 -11.89 7.03
N ILE D 185 2.91 -12.20 7.72
CA ILE D 185 2.00 -11.15 8.25
C ILE D 185 2.71 -10.46 9.42
N THR D 186 2.45 -9.17 9.54
CA THR D 186 3.02 -8.35 10.62
C THR D 186 2.02 -7.22 10.89
N LYS D 187 2.06 -6.71 12.12
CA LYS D 187 1.29 -5.53 12.50
C LYS D 187 2.05 -4.34 11.93
N THR D 188 1.51 -3.69 10.91
CA THR D 188 2.23 -2.60 10.16
C THR D 188 1.88 -1.23 10.71
N ASN D 189 0.81 -1.12 11.47
CA ASN D 189 0.30 0.17 11.95
C ASN D 189 -0.01 0.03 13.45
N ALA D 190 0.38 1.02 14.22
CA ALA D 190 0.18 1.04 15.70
C ALA D 190 -1.29 0.83 16.02
N SER D 191 -2.19 1.38 15.23
CA SER D 191 -3.56 1.69 15.77
C SER D 191 -4.72 1.39 14.81
N THR D 192 -4.53 0.98 13.56
CA THR D 192 -5.65 0.83 12.58
C THR D 192 -6.20 -0.61 12.50
N LEU D 193 -7.42 -0.74 12.04
CA LEU D 193 -8.11 -2.05 11.91
C LEU D 193 -7.44 -2.90 10.84
N ASP D 194 -6.86 -2.25 9.84
CA ASP D 194 -6.30 -2.93 8.66
C ASP D 194 -4.78 -3.11 8.83
N THR D 195 -4.27 -2.99 10.05
CA THR D 195 -2.83 -3.01 10.39
C THR D 195 -2.13 -4.29 9.88
N PHE D 196 -2.76 -5.47 9.90
CA PHE D 196 -2.06 -6.72 9.51
C PHE D 196 -2.00 -6.81 7.98
N LYS D 197 -0.78 -6.72 7.47
CA LYS D 197 -0.47 -6.80 6.04
C LYS D 197 0.86 -7.49 5.84
N ALA D 198 1.02 -8.03 4.65
CA ALA D 198 2.30 -8.57 4.15
C ALA D 198 2.56 -7.87 2.83
N ASN D 199 3.22 -6.74 2.86
CA ASN D 199 3.23 -5.84 1.68
C ASN D 199 3.76 -6.59 0.45
N GLU D 200 4.81 -7.37 0.59
CA GLU D 200 5.47 -8.01 -0.56
C GLU D 200 4.87 -9.40 -0.84
N GLU D 201 4.23 -10.04 0.14
CA GLU D 201 3.81 -11.46 0.01
C GLU D 201 2.30 -11.62 -0.06
N GLY D 202 1.56 -10.57 0.25
CA GLY D 202 0.11 -10.65 0.20
C GLY D 202 -0.47 -11.57 1.25
N TYR D 203 -1.78 -11.78 1.11
CA TYR D 203 -2.57 -12.64 1.99
C TYR D 203 -2.69 -14.02 1.36
N LEU D 204 -2.76 -15.03 2.21
CA LEU D 204 -3.09 -16.40 1.77
C LEU D 204 -4.48 -16.43 1.15
N GLY D 205 -5.38 -15.64 1.70
CA GLY D 205 -6.76 -15.59 1.22
C GLY D 205 -7.52 -14.46 1.84
N VAL D 206 -8.78 -14.32 1.45
CA VAL D 206 -9.69 -13.31 1.99
C VAL D 206 -11.03 -13.97 2.27
N ILE D 207 -11.81 -13.34 3.15
CA ILE D 207 -13.17 -13.84 3.49
C ILE D 207 -14.13 -12.73 3.18
N ILE D 208 -14.92 -12.91 2.13
CA ILE D 208 -15.85 -11.86 1.66
C ILE D 208 -17.20 -12.52 1.44
N GLY D 209 -18.28 -11.88 1.89
CA GLY D 209 -19.62 -12.45 1.71
C GLY D 209 -19.72 -13.86 2.29
N ASN D 210 -19.08 -14.12 3.44
CA ASN D 210 -19.17 -15.45 4.13
C ASN D 210 -18.57 -16.56 3.27
N ARG D 211 -17.64 -16.24 2.39
CA ARG D 211 -16.95 -17.25 1.55
C ARG D 211 -15.46 -17.01 1.64
N ILE D 212 -14.70 -18.09 1.68
CA ILE D 212 -13.21 -18.02 1.72
C ILE D 212 -12.72 -18.08 0.29
N TYR D 213 -11.83 -17.18 -0.04
CA TYR D 213 -11.16 -17.14 -1.35
C TYR D 213 -9.68 -17.35 -1.09
N TYR D 214 -9.16 -18.53 -1.36
CA TYR D 214 -7.74 -18.82 -1.18
C TYR D 214 -6.99 -18.36 -2.43
N GLN D 215 -5.92 -17.63 -2.20
CA GLN D 215 -5.14 -16.96 -3.26
C GLN D 215 -3.77 -17.62 -3.42
N ASN D 216 -3.10 -17.92 -2.32
CA ASN D 216 -1.68 -18.33 -2.32
C ASN D 216 -1.50 -19.49 -1.35
N ARG D 217 -0.48 -20.32 -1.60
CA ARG D 217 0.12 -21.22 -0.59
C ARG D 217 1.54 -20.73 -0.37
N ILE D 218 1.95 -20.63 0.89
N ILE D 218 1.97 -20.56 0.90
CA ILE D 218 3.34 -20.16 1.17
CA ILE D 218 3.36 -20.08 1.09
C ILE D 218 4.33 -21.19 0.66
C ILE D 218 4.31 -21.16 0.62
N ASP D 219 5.42 -20.71 0.04
CA ASP D 219 6.49 -21.57 -0.50
C ASP D 219 7.61 -21.68 0.53
N LYS D 220 7.28 -22.12 1.73
CA LYS D 220 8.23 -22.25 2.86
C LYS D 220 7.84 -23.49 3.66
N LEU D 221 8.78 -24.01 4.44
CA LEU D 221 8.52 -25.14 5.35
C LEU D 221 7.78 -24.63 6.58
N HIS D 222 6.88 -25.46 7.08
CA HIS D 222 6.10 -25.19 8.30
C HIS D 222 5.48 -26.48 8.79
N THR D 223 4.85 -26.38 9.97
CA THR D 223 4.00 -27.40 10.64
C THR D 223 4.59 -28.81 10.41
N THR D 224 3.92 -29.63 9.63
CA THR D 224 4.24 -31.07 9.50
C THR D 224 5.54 -31.29 8.73
N ARG D 225 6.08 -30.28 8.05
CA ARG D 225 7.36 -30.46 7.33
C ARG D 225 8.47 -29.68 8.04
N SER D 226 8.23 -29.23 9.26
CA SER D 226 9.23 -28.49 10.05
C SER D 226 10.04 -29.45 10.92
N VAL D 227 11.34 -29.22 11.03
CA VAL D 227 12.22 -30.01 11.92
C VAL D 227 12.06 -29.57 13.37
N PHE D 228 11.42 -28.43 13.65
CA PHE D 228 11.38 -27.91 15.03
C PHE D 228 10.30 -28.69 15.78
N ASP D 229 10.72 -29.35 16.84
CA ASP D 229 9.79 -30.08 17.73
C ASP D 229 10.22 -29.72 19.15
N VAL D 230 9.30 -29.13 19.89
CA VAL D 230 9.59 -28.59 21.24
C VAL D 230 8.68 -29.28 22.24
N ARG D 231 8.07 -30.40 21.88
CA ARG D 231 7.33 -31.23 22.88
C ARG D 231 8.38 -31.71 23.90
N GLY D 232 8.13 -31.55 25.18
CA GLY D 232 9.15 -31.88 26.19
C GLY D 232 10.27 -30.85 26.37
N LEU D 233 10.30 -29.71 25.66
CA LEU D 233 11.20 -28.61 26.09
C LEU D 233 10.52 -27.84 27.20
N THR D 234 11.30 -27.29 28.11
CA THR D 234 10.74 -26.51 29.25
C THR D 234 11.23 -25.06 29.18
N SER D 235 12.23 -24.76 28.36
CA SER D 235 12.67 -23.35 28.22
C SER D 235 13.33 -23.16 26.86
N LEU D 236 13.58 -21.90 26.50
CA LEU D 236 14.12 -21.52 25.18
C LEU D 236 15.40 -20.73 25.37
N PRO D 237 16.31 -20.76 24.39
CA PRO D 237 17.49 -19.92 24.42
C PRO D 237 17.13 -18.42 24.46
N LYS D 238 17.96 -17.67 25.15
CA LYS D 238 17.83 -16.20 25.29
C LYS D 238 18.32 -15.52 24.02
N VAL D 239 17.44 -14.72 23.43
CA VAL D 239 17.74 -13.94 22.21
C VAL D 239 17.18 -12.52 22.41
N ASP D 240 18.03 -11.53 22.29
CA ASP D 240 17.61 -10.11 22.42
C ASP D 240 17.71 -9.44 21.04
N ILE D 241 17.03 -8.31 20.89
CA ILE D 241 16.95 -7.55 19.62
C ILE D 241 17.53 -6.17 19.90
N LEU D 242 18.53 -5.76 19.11
CA LEU D 242 19.13 -4.41 19.20
C LEU D 242 18.79 -3.66 17.90
N TYR D 243 18.52 -2.38 18.03
CA TYR D 243 18.10 -1.51 16.91
C TYR D 243 19.34 -0.89 16.28
N GLY D 244 19.26 -0.64 14.98
CA GLY D 244 20.25 0.06 14.18
C GLY D 244 19.81 1.47 13.88
N TYR D 245 20.69 2.44 14.11
CA TYR D 245 20.37 3.88 13.92
C TYR D 245 21.67 4.67 14.01
N GLN D 246 21.61 5.92 13.60
CA GLN D 246 22.77 6.84 13.72
C GLN D 246 23.22 6.85 15.18
N ASP D 247 24.53 6.68 15.43
CA ASP D 247 25.13 6.75 16.79
C ASP D 247 24.71 5.56 17.66
N ASP D 248 24.33 4.44 17.07
CA ASP D 248 23.95 3.24 17.84
C ASP D 248 25.15 2.83 18.71
N PRO D 249 24.92 2.52 19.99
CA PRO D 249 26.02 2.24 20.91
C PRO D 249 26.53 0.80 20.92
N GLU D 250 27.85 0.68 21.04
CA GLU D 250 28.50 -0.63 21.22
C GLU D 250 28.11 -1.23 22.56
N TYR D 251 27.84 -0.40 23.55
CA TYR D 251 27.70 -0.89 24.93
C TYR D 251 26.45 -1.76 25.07
N LEU D 252 25.46 -1.63 24.17
CA LEU D 252 24.29 -2.54 24.29
C LEU D 252 24.68 -3.96 23.88
N TYR D 253 25.64 -4.14 22.97
CA TYR D 253 26.18 -5.49 22.63
C TYR D 253 26.90 -6.04 23.87
N ASP D 254 27.73 -5.19 24.52
CA ASP D 254 28.46 -5.61 25.75
C ASP D 254 27.45 -6.09 26.79
N ALA D 255 26.36 -5.33 26.99
CA ALA D 255 25.35 -5.69 28.01
C ALA D 255 24.71 -7.04 27.65
N ALA D 256 24.35 -7.27 26.39
CA ALA D 256 23.71 -8.53 25.99
C ALA D 256 24.69 -9.70 26.22
N ILE D 257 25.96 -9.53 25.86
CA ILE D 257 27.01 -10.56 26.07
C ILE D 257 27.11 -10.86 27.58
N GLN D 258 27.18 -9.83 28.40
CA GLN D 258 27.34 -9.98 29.87
C GLN D 258 26.11 -10.66 30.47
N HIS D 259 24.95 -10.61 29.82
CA HIS D 259 23.73 -11.28 30.36
C HIS D 259 23.52 -12.66 29.73
N GLY D 260 24.50 -13.18 29.01
CA GLY D 260 24.49 -14.58 28.56
C GLY D 260 23.52 -14.85 27.42
N VAL D 261 23.22 -13.86 26.56
CA VAL D 261 22.33 -14.15 25.38
C VAL D 261 23.00 -15.25 24.56
N LYS D 262 22.20 -16.09 23.93
CA LYS D 262 22.69 -17.07 22.93
C LYS D 262 22.58 -16.50 21.52
N GLY D 263 21.70 -15.51 21.33
CA GLY D 263 21.51 -14.88 20.02
C GLY D 263 21.23 -13.41 20.13
N ILE D 264 21.62 -12.66 19.11
CA ILE D 264 21.23 -11.24 18.95
C ILE D 264 20.62 -11.13 17.56
N VAL D 265 19.40 -10.60 17.51
CA VAL D 265 18.80 -10.15 16.23
C VAL D 265 19.01 -8.63 16.15
N TYR D 266 19.57 -8.20 15.03
CA TYR D 266 19.86 -6.80 14.75
C TYR D 266 18.80 -6.23 13.80
N ALA D 267 18.02 -5.25 14.28
CA ALA D 267 17.01 -4.53 13.48
C ALA D 267 17.76 -3.44 12.72
N GLY D 268 18.40 -3.85 11.63
CA GLY D 268 19.45 -3.03 11.01
C GLY D 268 18.96 -1.85 10.19
N MET D 269 19.88 -0.93 9.96
CA MET D 269 19.71 0.17 9.00
C MET D 269 19.69 -0.44 7.59
N GLY D 270 18.67 -0.13 6.82
CA GLY D 270 18.59 -0.66 5.47
C GLY D 270 18.68 -2.17 5.47
N ALA D 271 19.46 -2.71 4.54
CA ALA D 271 19.59 -4.18 4.39
C ALA D 271 20.58 -4.73 5.43
N GLY D 272 20.22 -4.61 6.72
CA GLY D 272 20.99 -5.16 7.84
C GLY D 272 22.36 -4.51 7.94
N GLN D 273 22.49 -3.25 7.52
CA GLN D 273 23.81 -2.57 7.50
C GLN D 273 24.16 -2.12 8.92
N VAL D 274 25.47 -2.10 9.17
CA VAL D 274 26.03 -1.97 10.53
C VAL D 274 27.04 -0.82 10.58
N SER D 275 26.94 0.02 11.59
CA SER D 275 27.94 1.08 11.90
C SER D 275 29.25 0.42 12.38
N VAL D 276 30.32 1.21 12.44
CA VAL D 276 31.60 0.71 13.02
C VAL D 276 31.36 0.22 14.44
N ARG D 277 30.44 0.84 15.19
CA ARG D 277 30.15 0.46 16.59
C ARG D 277 29.42 -0.86 16.61
N GLY D 278 28.39 -1.03 15.77
CA GLY D 278 27.67 -2.32 15.70
C GLY D 278 28.62 -3.44 15.28
N ILE D 279 29.51 -3.18 14.36
CA ILE D 279 30.45 -4.24 13.88
C ILE D 279 31.34 -4.69 15.04
N ALA D 280 31.86 -3.73 15.81
CA ALA D 280 32.73 -4.04 16.98
C ALA D 280 31.91 -4.88 17.98
N GLY D 281 30.66 -4.50 18.23
CA GLY D 281 29.77 -5.22 19.14
C GLY D 281 29.50 -6.65 18.65
N MET D 282 29.20 -6.78 17.37
CA MET D 282 28.84 -8.10 16.81
C MET D 282 30.07 -9.02 16.84
N ARG D 283 31.25 -8.48 16.51
N ARG D 283 31.25 -8.46 16.56
CA ARG D 283 32.50 -9.29 16.53
CA ARG D 283 32.50 -9.26 16.52
C ARG D 283 32.74 -9.78 17.96
C ARG D 283 32.81 -9.75 17.94
N LYS D 284 32.55 -8.92 18.96
CA LYS D 284 32.70 -9.32 20.37
C LYS D 284 31.70 -10.43 20.71
N ALA D 285 30.45 -10.31 20.28
CA ALA D 285 29.43 -11.32 20.59
C ALA D 285 29.84 -12.66 19.96
N MET D 286 30.24 -12.65 18.71
CA MET D 286 30.54 -13.91 17.99
C MET D 286 31.76 -14.58 18.63
N GLU D 287 32.74 -13.81 19.10
CA GLU D 287 33.91 -14.34 19.84
C GLU D 287 33.43 -15.09 21.10
N LYS D 288 32.32 -14.67 21.71
CA LYS D 288 31.74 -15.36 22.89
C LYS D 288 30.72 -16.45 22.50
N GLY D 289 30.59 -16.81 21.23
CA GLY D 289 29.70 -17.88 20.80
C GLY D 289 28.26 -17.42 20.55
N VAL D 290 27.96 -16.11 20.62
CA VAL D 290 26.59 -15.58 20.34
C VAL D 290 26.35 -15.62 18.83
N VAL D 291 25.19 -16.10 18.41
CA VAL D 291 24.80 -16.10 16.98
C VAL D 291 24.12 -14.77 16.69
N VAL D 292 24.61 -14.05 15.69
CA VAL D 292 24.03 -12.73 15.30
C VAL D 292 23.26 -12.89 13.99
N ILE D 293 22.00 -12.45 13.99
CA ILE D 293 21.17 -12.40 12.75
C ILE D 293 20.98 -10.93 12.39
N ARG D 294 21.42 -10.52 11.19
CA ARG D 294 21.15 -9.16 10.68
C ARG D 294 19.81 -9.16 9.95
N SER D 295 18.82 -8.52 10.57
CA SER D 295 17.50 -8.22 9.97
C SER D 295 17.47 -6.73 9.64
N THR D 296 16.30 -6.13 9.51
CA THR D 296 16.14 -4.75 9.02
C THR D 296 15.05 -4.10 9.89
N ARG D 297 15.26 -2.82 10.18
CA ARG D 297 14.23 -1.99 10.83
C ARG D 297 13.19 -1.51 9.79
N THR D 298 13.40 -1.70 8.49
CA THR D 298 12.63 -0.96 7.45
C THR D 298 11.17 -1.41 7.45
N GLY D 299 10.92 -2.71 7.70
CA GLY D 299 9.56 -3.28 7.76
C GLY D 299 9.36 -4.37 6.71
N ASN D 300 10.19 -4.42 5.66
CA ASN D 300 9.90 -5.35 4.51
C ASN D 300 11.21 -5.73 3.84
N GLY D 301 11.19 -6.86 3.13
CA GLY D 301 12.19 -7.12 2.09
C GLY D 301 13.36 -7.95 2.60
N ILE D 302 14.32 -8.10 1.73
CA ILE D 302 15.40 -9.11 1.87
C ILE D 302 16.66 -8.44 2.43
N VAL D 303 17.24 -9.06 3.44
CA VAL D 303 18.64 -8.78 3.84
C VAL D 303 19.48 -9.84 3.13
N PRO D 304 20.27 -9.45 2.12
CA PRO D 304 21.01 -10.42 1.32
C PRO D 304 22.31 -10.79 2.03
N PRO D 305 22.88 -11.97 1.72
CA PRO D 305 24.14 -12.39 2.30
C PRO D 305 25.23 -11.40 1.94
N ASP D 306 26.19 -11.22 2.83
CA ASP D 306 27.39 -10.40 2.58
C ASP D 306 28.50 -10.93 3.49
N GLU D 307 29.40 -11.73 2.92
CA GLU D 307 30.45 -12.45 3.72
C GLU D 307 31.42 -11.43 4.36
N GLU D 308 31.44 -10.18 3.90
CA GLU D 308 32.28 -9.11 4.48
C GLU D 308 31.66 -8.51 5.75
N LEU D 309 30.42 -8.85 6.09
CA LEU D 309 29.79 -8.31 7.32
C LEU D 309 29.67 -9.45 8.31
N PRO D 310 29.67 -9.12 9.61
CA PRO D 310 29.48 -10.14 10.63
C PRO D 310 28.06 -10.72 10.61
N GLY D 311 27.93 -11.93 11.11
CA GLY D 311 26.65 -12.56 11.43
C GLY D 311 26.02 -13.24 10.24
N LEU D 312 24.84 -13.77 10.46
CA LEU D 312 23.98 -14.35 9.42
C LEU D 312 22.96 -13.29 8.98
N VAL D 313 22.20 -13.60 7.95
CA VAL D 313 21.18 -12.64 7.42
C VAL D 313 19.80 -13.24 7.60
N SER D 314 18.81 -12.37 7.75
CA SER D 314 17.44 -12.78 8.13
C SER D 314 16.59 -13.11 6.90
N ASP D 315 17.09 -13.03 5.67
CA ASP D 315 16.22 -13.29 4.49
C ASP D 315 15.14 -12.20 4.56
N SER D 316 13.86 -12.55 4.48
CA SER D 316 12.75 -11.58 4.57
C SER D 316 12.11 -11.62 5.96
N LEU D 317 12.72 -12.29 6.91
CA LEU D 317 12.19 -12.28 8.31
C LEU D 317 12.47 -10.92 8.94
N ASN D 318 11.43 -10.28 9.44
CA ASN D 318 11.57 -9.06 10.23
C ASN D 318 12.14 -9.41 11.62
N PRO D 319 12.50 -8.41 12.43
CA PRO D 319 13.22 -8.71 13.66
C PRO D 319 12.46 -9.64 14.63
N ALA D 320 11.18 -9.40 14.78
CA ALA D 320 10.37 -10.15 15.75
C ALA D 320 10.30 -11.62 15.30
N HIS D 321 10.07 -11.88 14.00
N HIS D 321 10.14 -11.86 13.99
CA HIS D 321 10.04 -13.23 13.42
CA HIS D 321 10.07 -13.22 13.42
C HIS D 321 11.44 -13.86 13.50
C HIS D 321 11.45 -13.86 13.53
N ALA D 322 12.48 -13.10 13.19
CA ALA D 322 13.88 -13.59 13.19
C ALA D 322 14.25 -14.09 14.59
N ARG D 323 13.84 -13.38 15.63
CA ARG D 323 14.10 -13.82 17.02
C ARG D 323 13.44 -15.18 17.26
N ILE D 324 12.18 -15.35 16.88
CA ILE D 324 11.48 -16.65 17.08
C ILE D 324 12.26 -17.75 16.35
N LEU D 325 12.61 -17.55 15.08
CA LEU D 325 13.30 -18.63 14.35
C LEU D 325 14.67 -18.88 14.99
N LEU D 326 15.40 -17.83 15.39
CA LEU D 326 16.75 -18.03 15.96
C LEU D 326 16.63 -18.85 17.26
N MET D 327 15.67 -18.51 18.12
CA MET D 327 15.47 -19.24 19.40
C MET D 327 15.24 -20.72 19.09
N LEU D 328 14.37 -21.01 18.12
CA LEU D 328 14.09 -22.42 17.79
C LEU D 328 15.32 -23.06 17.15
N ALA D 329 16.02 -22.35 16.27
CA ALA D 329 17.23 -22.89 15.62
C ALA D 329 18.21 -23.33 16.70
N LEU D 330 18.40 -22.51 17.72
CA LEU D 330 19.41 -22.75 18.78
C LEU D 330 19.00 -23.96 19.64
N THR D 331 17.75 -24.40 19.62
CA THR D 331 17.37 -25.66 20.31
C THR D 331 17.92 -26.88 19.56
N ARG D 332 18.36 -26.74 18.32
CA ARG D 332 18.75 -27.89 17.48
C ARG D 332 20.22 -27.83 17.12
N THR D 333 20.80 -26.64 17.02
CA THR D 333 22.15 -26.53 16.42
C THR D 333 22.81 -25.23 16.88
N SER D 334 24.13 -25.21 16.81
CA SER D 334 24.96 -23.98 16.89
C SER D 334 25.69 -23.76 15.58
N ASP D 335 25.48 -24.63 14.58
CA ASP D 335 26.21 -24.55 13.30
C ASP D 335 25.64 -23.37 12.49
N PRO D 336 26.41 -22.30 12.24
CA PRO D 336 25.91 -21.15 11.51
C PRO D 336 25.42 -21.50 10.10
N LYS D 337 26.00 -22.50 9.43
CA LYS D 337 25.57 -22.89 8.07
C LYS D 337 24.15 -23.45 8.13
N VAL D 338 23.84 -24.23 9.17
CA VAL D 338 22.50 -24.84 9.31
C VAL D 338 21.51 -23.73 9.66
N ILE D 339 21.89 -22.84 10.59
CA ILE D 339 20.98 -21.74 11.02
C ILE D 339 20.69 -20.85 9.80
N GLN D 340 21.71 -20.53 9.00
CA GLN D 340 21.50 -19.69 7.80
C GLN D 340 20.50 -20.38 6.87
N GLU D 341 20.63 -21.69 6.68
CA GLU D 341 19.75 -22.43 5.77
C GLU D 341 18.32 -22.38 6.33
N TYR D 342 18.15 -22.46 7.64
CA TYR D 342 16.79 -22.34 8.23
C TYR D 342 16.17 -20.99 7.87
N PHE D 343 16.96 -19.93 7.91
CA PHE D 343 16.50 -18.55 7.61
C PHE D 343 16.06 -18.45 6.14
N HIS D 344 16.63 -19.27 5.25
CA HIS D 344 16.25 -19.28 3.82
C HIS D 344 15.08 -20.23 3.52
N THR D 345 14.65 -21.08 4.44
CA THR D 345 13.69 -22.15 4.11
C THR D 345 12.44 -22.10 4.99
N TYR D 346 12.48 -21.41 6.14
CA TYR D 346 11.33 -21.35 7.08
C TYR D 346 10.69 -19.94 7.07
N ASP E . 2.89 2.19 -24.54
CA ASP E . 4.03 1.30 -24.12
C ASP E . 3.64 -0.15 -24.43
O ASP E . 2.82 -0.74 -23.65
CB ASP E . 4.35 1.50 -22.64
CG ASP E . 5.43 0.65 -21.99
OD1 ASP E . 5.88 1.07 -20.88
OD2 ASP E . 5.81 -0.44 -22.50
OXT ASP E . 4.11 -0.76 -25.43
N ASP F . 24.60 1.42 2.98
CA ASP F . 24.27 2.44 1.94
C ASP F . 24.19 3.82 2.58
O ASP F . 25.14 4.67 2.44
CB ASP F . 22.94 2.08 1.29
CG ASP F . 22.43 2.97 0.15
OD1 ASP F . 22.84 4.17 0.00
OD2 ASP F . 21.58 2.43 -0.61
OXT ASP F . 23.17 4.13 3.24
N ASP G . -24.06 -0.24 -3.14
CA ASP G . -23.78 0.46 -1.86
C ASP G . -23.84 1.95 -2.19
O ASP G . -22.87 2.51 -2.80
CB ASP G . -22.44 0.01 -1.28
CG ASP G . -21.93 0.70 -0.01
OD1 ASP G . -22.48 1.75 0.39
OD2 ASP G . -21.00 0.13 0.62
OXT ASP G . -24.87 2.60 -1.84
N ASP H . -2.13 -4.35 23.85
CA ASP H . -3.14 -5.18 23.19
C ASP H . -2.58 -6.61 23.10
O ASP H . -1.73 -6.95 22.24
CB ASP H . -3.49 -4.63 21.80
CG ASP H . -4.49 -5.40 20.93
OD1 ASP H . -4.98 -4.77 19.97
OD2 ASP H . -4.80 -6.63 21.20
OXT ASP H . -2.99 -7.49 23.93
#